data_3C4S
# 
_entry.id   3C4S 
# 
_audit_conform.dict_name       mmcif_pdbx.dic 
_audit_conform.dict_version    5.377 
_audit_conform.dict_location   http://mmcif.pdb.org/dictionaries/ascii/mmcif_pdbx.dic 
# 
loop_
_database_2.database_id 
_database_2.database_code 
_database_2.pdbx_database_accession 
_database_2.pdbx_DOI 
PDB   3C4S         pdb_00003c4s 10.2210/pdb3c4s/pdb 
RCSB  RCSB046340   ?            ?                   
WWPDB D_1000046340 ?            ?                   
# 
loop_
_pdbx_database_related.db_name 
_pdbx_database_related.db_id 
_pdbx_database_related.details 
_pdbx_database_related.content_type 
TargetDB SgR42 .                                            unspecified 
PDB      2JZ2  'NMR solution structure of the same protein' unspecified 
# 
_pdbx_database_status.status_code                     REL 
_pdbx_database_status.entry_id                        3C4S 
_pdbx_database_status.recvd_initial_deposition_date   2008-01-30 
_pdbx_database_status.deposit_site                    RCSB 
_pdbx_database_status.process_site                    RCSB 
_pdbx_database_status.status_code_sf                  REL 
_pdbx_database_status.status_code_mr                  ? 
_pdbx_database_status.SG_entry                        Y 
_pdbx_database_status.pdb_format_compatible           Y 
_pdbx_database_status.status_code_cs                  ? 
_pdbx_database_status.methods_development_category    ? 
_pdbx_database_status.status_code_nmr_data            ? 
# 
loop_
_audit_author.name 
_audit_author.pdbx_ordinal 
'Vorobiev, S.M.'                                  1  
'Chen, Y.'                                        2  
'Seetharaman, J.'                                 3  
'Wang, D.'                                        4  
'Maglaqui, M.'                                    5  
'Janjua, H.'                                      6  
'Xiao, R.'                                        7  
'Acton, T.B.'                                     8  
'Montelione, G.T.'                                9  
'Hunt, J.F.'                                      10 
'Tong, L.'                                        11 
'Northeast Structural Genomics Consortium (NESG)' 12 
# 
_citation.id                        primary 
_citation.title                     'Crystal structure of the Ssl0352 protein from Synechocystis sp.' 
_citation.journal_abbrev            'To be Published' 
_citation.journal_volume            ? 
_citation.page_first                ? 
_citation.page_last                 ? 
_citation.year                      ? 
_citation.journal_id_ASTM           ? 
_citation.country                   ? 
_citation.journal_id_ISSN           ? 
_citation.journal_id_CSD            0353 
_citation.book_publisher            ? 
_citation.pdbx_database_id_PubMed   ? 
_citation.pdbx_database_id_DOI      ? 
# 
loop_
_citation_author.citation_id 
_citation_author.name 
_citation_author.ordinal 
_citation_author.identifier_ORCID 
primary 'Vorobiev, S.M.'   1  ? 
primary 'Chen, Y.'         2  ? 
primary 'Seetharaman, J.'  3  ? 
primary 'Wang, D.'         4  ? 
primary 'Maglaqui, M.'     5  ? 
primary 'Janjua, H.'       6  ? 
primary 'Xiao, R.'         7  ? 
primary 'Acton, T.B.'      8  ? 
primary 'Montelione, G.T.' 9  ? 
primary 'Hunt, J.F.'       10 ? 
primary 'Tong, L.'         11 ? 
# 
_cell.entry_id           3C4S 
_cell.length_a           44.606 
_cell.length_b           44.606 
_cell.length_c           65.100 
_cell.angle_alpha        90.00 
_cell.angle_beta         90.00 
_cell.angle_gamma        120.00 
_cell.Z_PDB              6 
_cell.pdbx_unique_axis   ? 
_cell.length_a_esd       ? 
_cell.length_b_esd       ? 
_cell.length_c_esd       ? 
_cell.angle_alpha_esd    ? 
_cell.angle_beta_esd     ? 
_cell.angle_gamma_esd    ? 
# 
_symmetry.entry_id                         3C4S 
_symmetry.space_group_name_H-M             'P 32' 
_symmetry.pdbx_full_space_group_name_H-M   ? 
_symmetry.cell_setting                     ? 
_symmetry.Int_Tables_number                145 
_symmetry.space_group_name_Hall            ? 
# 
loop_
_entity.id 
_entity.type 
_entity.src_method 
_entity.pdbx_description 
_entity.formula_weight 
_entity.pdbx_number_of_molecules 
_entity.pdbx_ec 
_entity.pdbx_mutation 
_entity.pdbx_fragment 
_entity.details 
1 polymer man 'Ssl0352 protein' 7655.642 2   ? ? ? ? 
2 water   nat water             18.015   149 ? ? ? ? 
# 
_entity_poly.entity_id                      1 
_entity_poly.type                           'polypeptide(L)' 
_entity_poly.nstd_linkage                   no 
_entity_poly.nstd_monomer                   no 
_entity_poly.pdbx_seq_one_letter_code       MIFPGATVRVTNVDDTYYRFEGLVQRVSDGKAAVLFENGNWDKLVTFRLSELEAVKPILEHHHHHH 
_entity_poly.pdbx_seq_one_letter_code_can   MIFPGATVRVTNVDDTYYRFEGLVQRVSDGKAAVLFENGNWDKLVTFRLSELEAVKPILEHHHHHH 
_entity_poly.pdbx_strand_id                 A,B 
_entity_poly.pdbx_target_identifier         SgR42 
# 
loop_
_entity_poly_seq.entity_id 
_entity_poly_seq.num 
_entity_poly_seq.mon_id 
_entity_poly_seq.hetero 
1 1  MET n 
1 2  ILE n 
1 3  PHE n 
1 4  PRO n 
1 5  GLY n 
1 6  ALA n 
1 7  THR n 
1 8  VAL n 
1 9  ARG n 
1 10 VAL n 
1 11 THR n 
1 12 ASN n 
1 13 VAL n 
1 14 ASP n 
1 15 ASP n 
1 16 THR n 
1 17 TYR n 
1 18 TYR n 
1 19 ARG n 
1 20 PHE n 
1 21 GLU n 
1 22 GLY n 
1 23 LEU n 
1 24 VAL n 
1 25 GLN n 
1 26 ARG n 
1 27 VAL n 
1 28 SER n 
1 29 ASP n 
1 30 GLY n 
1 31 LYS n 
1 32 ALA n 
1 33 ALA n 
1 34 VAL n 
1 35 LEU n 
1 36 PHE n 
1 37 GLU n 
1 38 ASN n 
1 39 GLY n 
1 40 ASN n 
1 41 TRP n 
1 42 ASP n 
1 43 LYS n 
1 44 LEU n 
1 45 VAL n 
1 46 THR n 
1 47 PHE n 
1 48 ARG n 
1 49 LEU n 
1 50 SER n 
1 51 GLU n 
1 52 LEU n 
1 53 GLU n 
1 54 ALA n 
1 55 VAL n 
1 56 LYS n 
1 57 PRO n 
1 58 ILE n 
1 59 LEU n 
1 60 GLU n 
1 61 HIS n 
1 62 HIS n 
1 63 HIS n 
1 64 HIS n 
1 65 HIS n 
1 66 HIS n 
# 
_entity_src_gen.entity_id                          1 
_entity_src_gen.pdbx_src_id                        1 
_entity_src_gen.pdbx_alt_source_flag               sample 
_entity_src_gen.pdbx_seq_type                      ? 
_entity_src_gen.pdbx_beg_seq_num                   ? 
_entity_src_gen.pdbx_end_seq_num                   ? 
_entity_src_gen.gene_src_common_name               ? 
_entity_src_gen.gene_src_genus                     Synechocystis 
_entity_src_gen.pdbx_gene_src_gene                 ssl0352 
_entity_src_gen.gene_src_species                   ? 
_entity_src_gen.gene_src_strain                    'PCC 6803' 
_entity_src_gen.gene_src_tissue                    ? 
_entity_src_gen.gene_src_tissue_fraction           ? 
_entity_src_gen.gene_src_details                   ? 
_entity_src_gen.pdbx_gene_src_fragment             ? 
_entity_src_gen.pdbx_gene_src_scientific_name      'Synechocystis sp.' 
_entity_src_gen.pdbx_gene_src_ncbi_taxonomy_id     1148 
_entity_src_gen.pdbx_gene_src_variant              ? 
_entity_src_gen.pdbx_gene_src_cell_line            ? 
_entity_src_gen.pdbx_gene_src_atcc                 ? 
_entity_src_gen.pdbx_gene_src_organ                ? 
_entity_src_gen.pdbx_gene_src_organelle            ? 
_entity_src_gen.pdbx_gene_src_cell                 ? 
_entity_src_gen.pdbx_gene_src_cellular_location    ? 
_entity_src_gen.host_org_common_name               ? 
_entity_src_gen.pdbx_host_org_scientific_name      'Escherichia coli' 
_entity_src_gen.pdbx_host_org_ncbi_taxonomy_id     562 
_entity_src_gen.host_org_genus                     Escherichia 
_entity_src_gen.pdbx_host_org_gene                 ? 
_entity_src_gen.pdbx_host_org_organ                ? 
_entity_src_gen.host_org_species                   ? 
_entity_src_gen.pdbx_host_org_tissue               ? 
_entity_src_gen.pdbx_host_org_tissue_fraction      ? 
_entity_src_gen.pdbx_host_org_strain               'BL21(DE3)+Magic' 
_entity_src_gen.pdbx_host_org_variant              ? 
_entity_src_gen.pdbx_host_org_cell_line            ? 
_entity_src_gen.pdbx_host_org_atcc                 ? 
_entity_src_gen.pdbx_host_org_culture_collection   ? 
_entity_src_gen.pdbx_host_org_cell                 ? 
_entity_src_gen.pdbx_host_org_organelle            ? 
_entity_src_gen.pdbx_host_org_cellular_location    ? 
_entity_src_gen.pdbx_host_org_vector_type          Plasmid 
_entity_src_gen.pdbx_host_org_vector               ? 
_entity_src_gen.host_org_details                   ? 
_entity_src_gen.expression_system_id               ? 
_entity_src_gen.plasmid_name                       pET21-23C 
_entity_src_gen.plasmid_details                    ? 
_entity_src_gen.pdbx_description                   ? 
# 
_struct_ref.id                         1 
_struct_ref.db_name                    UNP 
_struct_ref.db_code                    P74795_SYNY3 
_struct_ref.pdbx_db_accession          P74795 
_struct_ref.entity_id                  1 
_struct_ref.pdbx_seq_one_letter_code   MIFPGATVRVTNVDDTYYRFEGLVQRVSDGKAAVLFENGNWDKLVTFRLSELEAVKPI 
_struct_ref.pdbx_align_begin           1 
_struct_ref.pdbx_db_isoform            ? 
# 
loop_
_struct_ref_seq.align_id 
_struct_ref_seq.ref_id 
_struct_ref_seq.pdbx_PDB_id_code 
_struct_ref_seq.pdbx_strand_id 
_struct_ref_seq.seq_align_beg 
_struct_ref_seq.pdbx_seq_align_beg_ins_code 
_struct_ref_seq.seq_align_end 
_struct_ref_seq.pdbx_seq_align_end_ins_code 
_struct_ref_seq.pdbx_db_accession 
_struct_ref_seq.db_align_beg 
_struct_ref_seq.pdbx_db_align_beg_ins_code 
_struct_ref_seq.db_align_end 
_struct_ref_seq.pdbx_db_align_end_ins_code 
_struct_ref_seq.pdbx_auth_seq_align_beg 
_struct_ref_seq.pdbx_auth_seq_align_end 
1 1 3C4S A 1 ? 58 ? P74795 1 ? 58 ? 1 58 
2 1 3C4S B 1 ? 58 ? P74795 1 ? 58 ? 1 58 
# 
loop_
_struct_ref_seq_dif.align_id 
_struct_ref_seq_dif.pdbx_pdb_id_code 
_struct_ref_seq_dif.mon_id 
_struct_ref_seq_dif.pdbx_pdb_strand_id 
_struct_ref_seq_dif.seq_num 
_struct_ref_seq_dif.pdbx_pdb_ins_code 
_struct_ref_seq_dif.pdbx_seq_db_name 
_struct_ref_seq_dif.pdbx_seq_db_accession_code 
_struct_ref_seq_dif.db_mon_id 
_struct_ref_seq_dif.pdbx_seq_db_seq_num 
_struct_ref_seq_dif.details 
_struct_ref_seq_dif.pdbx_auth_seq_num 
_struct_ref_seq_dif.pdbx_ordinal 
1 3C4S LEU A 59 ? UNP P74795 ? ? 'expression tag' 59 1  
1 3C4S GLU A 60 ? UNP P74795 ? ? 'expression tag' 60 2  
1 3C4S HIS A 61 ? UNP P74795 ? ? 'expression tag' 61 3  
1 3C4S HIS A 62 ? UNP P74795 ? ? 'expression tag' 62 4  
1 3C4S HIS A 63 ? UNP P74795 ? ? 'expression tag' 63 5  
1 3C4S HIS A 64 ? UNP P74795 ? ? 'expression tag' 64 6  
1 3C4S HIS A 65 ? UNP P74795 ? ? 'expression tag' 65 7  
1 3C4S HIS A 66 ? UNP P74795 ? ? 'expression tag' 66 8  
2 3C4S LEU B 59 ? UNP P74795 ? ? 'expression tag' 59 9  
2 3C4S GLU B 60 ? UNP P74795 ? ? 'expression tag' 60 10 
2 3C4S HIS B 61 ? UNP P74795 ? ? 'expression tag' 61 11 
2 3C4S HIS B 62 ? UNP P74795 ? ? 'expression tag' 62 12 
2 3C4S HIS B 63 ? UNP P74795 ? ? 'expression tag' 63 13 
2 3C4S HIS B 64 ? UNP P74795 ? ? 'expression tag' 64 14 
2 3C4S HIS B 65 ? UNP P74795 ? ? 'expression tag' 65 15 
2 3C4S HIS B 66 ? UNP P74795 ? ? 'expression tag' 66 16 
# 
loop_
_chem_comp.id 
_chem_comp.type 
_chem_comp.mon_nstd_flag 
_chem_comp.name 
_chem_comp.pdbx_synonyms 
_chem_comp.formula 
_chem_comp.formula_weight 
ALA 'L-peptide linking' y ALANINE         ? 'C3 H7 N O2'     89.093  
ARG 'L-peptide linking' y ARGININE        ? 'C6 H15 N4 O2 1' 175.209 
ASN 'L-peptide linking' y ASPARAGINE      ? 'C4 H8 N2 O3'    132.118 
ASP 'L-peptide linking' y 'ASPARTIC ACID' ? 'C4 H7 N O4'     133.103 
GLN 'L-peptide linking' y GLUTAMINE       ? 'C5 H10 N2 O3'   146.144 
GLU 'L-peptide linking' y 'GLUTAMIC ACID' ? 'C5 H9 N O4'     147.129 
GLY 'peptide linking'   y GLYCINE         ? 'C2 H5 N O2'     75.067  
HIS 'L-peptide linking' y HISTIDINE       ? 'C6 H10 N3 O2 1' 156.162 
HOH non-polymer         . WATER           ? 'H2 O'           18.015  
ILE 'L-peptide linking' y ISOLEUCINE      ? 'C6 H13 N O2'    131.173 
LEU 'L-peptide linking' y LEUCINE         ? 'C6 H13 N O2'    131.173 
LYS 'L-peptide linking' y LYSINE          ? 'C6 H15 N2 O2 1' 147.195 
MET 'L-peptide linking' y METHIONINE      ? 'C5 H11 N O2 S'  149.211 
PHE 'L-peptide linking' y PHENYLALANINE   ? 'C9 H11 N O2'    165.189 
PRO 'L-peptide linking' y PROLINE         ? 'C5 H9 N O2'     115.130 
SER 'L-peptide linking' y SERINE          ? 'C3 H7 N O3'     105.093 
THR 'L-peptide linking' y THREONINE       ? 'C4 H9 N O3'     119.119 
TRP 'L-peptide linking' y TRYPTOPHAN      ? 'C11 H12 N2 O2'  204.225 
TYR 'L-peptide linking' y TYROSINE        ? 'C9 H11 N O3'    181.189 
VAL 'L-peptide linking' y VALINE          ? 'C5 H11 N O2'    117.146 
# 
_exptl.entry_id          3C4S 
_exptl.method            'X-RAY DIFFRACTION' 
_exptl.crystals_number   1 
# 
_exptl_crystal.id                    1 
_exptl_crystal.density_meas          ? 
_exptl_crystal.density_Matthews      2.44 
_exptl_crystal.density_percent_sol   49.63 
_exptl_crystal.description           'The structure factor file contains Friedel pairs' 
_exptl_crystal.F_000                 ? 
_exptl_crystal.preparation           ? 
# 
_exptl_crystal_grow.crystal_id      1 
_exptl_crystal_grow.method          'MICROBATCH UNDER OIL' 
_exptl_crystal_grow.temp            291 
_exptl_crystal_grow.temp_details    ? 
_exptl_crystal_grow.pH              6.5 
_exptl_crystal_grow.pdbx_details    
'30% Jeffamine M-600, 0.05M Cesium chloride, 0.1M MES pH 6.5, MICROBATCH UNDER OIL, temperature 291K' 
_exptl_crystal_grow.pdbx_pH_range   . 
# 
_diffrn.id                     1 
_diffrn.ambient_temp           100 
_diffrn.ambient_temp_details   ? 
_diffrn.crystal_id             1 
# 
_diffrn_detector.diffrn_id              1 
_diffrn_detector.detector               'IMAGE PLATE' 
_diffrn_detector.type                   'MAR scanner 345 mm plate' 
_diffrn_detector.pdbx_collection_date   2008-01-25 
_diffrn_detector.details                ? 
# 
_diffrn_radiation.diffrn_id                        1 
_diffrn_radiation.wavelength_id                    1 
_diffrn_radiation.pdbx_monochromatic_or_laue_m_l   M 
_diffrn_radiation.monochromator                    ? 
_diffrn_radiation.pdbx_diffrn_protocol             'SINGLE WAVELENGTH' 
_diffrn_radiation.pdbx_scattering_type             x-ray 
# 
_diffrn_radiation_wavelength.id           1 
_diffrn_radiation_wavelength.wavelength   0.97900 
_diffrn_radiation_wavelength.wt           1.0 
# 
_diffrn_source.diffrn_id                   1 
_diffrn_source.source                      SYNCHROTRON 
_diffrn_source.type                        'NSLS BEAMLINE X4C' 
_diffrn_source.pdbx_synchrotron_site       NSLS 
_diffrn_source.pdbx_synchrotron_beamline   X4C 
_diffrn_source.pdbx_wavelength             ? 
_diffrn_source.pdbx_wavelength_list        0.97900 
# 
_reflns.entry_id                     3C4S 
_reflns.observed_criterion_sigma_I   0 
_reflns.observed_criterion_sigma_F   0 
_reflns.d_resolution_low             50 
_reflns.d_resolution_high            1.7 
_reflns.number_obs                   31765 
_reflns.number_all                   31765 
_reflns.percent_possible_obs         99.3 
_reflns.pdbx_Rmerge_I_obs            0.057 
_reflns.pdbx_Rsym_value              ? 
_reflns.pdbx_netI_over_sigmaI        17.36 
_reflns.B_iso_Wilson_estimate        14.1 
_reflns.pdbx_redundancy              3.9 
_reflns.R_free_details               ? 
_reflns.limit_h_max                  ? 
_reflns.limit_h_min                  ? 
_reflns.limit_k_max                  ? 
_reflns.limit_k_min                  ? 
_reflns.limit_l_max                  ? 
_reflns.limit_l_min                  ? 
_reflns.observed_criterion_F_max     ? 
_reflns.observed_criterion_F_min     ? 
_reflns.pdbx_chi_squared             ? 
_reflns.pdbx_scaling_rejects         ? 
_reflns.pdbx_ordinal                 1 
_reflns.pdbx_diffrn_id               1 
# 
_reflns_shell.d_res_high             1.7 
_reflns_shell.d_res_low              1.76 
_reflns_shell.percent_possible_all   100 
_reflns_shell.Rmerge_I_obs           0.145 
_reflns_shell.pdbx_Rsym_value        ? 
_reflns_shell.meanI_over_sigI_obs    6.0 
_reflns_shell.pdbx_redundancy        3.8 
_reflns_shell.percent_possible_obs   ? 
_reflns_shell.number_unique_all      3200 
_reflns_shell.number_measured_all    ? 
_reflns_shell.number_measured_obs    ? 
_reflns_shell.number_unique_obs      ? 
_reflns_shell.pdbx_chi_squared       ? 
_reflns_shell.pdbx_ordinal           1 
_reflns_shell.pdbx_diffrn_id         1 
# 
_refine.entry_id                                 3C4S 
_refine.ls_number_reflns_obs                     30233 
_refine.ls_number_reflns_all                     ? 
_refine.pdbx_ls_sigma_I                          ? 
_refine.pdbx_ls_sigma_F                          2.0 
_refine.pdbx_data_cutoff_high_absF               1019206.95 
_refine.pdbx_data_cutoff_low_absF                0.000000 
_refine.pdbx_data_cutoff_high_rms_absF           ? 
_refine.ls_d_res_low                             24.89 
_refine.ls_d_res_high                            1.70 
_refine.ls_percent_reflns_obs                    94.6 
_refine.ls_R_factor_obs                          0.186 
_refine.ls_R_factor_all                          ? 
_refine.ls_R_factor_R_work                       0.186 
_refine.ls_R_factor_R_free                       0.194 
_refine.ls_R_factor_R_free_error                 0.005 
_refine.ls_R_factor_R_free_error_details         ? 
_refine.ls_percent_reflns_R_free                 4.8 
_refine.ls_number_reflns_R_free                  1462 
_refine.ls_number_parameters                     ? 
_refine.ls_number_restraints                     ? 
_refine.occupancy_min                            ? 
_refine.occupancy_max                            ? 
_refine.correlation_coeff_Fo_to_Fc               ? 
_refine.correlation_coeff_Fo_to_Fc_free          ? 
_refine.B_iso_mean                               20.0 
_refine.aniso_B[1][1]                            0.48 
_refine.aniso_B[2][2]                            0.37 
_refine.aniso_B[3][3]                            -0.86 
_refine.aniso_B[1][2]                            0.82 
_refine.aniso_B[1][3]                            0.00 
_refine.aniso_B[2][3]                            0.00 
_refine.solvent_model_details                    'FLAT MODEL' 
_refine.solvent_model_param_ksol                 0.421479 
_refine.solvent_model_param_bsol                 69.6645 
_refine.pdbx_solvent_vdw_probe_radii             ? 
_refine.pdbx_solvent_ion_probe_radii             ? 
_refine.pdbx_solvent_shrinkage_radii             ? 
_refine.pdbx_ls_cross_valid_method               THROUGHOUT 
_refine.details                                  'The Friedel pairs were used in phasing' 
_refine.pdbx_starting_model                      'PDB entry 2JZ2, chain A' 
_refine.pdbx_method_to_determine_struct          'MOLECULAR REPLACEMENT' 
_refine.pdbx_isotropic_thermal_model             RESTRAINED 
_refine.pdbx_stereochemistry_target_values       'Engh & Huber' 
_refine.pdbx_stereochem_target_val_spec_case     ? 
_refine.pdbx_R_Free_selection_details            RANDOM 
_refine.pdbx_overall_ESU_R                       ? 
_refine.pdbx_overall_ESU_R_Free                  ? 
_refine.overall_SU_ML                            ? 
_refine.overall_SU_B                             ? 
_refine.ls_redundancy_reflns_obs                 ? 
_refine.B_iso_min                                ? 
_refine.B_iso_max                                ? 
_refine.overall_SU_R_Cruickshank_DPI             ? 
_refine.overall_SU_R_free                        ? 
_refine.ls_wR_factor_R_free                      ? 
_refine.ls_wR_factor_R_work                      ? 
_refine.overall_FOM_free_R_set                   ? 
_refine.overall_FOM_work_R_set                   ? 
_refine.pdbx_overall_phase_error                 ? 
_refine.pdbx_refine_id                           'X-RAY DIFFRACTION' 
_refine.pdbx_diffrn_id                           1 
_refine.pdbx_TLS_residual_ADP_flag               ? 
_refine.pdbx_overall_SU_R_free_Cruickshank_DPI   ? 
_refine.pdbx_overall_SU_R_Blow_DPI               ? 
_refine.pdbx_overall_SU_R_free_Blow_DPI          ? 
# 
_refine_analyze.entry_id                        3C4S 
_refine_analyze.Luzzati_coordinate_error_obs    0.17 
_refine_analyze.Luzzati_sigma_a_obs             -0.04 
_refine_analyze.Luzzati_d_res_low_obs           5.00 
_refine_analyze.Luzzati_coordinate_error_free   0.19 
_refine_analyze.Luzzati_sigma_a_free            0.05 
_refine_analyze.Luzzati_d_res_low_free          ? 
_refine_analyze.number_disordered_residues      ? 
_refine_analyze.occupancy_sum_hydrogen          ? 
_refine_analyze.occupancy_sum_non_hydrogen      ? 
_refine_analyze.pdbx_Luzzati_d_res_high_obs     ? 
_refine_analyze.pdbx_refine_id                  'X-RAY DIFFRACTION' 
# 
_refine_hist.pdbx_refine_id                   'X-RAY DIFFRACTION' 
_refine_hist.cycle_id                         LAST 
_refine_hist.pdbx_number_atoms_protein        894 
_refine_hist.pdbx_number_atoms_nucleic_acid   0 
_refine_hist.pdbx_number_atoms_ligand         0 
_refine_hist.number_atoms_solvent             149 
_refine_hist.number_atoms_total               1043 
_refine_hist.d_res_high                       1.70 
_refine_hist.d_res_low                        24.89 
# 
loop_
_refine_ls_restr.type 
_refine_ls_restr.dev_ideal 
_refine_ls_restr.dev_ideal_target 
_refine_ls_restr.weight 
_refine_ls_restr.number 
_refine_ls_restr.pdbx_refine_id 
_refine_ls_restr.pdbx_restraint_function 
c_bond_d                0.004 ? ? ? 'X-RAY DIFFRACTION' ? 
c_bond_d_na             ?     ? ? ? 'X-RAY DIFFRACTION' ? 
c_bond_d_prot           ?     ? ? ? 'X-RAY DIFFRACTION' ? 
c_angle_d               ?     ? ? ? 'X-RAY DIFFRACTION' ? 
c_angle_d_na            ?     ? ? ? 'X-RAY DIFFRACTION' ? 
c_angle_d_prot          ?     ? ? ? 'X-RAY DIFFRACTION' ? 
c_angle_deg             1.2   ? ? ? 'X-RAY DIFFRACTION' ? 
c_angle_deg_na          ?     ? ? ? 'X-RAY DIFFRACTION' ? 
c_angle_deg_prot        ?     ? ? ? 'X-RAY DIFFRACTION' ? 
c_dihedral_angle_d      26.9  ? ? ? 'X-RAY DIFFRACTION' ? 
c_dihedral_angle_d_na   ?     ? ? ? 'X-RAY DIFFRACTION' ? 
c_dihedral_angle_d_prot ?     ? ? ? 'X-RAY DIFFRACTION' ? 
c_improper_angle_d      0.69  ? ? ? 'X-RAY DIFFRACTION' ? 
c_improper_angle_d_na   ?     ? ? ? 'X-RAY DIFFRACTION' ? 
c_improper_angle_d_prot ?     ? ? ? 'X-RAY DIFFRACTION' ? 
c_mcbond_it             ?     ? ? ? 'X-RAY DIFFRACTION' ? 
c_mcangle_it            ?     ? ? ? 'X-RAY DIFFRACTION' ? 
c_scbond_it             ?     ? ? ? 'X-RAY DIFFRACTION' ? 
c_scangle_it            ?     ? ? ? 'X-RAY DIFFRACTION' ? 
# 
_refine_ls_shell.pdbx_total_number_of_bins_used   6 
_refine_ls_shell.d_res_high                       1.70 
_refine_ls_shell.d_res_low                        1.81 
_refine_ls_shell.number_reflns_R_work             4302 
_refine_ls_shell.R_factor_R_work                  0.199 
_refine_ls_shell.percent_reflns_obs               85.2 
_refine_ls_shell.R_factor_R_free                  0.207 
_refine_ls_shell.R_factor_R_free_error            0.014 
_refine_ls_shell.percent_reflns_R_free            4.8 
_refine_ls_shell.number_reflns_R_free             219 
_refine_ls_shell.number_reflns_all                ? 
_refine_ls_shell.R_factor_all                     ? 
_refine_ls_shell.number_reflns_obs                ? 
_refine_ls_shell.redundancy_reflns_obs            ? 
_refine_ls_shell.pdbx_refine_id                   'X-RAY DIFFRACTION' 
# 
loop_
_pdbx_xplor_file.serial_no 
_pdbx_xplor_file.param_file 
_pdbx_xplor_file.topol_file 
_pdbx_xplor_file.pdbx_refine_id 
1 protein_rep.param protein.top 'X-RAY DIFFRACTION' 
2 water_rep.param   water.top   'X-RAY DIFFRACTION' 
3 ion.param         ion.top     'X-RAY DIFFRACTION' 
# 
_struct.entry_id                  3C4S 
_struct.title                     
'Crystal structure of the Ssl0352 protein from Synechocystis sp. Northeast Structural Genomics Consortium target SgR42' 
_struct.pdbx_model_details        ? 
_struct.pdbx_CASP_flag            ? 
_struct.pdbx_model_type_details   ? 
# 
_struct_keywords.entry_id        3C4S 
_struct_keywords.pdbx_keywords   'STRUCTURAL GENOMICS, UNKNOWN FUNCTION' 
_struct_keywords.text            
;P74795_SYNY3, Ssl0352, NESG, SgR42, Structural Genomics, PSI-2, Protein Structure Initiative, Northeast Structural Genomics Consortium, UNKNOWN FUNCTION
;
# 
loop_
_struct_asym.id 
_struct_asym.pdbx_blank_PDB_chainid_flag 
_struct_asym.pdbx_modified 
_struct_asym.entity_id 
_struct_asym.details 
A N N 1 ? 
B N N 1 ? 
C N N 2 ? 
D N N 2 ? 
# 
_struct_biol.id        1 
_struct_biol.details   'AUTHORS STATE THAT THE BIOLOGICAL UNIT IS A MONOMER ACCORDING TO AGGREGATION SCREENING.' 
# 
loop_
_struct_sheet.id 
_struct_sheet.type 
_struct_sheet.number_strands 
_struct_sheet.details 
A ? 5 ? 
B ? 5 ? 
# 
loop_
_struct_sheet_order.sheet_id 
_struct_sheet_order.range_id_1 
_struct_sheet_order.range_id_2 
_struct_sheet_order.offset 
_struct_sheet_order.sense 
A 1 2 ? anti-parallel 
A 2 3 ? anti-parallel 
A 3 4 ? anti-parallel 
A 4 5 ? anti-parallel 
B 1 2 ? anti-parallel 
B 2 3 ? anti-parallel 
B 3 4 ? anti-parallel 
B 4 5 ? anti-parallel 
# 
loop_
_struct_sheet_range.sheet_id 
_struct_sheet_range.id 
_struct_sheet_range.beg_label_comp_id 
_struct_sheet_range.beg_label_asym_id 
_struct_sheet_range.beg_label_seq_id 
_struct_sheet_range.pdbx_beg_PDB_ins_code 
_struct_sheet_range.end_label_comp_id 
_struct_sheet_range.end_label_asym_id 
_struct_sheet_range.end_label_seq_id 
_struct_sheet_range.pdbx_end_PDB_ins_code 
_struct_sheet_range.beg_auth_comp_id 
_struct_sheet_range.beg_auth_asym_id 
_struct_sheet_range.beg_auth_seq_id 
_struct_sheet_range.end_auth_comp_id 
_struct_sheet_range.end_auth_asym_id 
_struct_sheet_range.end_auth_seq_id 
A 1 TRP A 41 ? ARG A 48 ? TRP A 41 ARG A 48 
A 2 LYS A 31 ? ASN A 38 ? LYS A 31 ASN A 38 
A 3 GLU A 21 ? SER A 28 ? GLU A 21 SER A 28 
A 4 THR A 7  ? VAL A 10 ? THR A 7  VAL A 10 
A 5 LEU A 52 ? VAL A 55 ? LEU A 52 VAL A 55 
B 1 TRP B 41 ? ARG B 48 ? TRP B 41 ARG B 48 
B 2 LYS B 31 ? ASN B 38 ? LYS B 31 ASN B 38 
B 3 GLU B 21 ? SER B 28 ? GLU B 21 SER B 28 
B 4 THR B 7  ? VAL B 10 ? THR B 7  VAL B 10 
B 5 LEU B 52 ? VAL B 55 ? LEU B 52 VAL B 55 
# 
loop_
_pdbx_struct_sheet_hbond.sheet_id 
_pdbx_struct_sheet_hbond.range_id_1 
_pdbx_struct_sheet_hbond.range_id_2 
_pdbx_struct_sheet_hbond.range_1_label_atom_id 
_pdbx_struct_sheet_hbond.range_1_label_comp_id 
_pdbx_struct_sheet_hbond.range_1_label_asym_id 
_pdbx_struct_sheet_hbond.range_1_label_seq_id 
_pdbx_struct_sheet_hbond.range_1_PDB_ins_code 
_pdbx_struct_sheet_hbond.range_1_auth_atom_id 
_pdbx_struct_sheet_hbond.range_1_auth_comp_id 
_pdbx_struct_sheet_hbond.range_1_auth_asym_id 
_pdbx_struct_sheet_hbond.range_1_auth_seq_id 
_pdbx_struct_sheet_hbond.range_2_label_atom_id 
_pdbx_struct_sheet_hbond.range_2_label_comp_id 
_pdbx_struct_sheet_hbond.range_2_label_asym_id 
_pdbx_struct_sheet_hbond.range_2_label_seq_id 
_pdbx_struct_sheet_hbond.range_2_PDB_ins_code 
_pdbx_struct_sheet_hbond.range_2_auth_atom_id 
_pdbx_struct_sheet_hbond.range_2_auth_comp_id 
_pdbx_struct_sheet_hbond.range_2_auth_asym_id 
_pdbx_struct_sheet_hbond.range_2_auth_seq_id 
A 1 2 O VAL A 45 ? O VAL A 45 N VAL A 34 ? N VAL A 34 
A 2 3 O ALA A 33 ? O ALA A 33 N GLN A 25 ? N GLN A 25 
A 3 4 O GLY A 22 ? O GLY A 22 N VAL A 8  ? N VAL A 8  
A 4 5 N ARG A 9  ? N ARG A 9  O GLU A 53 ? O GLU A 53 
B 1 2 O VAL B 45 ? O VAL B 45 N VAL B 34 ? N VAL B 34 
B 2 3 O ALA B 33 ? O ALA B 33 N GLN B 25 ? N GLN B 25 
B 3 4 O GLY B 22 ? O GLY B 22 N VAL B 8  ? N VAL B 8  
B 4 5 N THR B 7  ? N THR B 7  O VAL B 55 ? O VAL B 55 
# 
_atom_sites.entry_id                    3C4S 
_atom_sites.fract_transf_matrix[1][1]   -0.01889009 
_atom_sites.fract_transf_matrix[1][2]   0.01634516 
_atom_sites.fract_transf_matrix[1][3]   -0.00679212 
_atom_sites.fract_transf_matrix[2][1]   0.00570908 
_atom_sites.fract_transf_matrix[2][2]   0.02440384 
_atom_sites.fract_transf_matrix[2][3]   -0.00648043 
_atom_sites.fract_transf_matrix[3][1]   0.00158359 
_atom_sites.fract_transf_matrix[3][2]   -0.00426645 
_atom_sites.fract_transf_matrix[3][3]   -0.01467140 
_atom_sites.fract_transf_vector[1]      -0.132576 
_atom_sites.fract_transf_vector[2]      0.220117 
_atom_sites.fract_transf_vector[3]      0.165817 
# 
loop_
_atom_type.symbol 
C 
N 
O 
# 
loop_
_atom_site.group_PDB 
_atom_site.id 
_atom_site.type_symbol 
_atom_site.label_atom_id 
_atom_site.label_alt_id 
_atom_site.label_comp_id 
_atom_site.label_asym_id 
_atom_site.label_entity_id 
_atom_site.label_seq_id 
_atom_site.pdbx_PDB_ins_code 
_atom_site.Cartn_x 
_atom_site.Cartn_y 
_atom_site.Cartn_z 
_atom_site.occupancy 
_atom_site.B_iso_or_equiv 
_atom_site.pdbx_formal_charge 
_atom_site.auth_seq_id 
_atom_site.auth_comp_id 
_atom_site.auth_asym_id 
_atom_site.auth_atom_id 
_atom_site.pdbx_PDB_model_num 
ATOM   1    N N   . MET A 1 1  ? 5.913   11.264  22.637  1.00 37.89 ? 1   MET A N   1 
ATOM   2    C CA  . MET A 1 1  ? 4.524   11.785  22.501  1.00 38.33 ? 1   MET A CA  1 
ATOM   3    C C   . MET A 1 1  ? 3.711   10.934  21.532  1.00 37.31 ? 1   MET A C   1 
ATOM   4    O O   . MET A 1 1  ? 2.539   11.210  21.275  1.00 40.05 ? 1   MET A O   1 
ATOM   5    C CB  . MET A 1 1  ? 4.553   13.232  22.033  1.00 41.58 ? 1   MET A CB  1 
ATOM   6    N N   . ILE A 1 2  ? 4.344   9.904   20.983  1.00 33.62 ? 2   ILE A N   1 
ATOM   7    C CA  . ILE A 1 2  ? 3.667   8.995   20.069  1.00 30.95 ? 2   ILE A CA  1 
ATOM   8    C C   . ILE A 1 2  ? 3.061   7.913   20.955  1.00 30.48 ? 2   ILE A C   1 
ATOM   9    O O   . ILE A 1 2  ? 3.778   7.209   21.667  1.00 31.29 ? 2   ILE A O   1 
ATOM   10   C CB  . ILE A 1 2  ? 4.661   8.370   19.065  1.00 30.01 ? 2   ILE A CB  1 
ATOM   11   C CG1 . ILE A 1 2  ? 5.127   9.441   18.074  1.00 28.29 ? 2   ILE A CG1 1 
ATOM   12   C CG2 . ILE A 1 2  ? 4.011   7.204   18.333  1.00 28.72 ? 2   ILE A CG2 1 
ATOM   13   C CD1 . ILE A 1 2  ? 6.171   8.963   17.090  1.00 28.12 ? 2   ILE A CD1 1 
ATOM   14   N N   . PHE A 1 3  ? 1.739   7.795   20.914  1.00 28.68 ? 3   PHE A N   1 
ATOM   15   C CA  . PHE A 1 3  ? 1.022   6.831   21.740  1.00 28.22 ? 3   PHE A CA  1 
ATOM   16   C C   . PHE A 1 3  ? 0.067   5.980   20.916  1.00 25.91 ? 3   PHE A C   1 
ATOM   17   O O   . PHE A 1 3  ? -0.265  6.324   19.783  1.00 25.02 ? 3   PHE A O   1 
ATOM   18   C CB  . PHE A 1 3  ? 0.213   7.579   22.797  1.00 29.63 ? 3   PHE A CB  1 
ATOM   19   C CG  . PHE A 1 3  ? -0.723  8.605   22.216  1.00 34.52 ? 3   PHE A CG  1 
ATOM   20   C CD1 . PHE A 1 3  ? -0.235  9.815   21.731  1.00 34.17 ? 3   PHE A CD1 1 
ATOM   21   C CD2 . PHE A 1 3  ? -2.085  8.339   22.103  1.00 35.27 ? 3   PHE A CD2 1 
ATOM   22   C CE1 . PHE A 1 3  ? -1.087  10.745  21.138  1.00 36.64 ? 3   PHE A CE1 1 
ATOM   23   C CE2 . PHE A 1 3  ? -2.948  9.262   21.511  1.00 37.08 ? 3   PHE A CE2 1 
ATOM   24   C CZ  . PHE A 1 3  ? -2.446  10.468  21.027  1.00 36.16 ? 3   PHE A CZ  1 
ATOM   25   N N   . PRO A 1 4  ? -0.389  4.849   21.477  1.00 25.09 ? 4   PRO A N   1 
ATOM   26   C CA  . PRO A 1 4  ? -1.320  3.994   20.737  1.00 24.20 ? 4   PRO A CA  1 
ATOM   27   C C   . PRO A 1 4  ? -2.550  4.811   20.344  1.00 24.20 ? 4   PRO A C   1 
ATOM   28   O O   . PRO A 1 4  ? -3.165  5.462   21.188  1.00 24.78 ? 4   PRO A O   1 
ATOM   29   C CB  . PRO A 1 4  ? -1.646  2.895   21.744  1.00 25.28 ? 4   PRO A CB  1 
ATOM   30   C CG  . PRO A 1 4  ? -0.360  2.764   22.511  1.00 26.18 ? 4   PRO A CG  1 
ATOM   31   C CD  . PRO A 1 4  ? 0.031   4.208   22.738  1.00 24.86 ? 4   PRO A CD  1 
ATOM   32   N N   . GLY A 1 5  ? -2.898  4.781   19.062  1.00 22.44 ? 5   GLY A N   1 
ATOM   33   C CA  . GLY A 1 5  ? -4.046  5.536   18.592  1.00 22.25 ? 5   GLY A CA  1 
ATOM   34   C C   . GLY A 1 5  ? -3.630  6.789   17.842  1.00 20.26 ? 5   GLY A C   1 
ATOM   35   O O   . GLY A 1 5  ? -4.429  7.395   17.130  1.00 20.05 ? 5   GLY A O   1 
ATOM   36   N N   . ALA A 1 6  ? -2.375  7.188   18.006  1.00 19.35 ? 6   ALA A N   1 
ATOM   37   C CA  . ALA A 1 6  ? -1.876  8.371   17.323  1.00 17.81 ? 6   ALA A CA  1 
ATOM   38   C C   . ALA A 1 6  ? -1.626  8.050   15.855  1.00 17.24 ? 6   ALA A C   1 
ATOM   39   O O   . ALA A 1 6  ? -1.441  6.888   15.486  1.00 15.16 ? 6   ALA A O   1 
ATOM   40   C CB  . ALA A 1 6  ? -0.583  8.850   17.981  1.00 20.69 ? 6   ALA A CB  1 
ATOM   41   N N   . THR A 1 7  ? -1.640  9.082   15.020  1.00 16.55 ? 7   THR A N   1 
ATOM   42   C CA  . THR A 1 7  ? -1.376  8.915   13.599  1.00 15.99 ? 7   THR A CA  1 
ATOM   43   C C   . THR A 1 7  ? 0.060   9.378   13.393  1.00 14.82 ? 7   THR A C   1 
ATOM   44   O O   . THR A 1 7  ? 0.466   10.408  13.928  1.00 14.54 ? 7   THR A O   1 
ATOM   45   C CB  . THR A 1 7  ? -2.316  9.782   12.742  1.00 18.25 ? 7   THR A CB  1 
ATOM   46   O OG1 . THR A 1 7  ? -3.674  9.377   12.962  1.00 19.40 ? 7   THR A OG1 1 
ATOM   47   C CG2 . THR A 1 7  ? -1.984  9.625   11.265  1.00 18.76 ? 7   THR A CG2 1 
ATOM   48   N N   . VAL A 1 8  ? 0.835   8.611   12.641  1.00 10.86 ? 8   VAL A N   1 
ATOM   49   C CA  . VAL A 1 8  ? 2.226   8.979   12.405  1.00 11.38 ? 8   VAL A CA  1 
ATOM   50   C C   . VAL A 1 8  ? 2.570   8.849   10.935  1.00 11.29 ? 8   VAL A C   1 
ATOM   51   O O   . VAL A 1 8  ? 1.880   8.157   10.186  1.00 10.61 ? 8   VAL A O   1 
ATOM   52   C CB  . VAL A 1 8  ? 3.201   8.075   13.203  1.00 11.80 ? 8   VAL A CB  1 
ATOM   53   C CG1 . VAL A 1 8  ? 3.052   8.328   14.698  1.00 12.95 ? 8   VAL A CG1 1 
ATOM   54   C CG2 . VAL A 1 8  ? 2.931   6.608   12.886  1.00 11.24 ? 8   VAL A CG2 1 
ATOM   55   N N   . ARG A 1 9  ? 3.631   9.535   10.526  1.00 11.46 ? 9   ARG A N   1 
ATOM   56   C CA  . ARG A 1 9  ? 4.108   9.467   9.151   1.00 10.52 ? 9   ARG A CA  1 
ATOM   57   C C   . ARG A 1 9  ? 5.522   8.908   9.227   1.00 10.39 ? 9   ARG A C   1 
ATOM   58   O O   . ARG A 1 9  ? 6.293   9.276   10.113  1.00 9.18  ? 9   ARG A O   1 
ATOM   59   C CB  . ARG A 1 9  ? 4.141   10.860  8.508   1.00 11.37 ? 9   ARG A CB  1 
ATOM   60   C CG  . ARG A 1 9  ? 4.629   10.846  7.057   1.00 12.00 ? 9   ARG A CG  1 
ATOM   61   C CD  . ARG A 1 9  ? 4.771   12.257  6.491   1.00 17.75 ? 9   ARG A CD  1 
ATOM   62   N NE  . ARG A 1 9  ? 3.488   12.947  6.386   1.00 23.82 ? 9   ARG A NE  1 
ATOM   63   C CZ  . ARG A 1 9  ? 3.110   13.958  7.161   1.00 31.62 ? 9   ARG A CZ  1 
ATOM   64   N NH1 . ARG A 1 9  ? 1.921   14.519  6.986   1.00 32.66 ? 9   ARG A NH1 1 
ATOM   65   N NH2 . ARG A 1 9  ? 3.920   14.417  8.106   1.00 31.17 ? 9   ARG A NH2 1 
ATOM   66   N N   . VAL A 1 10 ? 5.856   8.005   8.311   1.00 9.73  ? 10  VAL A N   1 
ATOM   67   C CA  . VAL A 1 10 ? 7.192   7.410   8.282   1.00 8.75  ? 10  VAL A CA  1 
ATOM   68   C C   . VAL A 1 10 ? 8.137   8.383   7.588   1.00 11.09 ? 10  VAL A C   1 
ATOM   69   O O   . VAL A 1 10 ? 7.865   8.834   6.480   1.00 9.49  ? 10  VAL A O   1 
ATOM   70   C CB  . VAL A 1 10 ? 7.177   6.078   7.518   1.00 9.71  ? 10  VAL A CB  1 
ATOM   71   C CG1 . VAL A 1 10 ? 8.575   5.487   7.473   1.00 8.42  ? 10  VAL A CG1 1 
ATOM   72   C CG2 . VAL A 1 10 ? 6.202   5.119   8.188   1.00 10.51 ? 10  VAL A CG2 1 
ATOM   73   N N   . THR A 1 11 ? 9.253   8.690   8.238   1.00 9.18  ? 11  THR A N   1 
ATOM   74   C CA  . THR A 1 11 ? 10.205  9.656   7.697   1.00 11.03 ? 11  THR A CA  1 
ATOM   75   C C   . THR A 1 11 ? 11.526  9.096   7.171   1.00 12.20 ? 11  THR A C   1 
ATOM   76   O O   . THR A 1 11 ? 12.386  9.865   6.744   1.00 14.00 ? 11  THR A O   1 
ATOM   77   C CB  . THR A 1 11 ? 10.541  10.692  8.759   1.00 11.37 ? 11  THR A CB  1 
ATOM   78   O OG1 . THR A 1 11 ? 11.178  10.030  9.857   1.00 9.60  ? 11  THR A OG1 1 
ATOM   79   C CG2 . THR A 1 11 ? 9.271   11.375  9.262   1.00 12.23 ? 11  THR A CG2 1 
ATOM   80   N N   . ASN A 1 12 ? 11.691  7.778   7.207   1.00 11.99 ? 12  ASN A N   1 
ATOM   81   C CA  . ASN A 1 12 ? 12.921  7.136   6.739   1.00 13.46 ? 12  ASN A CA  1 
ATOM   82   C C   . ASN A 1 12 ? 12.845  6.878   5.229   1.00 12.54 ? 12  ASN A C   1 
ATOM   83   O O   . ASN A 1 12 ? 12.067  6.032   4.782   1.00 10.96 ? 12  ASN A O   1 
ATOM   84   C CB  . ASN A 1 12 ? 13.116  5.813   7.483   1.00 15.60 ? 12  ASN A CB  1 
ATOM   85   C CG  . ASN A 1 12 ? 14.456  5.164   7.190   1.00 17.83 ? 12  ASN A CG  1 
ATOM   86   O OD1 . ASN A 1 12 ? 15.104  5.472   6.192   1.00 19.27 ? 12  ASN A OD1 1 
ATOM   87   N ND2 . ASN A 1 12 ? 14.870  4.251   8.061   1.00 21.77 ? 12  ASN A ND2 1 
ATOM   88   N N   . VAL A 1 13 ? 13.653  7.597   4.451   1.00 11.70 ? 13  VAL A N   1 
ATOM   89   C CA  . VAL A 1 13 ? 13.634  7.451   2.994   1.00 11.79 ? 13  VAL A CA  1 
ATOM   90   C C   . VAL A 1 13 ? 14.075  6.074   2.505   1.00 11.97 ? 13  VAL A C   1 
ATOM   91   O O   . VAL A 1 13 ? 13.856  5.728   1.344   1.00 11.20 ? 13  VAL A O   1 
ATOM   92   C CB  . VAL A 1 13 ? 14.504  8.535   2.306   1.00 13.27 ? 13  VAL A CB  1 
ATOM   93   C CG1 . VAL A 1 13 ? 15.983  8.254   2.532   1.00 13.29 ? 13  VAL A CG1 1 
ATOM   94   C CG2 . VAL A 1 13 ? 14.170  8.602   0.832   1.00 15.88 ? 13  VAL A CG2 1 
ATOM   95   N N   . ASP A 1 14 ? 14.686  5.286   3.384   1.00 12.00 ? 14  ASP A N   1 
ATOM   96   C CA  . ASP A 1 14 ? 15.133  3.945   3.012   1.00 12.77 ? 14  ASP A CA  1 
ATOM   97   C C   . ASP A 1 14 ? 14.099  2.876   3.357   1.00 12.51 ? 14  ASP A C   1 
ATOM   98   O O   . ASP A 1 14 ? 14.354  1.672   3.204   1.00 12.55 ? 14  ASP A O   1 
ATOM   99   C CB  . ASP A 1 14 ? 16.461  3.611   3.695   1.00 14.67 ? 14  ASP A CB  1 
ATOM   100  C CG  . ASP A 1 14 ? 17.622  4.389   3.116   1.00 19.15 ? 14  ASP A CG  1 
ATOM   101  O OD1 . ASP A 1 14 ? 17.529  4.801   1.944   1.00 18.12 ? 14  ASP A OD1 1 
ATOM   102  O OD2 . ASP A 1 14 ? 18.634  4.575   3.824   1.00 24.80 ? 14  ASP A OD2 1 
ATOM   103  N N   . ASP A 1 15 ? 12.930  3.321   3.809   1.00 11.02 ? 15  ASP A N   1 
ATOM   104  C CA  . ASP A 1 15 ? 11.845  2.416   4.181   1.00 13.19 ? 15  ASP A CA  1 
ATOM   105  C C   . ASP A 1 15 ? 10.788  2.273   3.090   1.00 12.17 ? 15  ASP A C   1 
ATOM   106  O O   . ASP A 1 15 ? 10.465  3.229   2.387   1.00 11.36 ? 15  ASP A O   1 
ATOM   107  C CB  . ASP A 1 15 ? 11.146  2.899   5.457   1.00 15.88 ? 15  ASP A CB  1 
ATOM   108  C CG  . ASP A 1 15 ? 11.998  2.735   6.697   1.00 24.07 ? 15  ASP A CG  1 
ATOM   109  O OD1 . ASP A 1 15 ? 13.047  2.062   6.623   1.00 25.13 ? 15  ASP A OD1 1 
ATOM   110  O OD2 . ASP A 1 15 ? 11.606  3.272   7.755   1.00 27.60 ? 15  ASP A OD2 1 
ATOM   111  N N   . THR A 1 16 ? 10.239  1.071   2.977   1.00 12.23 ? 16  THR A N   1 
ATOM   112  C CA  . THR A 1 16 ? 9.205   0.792   1.989   1.00 12.89 ? 16  THR A CA  1 
ATOM   113  C C   . THR A 1 16 ? 8.032   1.748   2.147   1.00 12.98 ? 16  THR A C   1 
ATOM   114  O O   . THR A 1 16 ? 7.463   2.225   1.162   1.00 12.06 ? 16  THR A O   1 
ATOM   115  C CB  . THR A 1 16 ? 8.649   -0.625  2.160   1.00 13.82 ? 16  THR A CB  1 
ATOM   116  O OG1 . THR A 1 16 ? 9.720   -1.569  2.072   1.00 15.26 ? 16  THR A OG1 1 
ATOM   117  C CG2 . THR A 1 16 ? 7.604   -0.921  1.088   1.00 14.02 ? 16  THR A CG2 1 
ATOM   118  N N   . TYR A 1 17 ? 7.677   2.025   3.397   1.00 11.77 ? 17  TYR A N   1 
ATOM   119  C CA  . TYR A 1 17 ? 6.537   2.878   3.685   1.00 12.57 ? 17  TYR A CA  1 
ATOM   120  C C   . TYR A 1 17 ? 6.829   4.344   3.966   1.00 10.34 ? 17  TYR A C   1 
ATOM   121  O O   . TYR A 1 17 ? 6.071   5.020   4.658   1.00 10.72 ? 17  TYR A O   1 
ATOM   122  C CB  . TYR A 1 17 ? 5.729   2.231   4.811   1.00 13.94 ? 17  TYR A CB  1 
ATOM   123  C CG  . TYR A 1 17 ? 5.224   0.879   4.361   1.00 15.40 ? 17  TYR A CG  1 
ATOM   124  C CD1 . TYR A 1 17 ? 4.220   0.783   3.397   1.00 17.44 ? 17  TYR A CD1 1 
ATOM   125  C CD2 . TYR A 1 17 ? 5.831   -0.298  4.798   1.00 16.79 ? 17  TYR A CD2 1 
ATOM   126  C CE1 . TYR A 1 17 ? 3.841   -0.449  2.869   1.00 18.84 ? 17  TYR A CE1 1 
ATOM   127  C CE2 . TYR A 1 17 ? 5.458   -1.538  4.272   1.00 18.48 ? 17  TYR A CE2 1 
ATOM   128  C CZ  . TYR A 1 17 ? 4.465   -1.601  3.308   1.00 19.21 ? 17  TYR A CZ  1 
ATOM   129  O OH  . TYR A 1 17 ? 4.109   -2.811  2.753   1.00 22.05 ? 17  TYR A OH  1 
ATOM   130  N N   . TYR A 1 18 ? 7.925   4.830   3.392   1.00 11.37 ? 18  TYR A N   1 
ATOM   131  C CA  . TYR A 1 18 ? 8.321   6.226   3.525   1.00 11.36 ? 18  TYR A CA  1 
ATOM   132  C C   . TYR A 1 18 ? 7.135   7.121   3.138   1.00 11.77 ? 18  TYR A C   1 
ATOM   133  O O   . TYR A 1 18 ? 6.516   6.931   2.089   1.00 9.85  ? 18  TYR A O   1 
ATOM   134  C CB  . TYR A 1 18 ? 9.518   6.487   2.599   1.00 12.15 ? 18  TYR A CB  1 
ATOM   135  C CG  . TYR A 1 18 ? 9.984   7.924   2.515   1.00 12.99 ? 18  TYR A CG  1 
ATOM   136  C CD1 . TYR A 1 18 ? 10.429  8.604   3.648   1.00 13.95 ? 18  TYR A CD1 1 
ATOM   137  C CD2 . TYR A 1 18 ? 10.026  8.587   1.289   1.00 15.66 ? 18  TYR A CD2 1 
ATOM   138  C CE1 . TYR A 1 18 ? 10.911  9.906   3.561   1.00 12.75 ? 18  TYR A CE1 1 
ATOM   139  C CE2 . TYR A 1 18 ? 10.505  9.889   1.190   1.00 13.87 ? 18  TYR A CE2 1 
ATOM   140  C CZ  . TYR A 1 18 ? 10.949  10.541  2.330   1.00 14.87 ? 18  TYR A CZ  1 
ATOM   141  O OH  . TYR A 1 18 ? 11.443  11.818  2.228   1.00 15.36 ? 18  TYR A OH  1 
ATOM   142  N N   . ARG A 1 19 ? 6.830   8.083   4.009   1.00 11.20 ? 19  ARG A N   1 
ATOM   143  C CA  . ARG A 1 19 ? 5.744   9.047   3.834   1.00 12.28 ? 19  ARG A CA  1 
ATOM   144  C C   . ARG A 1 19 ? 4.321   8.506   3.947   1.00 10.88 ? 19  ARG A C   1 
ATOM   145  O O   . ARG A 1 19 ? 3.354   9.250   3.757   1.00 12.75 ? 19  ARG A O   1 
ATOM   146  C CB  . ARG A 1 19 ? 5.922   9.824   2.528   1.00 13.12 ? 19  ARG A CB  1 
ATOM   147  C CG  . ARG A 1 19 ? 7.162   10.706  2.554   1.00 18.91 ? 19  ARG A CG  1 
ATOM   148  C CD  . ARG A 1 19 ? 7.345   11.444  1.246   1.00 24.37 ? 19  ARG A CD  1 
ATOM   149  N NE  . ARG A 1 19 ? 6.280   12.413  1.026   1.00 30.44 ? 19  ARG A NE  1 
ATOM   150  C CZ  . ARG A 1 19 ? 6.175   13.165  -0.063  1.00 34.93 ? 19  ARG A CZ  1 
ATOM   151  N NH1 . ARG A 1 19 ? 7.075   13.056  -1.031  1.00 37.35 ? 19  ARG A NH1 1 
ATOM   152  N NH2 . ARG A 1 19 ? 5.178   14.029  -0.181  1.00 36.77 ? 19  ARG A NH2 1 
ATOM   153  N N   . PHE A 1 20 ? 4.191   7.215   4.242   1.00 9.26  ? 20  PHE A N   1 
ATOM   154  C CA  . PHE A 1 20 ? 2.878   6.608   4.456   1.00 10.32 ? 20  PHE A CA  1 
ATOM   155  C C   . PHE A 1 20 ? 2.441   7.087   5.843   1.00 11.51 ? 20  PHE A C   1 
ATOM   156  O O   . PHE A 1 20 ? 3.284   7.391   6.691   1.00 11.25 ? 20  PHE A O   1 
ATOM   157  C CB  . PHE A 1 20 ? 2.975   5.076   4.506   1.00 11.18 ? 20  PHE A CB  1 
ATOM   158  C CG  . PHE A 1 20 ? 2.769   4.388   3.179   1.00 14.24 ? 20  PHE A CG  1 
ATOM   159  C CD1 . PHE A 1 20 ? 1.659   3.572   2.972   1.00 14.57 ? 20  PHE A CD1 1 
ATOM   160  C CD2 . PHE A 1 20 ? 3.703   4.516   2.158   1.00 16.62 ? 20  PHE A CD2 1 
ATOM   161  C CE1 . PHE A 1 20 ? 1.482   2.889   1.768   1.00 15.83 ? 20  PHE A CE1 1 
ATOM   162  C CE2 . PHE A 1 20 ? 3.537   3.838   0.947   1.00 17.10 ? 20  PHE A CE2 1 
ATOM   163  C CZ  . PHE A 1 20 ? 2.426   3.023   0.752   1.00 17.26 ? 20  PHE A CZ  1 
ATOM   164  N N   . GLU A 1 21 ? 1.135   7.156   6.076   1.00 10.16 ? 21  GLU A N   1 
ATOM   165  C CA  . GLU A 1 21 ? 0.621   7.544   7.385   1.00 11.76 ? 21  GLU A CA  1 
ATOM   166  C C   . GLU A 1 21 ? -0.197  6.376   7.910   1.00 11.21 ? 21  GLU A C   1 
ATOM   167  O O   . GLU A 1 21 ? -0.948  5.751   7.158   1.00 12.05 ? 21  GLU A O   1 
ATOM   168  C CB  . GLU A 1 21 ? -0.257  8.796   7.293   1.00 13.58 ? 21  GLU A CB  1 
ATOM   169  C CG  . GLU A 1 21 ? 0.473   10.021  6.769   1.00 19.92 ? 21  GLU A CG  1 
ATOM   170  C CD  . GLU A 1 21 ? -0.317  11.303  6.954   1.00 25.93 ? 21  GLU A CD  1 
ATOM   171  O OE1 . GLU A 1 21 ? -1.563  11.250  6.932   1.00 29.79 ? 21  GLU A OE1 1 
ATOM   172  O OE2 . GLU A 1 21 ? 0.315   12.369  7.109   1.00 30.16 ? 21  GLU A OE2 1 
ATOM   173  N N   . GLY A 1 22 ? -0.034  6.069   9.193   1.00 10.42 ? 22  GLY A N   1 
ATOM   174  C CA  . GLY A 1 22 ? -0.769  4.968   9.789   1.00 12.34 ? 22  GLY A CA  1 
ATOM   175  C C   . GLY A 1 22 ? -1.082  5.215   11.251  1.00 12.47 ? 22  GLY A C   1 
ATOM   176  O O   . GLY A 1 22 ? -0.671  6.227   11.818  1.00 10.82 ? 22  GLY A O   1 
ATOM   177  N N   . LEU A 1 23 ? -1.810  4.283   11.857  1.00 12.82 ? 23  LEU A N   1 
ATOM   178  C CA  . LEU A 1 23 ? -2.202  4.388   13.258  1.00 13.62 ? 23  LEU A CA  1 
ATOM   179  C C   . LEU A 1 23 ? -1.312  3.550   14.164  1.00 13.01 ? 23  LEU A C   1 
ATOM   180  O O   . LEU A 1 23 ? -1.106  2.366   13.915  1.00 13.38 ? 23  LEU A O   1 
ATOM   181  C CB  . LEU A 1 23 ? -3.651  3.932   13.424  1.00 14.27 ? 23  LEU A CB  1 
ATOM   182  C CG  . LEU A 1 23 ? -4.721  4.871   12.868  1.00 16.05 ? 23  LEU A CG  1 
ATOM   183  C CD1 . LEU A 1 23 ? -6.077  4.175   12.889  1.00 18.30 ? 23  LEU A CD1 1 
ATOM   184  C CD2 . LEU A 1 23 ? -4.751  6.149   13.694  1.00 18.73 ? 23  LEU A CD2 1 
ATOM   185  N N   . VAL A 1 24 ? -0.793  4.167   15.222  1.00 12.92 ? 24  VAL A N   1 
ATOM   186  C CA  . VAL A 1 24 ? 0.066   3.461   16.164  1.00 13.18 ? 24  VAL A CA  1 
ATOM   187  C C   . VAL A 1 24 ? -0.760  2.438   16.940  1.00 13.97 ? 24  VAL A C   1 
ATOM   188  O O   . VAL A 1 24 ? -1.771  2.786   17.548  1.00 15.92 ? 24  VAL A O   1 
ATOM   189  C CB  . VAL A 1 24 ? 0.717   4.443   17.159  1.00 11.82 ? 24  VAL A CB  1 
ATOM   190  C CG1 . VAL A 1 24 ? 1.570   3.676   18.165  1.00 14.07 ? 24  VAL A CG1 1 
ATOM   191  C CG2 . VAL A 1 24 ? 1.563   5.459   16.399  1.00 14.47 ? 24  VAL A CG2 1 
ATOM   192  N N   . GLN A 1 25 ? -0.326  1.180   16.911  1.00 15.61 ? 25  GLN A N   1 
ATOM   193  C CA  . GLN A 1 25 ? -1.030  0.103   17.600  1.00 17.55 ? 25  GLN A CA  1 
ATOM   194  C C   . GLN A 1 25 ? -0.480  -0.128  18.999  1.00 20.58 ? 25  GLN A C   1 
ATOM   195  O O   . GLN A 1 25 ? -1.225  -0.436  19.929  1.00 20.94 ? 25  GLN A O   1 
ATOM   196  C CB  . GLN A 1 25 ? -0.929  -1.187  16.784  1.00 19.30 ? 25  GLN A CB  1 
ATOM   197  C CG  . GLN A 1 25 ? -1.475  -1.050  15.376  1.00 20.01 ? 25  GLN A CG  1 
ATOM   198  C CD  . GLN A 1 25 ? -2.957  -0.733  15.357  1.00 21.98 ? 25  GLN A CD  1 
ATOM   199  O OE1 . GLN A 1 25 ? -3.782  -1.557  15.751  1.00 25.69 ? 25  GLN A OE1 1 
ATOM   200  N NE2 . GLN A 1 25 ? -3.304  0.469   14.906  1.00 19.75 ? 25  GLN A NE2 1 
ATOM   201  N N   . ARG A 1 26 ? 0.833   0.010   19.134  1.00 20.23 ? 26  ARG A N   1 
ATOM   202  C CA  . ARG A 1 26 ? 1.495   -0.175  20.417  1.00 21.85 ? 26  ARG A CA  1 
ATOM   203  C C   . ARG A 1 26 ? 2.894   0.406   20.378  1.00 20.81 ? 26  ARG A C   1 
ATOM   204  O O   . ARG A 1 26 ? 3.512   0.510   19.315  1.00 18.25 ? 26  ARG A O   1 
ATOM   205  C CB  . ARG A 1 26 ? 1.565   -1.660  20.779  1.00 26.04 ? 26  ARG A CB  1 
ATOM   206  C CG  . ARG A 1 26 ? 1.986   -2.555  19.635  1.00 30.54 ? 26  ARG A CG  1 
ATOM   207  C CD  . ARG A 1 26 ? 1.898   -4.019  20.031  1.00 39.24 ? 26  ARG A CD  1 
ATOM   208  N NE  . ARG A 1 26 ? 1.793   -4.881  18.859  1.00 44.41 ? 26  ARG A NE  1 
ATOM   209  C CZ  . ARG A 1 26 ? 0.724   -4.936  18.069  1.00 46.88 ? 26  ARG A CZ  1 
ATOM   210  N NH1 . ARG A 1 26 ? -0.337  -4.184  18.329  1.00 50.54 ? 26  ARG A NH1 1 
ATOM   211  N NH2 . ARG A 1 26 ? 0.717   -5.736  17.015  1.00 52.06 ? 26  ARG A NH2 1 
ATOM   212  N N   . VAL A 1 27 ? 3.382   0.797   21.548  1.00 19.56 ? 27  VAL A N   1 
ATOM   213  C CA  . VAL A 1 27 ? 4.715   1.363   21.667  1.00 19.08 ? 27  VAL A CA  1 
ATOM   214  C C   . VAL A 1 27 ? 5.436   0.667   22.816  1.00 18.25 ? 27  VAL A C   1 
ATOM   215  O O   . VAL A 1 27 ? 4.879   0.507   23.902  1.00 19.60 ? 27  VAL A O   1 
ATOM   216  C CB  . VAL A 1 27 ? 4.660   2.876   21.965  1.00 18.93 ? 27  VAL A CB  1 
ATOM   217  C CG1 . VAL A 1 27 ? 6.068   3.461   21.941  1.00 20.14 ? 27  VAL A CG1 1 
ATOM   218  C CG2 . VAL A 1 27 ? 3.772   3.583   20.950  1.00 18.90 ? 27  VAL A CG2 1 
ATOM   219  N N   . SER A 1 28 ? 6.666   0.238   22.567  1.00 17.65 ? 28  SER A N   1 
ATOM   220  C CA  . SER A 1 28 ? 7.463   -0.425  23.591  1.00 19.21 ? 28  SER A CA  1 
ATOM   221  C C   . SER A 1 28 ? 8.924   -0.497  23.182  1.00 18.16 ? 28  SER A C   1 
ATOM   222  O O   . SER A 1 28 ? 9.250   -0.633  22.003  1.00 16.14 ? 28  SER A O   1 
ATOM   223  C CB  . SER A 1 28 ? 6.939   -1.840  23.856  1.00 22.20 ? 28  SER A CB  1 
ATOM   224  O OG  . SER A 1 28 ? 7.158   -2.685  22.740  1.00 29.79 ? 28  SER A OG  1 
ATOM   225  N N   . ASP A 1 29 ? 9.804   -0.387  24.169  1.00 17.54 ? 29  ASP A N   1 
ATOM   226  C CA  . ASP A 1 29 ? 11.237  -0.464  23.933  1.00 17.95 ? 29  ASP A CA  1 
ATOM   227  C C   . ASP A 1 29 ? 11.747  0.502   22.875  1.00 16.55 ? 29  ASP A C   1 
ATOM   228  O O   . ASP A 1 29 ? 12.675  0.177   22.133  1.00 16.08 ? 29  ASP A O   1 
ATOM   229  C CB  . ASP A 1 29 ? 11.610  -1.891  23.539  1.00 21.53 ? 29  ASP A CB  1 
ATOM   230  C CG  . ASP A 1 29 ? 11.036  -2.917  24.491  1.00 27.15 ? 29  ASP A CG  1 
ATOM   231  O OD1 . ASP A 1 29 ? 11.195  -2.732  25.715  1.00 27.73 ? 29  ASP A OD1 1 
ATOM   232  O OD2 . ASP A 1 29 ? 10.429  -3.904  24.020  1.00 27.90 ? 29  ASP A OD2 1 
ATOM   233  N N   . GLY A 1 30 ? 11.144  1.685   22.801  1.00 14.89 ? 30  GLY A N   1 
ATOM   234  C CA  . GLY A 1 30 ? 11.584  2.671   21.831  1.00 13.88 ? 30  GLY A CA  1 
ATOM   235  C C   . GLY A 1 30 ? 11.134  2.388   20.411  1.00 14.95 ? 30  GLY A C   1 
ATOM   236  O O   . GLY A 1 30 ? 11.646  2.983   19.461  1.00 13.61 ? 30  GLY A O   1 
ATOM   237  N N   . LYS A 1 31 ? 10.178  1.478   20.264  1.00 13.97 ? 31  LYS A N   1 
ATOM   238  C CA  . LYS A 1 31 ? 9.664   1.126   18.947  1.00 14.55 ? 31  LYS A CA  1 
ATOM   239  C C   . LYS A 1 31 ? 8.146   1.182   18.943  1.00 14.29 ? 31  LYS A C   1 
ATOM   240  O O   . LYS A 1 31 ? 7.509   1.119   19.992  1.00 16.38 ? 31  LYS A O   1 
ATOM   241  C CB  . LYS A 1 31 ? 10.124  -0.282  18.562  1.00 15.59 ? 31  LYS A CB  1 
ATOM   242  C CG  . LYS A 1 31 ? 11.633  -0.448  18.492  1.00 19.87 ? 31  LYS A CG  1 
ATOM   243  C CD  . LYS A 1 31 ? 12.011  -1.873  18.115  1.00 26.27 ? 31  LYS A CD  1 
ATOM   244  C CE  . LYS A 1 31 ? 11.529  -2.863  19.164  1.00 34.65 ? 31  LYS A CE  1 
ATOM   245  N NZ  . LYS A 1 31 ? 11.859  -4.272  18.808  1.00 42.33 ? 31  LYS A NZ  1 
ATOM   246  N N   . ALA A 1 32 ? 7.563   1.310   17.758  1.00 13.66 ? 32  ALA A N   1 
ATOM   247  C CA  . ALA A 1 32 ? 6.115   1.361   17.645  1.00 12.58 ? 32  ALA A CA  1 
ATOM   248  C C   . ALA A 1 32 ? 5.648   0.533   16.466  1.00 12.94 ? 32  ALA A C   1 
ATOM   249  O O   . ALA A 1 32 ? 6.284   0.521   15.412  1.00 12.01 ? 32  ALA A O   1 
ATOM   250  C CB  . ALA A 1 32 ? 5.643   2.805   17.483  1.00 12.28 ? 32  ALA A CB  1 
ATOM   251  N N   . ALA A 1 33 ? 4.545   -0.178  16.666  1.00 12.29 ? 33  ALA A N   1 
ATOM   252  C CA  . ALA A 1 33 ? 3.948   -0.991  15.617  1.00 12.21 ? 33  ALA A CA  1 
ATOM   253  C C   . ALA A 1 33 ? 2.904   -0.079  14.992  1.00 12.67 ? 33  ALA A C   1 
ATOM   254  O O   . ALA A 1 33 ? 2.056   0.469   15.694  1.00 13.87 ? 33  ALA A O   1 
ATOM   255  C CB  . ALA A 1 33 ? 3.287   -2.228  16.217  1.00 12.55 ? 33  ALA A CB  1 
ATOM   256  N N   . VAL A 1 34 ? 2.974   0.086   13.677  1.00 11.59 ? 34  VAL A N   1 
ATOM   257  C CA  . VAL A 1 34 ? 2.057   0.965   12.966  1.00 12.68 ? 34  VAL A CA  1 
ATOM   258  C C   . VAL A 1 34 ? 1.245   0.205   11.928  1.00 12.17 ? 34  VAL A C   1 
ATOM   259  O O   . VAL A 1 34 ? 1.783   -0.608  11.173  1.00 12.38 ? 34  VAL A O   1 
ATOM   260  C CB  . VAL A 1 34 ? 2.840   2.092   12.257  1.00 12.40 ? 34  VAL A CB  1 
ATOM   261  C CG1 . VAL A 1 34 ? 1.880   3.042   11.558  1.00 15.57 ? 34  VAL A CG1 1 
ATOM   262  C CG2 . VAL A 1 34 ? 3.702   2.839   13.273  1.00 13.16 ? 34  VAL A CG2 1 
ATOM   263  N N   . LEU A 1 35 ? -0.055  0.478   11.892  1.00 11.62 ? 35  LEU A N   1 
ATOM   264  C CA  . LEU A 1 35 ? -0.939  -0.180  10.937  1.00 11.63 ? 35  LEU A CA  1 
ATOM   265  C C   . LEU A 1 35 ? -1.298  0.765   9.795   1.00 10.07 ? 35  LEU A C   1 
ATOM   266  O O   . LEU A 1 35 ? -1.857  1.843   10.017  1.00 10.61 ? 35  LEU A O   1 
ATOM   267  C CB  . LEU A 1 35 ? -2.222  -0.650  11.633  1.00 12.57 ? 35  LEU A CB  1 
ATOM   268  C CG  . LEU A 1 35 ? -3.270  -1.307  10.725  1.00 14.44 ? 35  LEU A CG  1 
ATOM   269  C CD1 . LEU A 1 35 ? -2.729  -2.622  10.187  1.00 16.24 ? 35  LEU A CD1 1 
ATOM   270  C CD2 . LEU A 1 35 ? -4.555  -1.542  11.515  1.00 16.33 ? 35  LEU A CD2 1 
ATOM   271  N N   . PHE A 1 36 ? -0.956  0.361   8.577   1.00 11.04 ? 36  PHE A N   1 
ATOM   272  C CA  . PHE A 1 36 ? -1.255  1.149   7.387   1.00 11.73 ? 36  PHE A CA  1 
ATOM   273  C C   . PHE A 1 36 ? -2.469  0.499   6.752   1.00 13.40 ? 36  PHE A C   1 
ATOM   274  O O   . PHE A 1 36 ? -2.582  -0.728  6.739   1.00 12.62 ? 36  PHE A O   1 
ATOM   275  C CB  . PHE A 1 36 ? -0.078  1.114   6.415   1.00 11.62 ? 36  PHE A CB  1 
ATOM   276  C CG  . PHE A 1 36 ? 1.183   1.680   6.986   1.00 11.96 ? 36  PHE A CG  1 
ATOM   277  C CD1 . PHE A 1 36 ? 1.305   3.049   7.205   1.00 11.54 ? 36  PHE A CD1 1 
ATOM   278  C CD2 . PHE A 1 36 ? 2.230   0.845   7.352   1.00 13.25 ? 36  PHE A CD2 1 
ATOM   279  C CE1 . PHE A 1 36 ? 2.455   3.578   7.788   1.00 13.48 ? 36  PHE A CE1 1 
ATOM   280  C CE2 . PHE A 1 36 ? 3.387   1.364   7.936   1.00 13.97 ? 36  PHE A CE2 1 
ATOM   281  C CZ  . PHE A 1 36 ? 3.498   2.733   8.155   1.00 14.05 ? 36  PHE A CZ  1 
ATOM   282  N N   . GLU A 1 37 ? -3.373  1.323   6.231   1.00 14.98 ? 37  GLU A N   1 
ATOM   283  C CA  . GLU A 1 37 ? -4.597  0.818   5.622   1.00 18.20 ? 37  GLU A CA  1 
ATOM   284  C C   . GLU A 1 37 ? -4.970  1.558   4.344   1.00 17.93 ? 37  GLU A C   1 
ATOM   285  O O   . GLU A 1 37 ? -4.684  2.745   4.186   1.00 18.72 ? 37  GLU A O   1 
ATOM   286  C CB  . GLU A 1 37 ? -5.750  0.946   6.619   1.00 22.52 ? 37  GLU A CB  1 
ATOM   287  C CG  . GLU A 1 37 ? -5.575  0.128   7.877   1.00 30.76 ? 37  GLU A CG  1 
ATOM   288  C CD  . GLU A 1 37 ? -6.607  -0.970  7.984   1.00 39.55 ? 37  GLU A CD  1 
ATOM   289  O OE1 . GLU A 1 37 ? -6.715  -1.771  7.032   1.00 44.64 ? 37  GLU A OE1 1 
ATOM   290  O OE2 . GLU A 1 37 ? -7.310  -1.030  9.016   1.00 43.11 ? 37  GLU A OE2 1 
ATOM   291  N N   . ASN A 1 38 ? -5.616  0.840   3.432   1.00 16.90 ? 38  ASN A N   1 
ATOM   292  C CA  . ASN A 1 38 ? -6.081  1.405   2.175   1.00 17.17 ? 38  ASN A CA  1 
ATOM   293  C C   . ASN A 1 38 ? -7.034  0.373   1.590   1.00 15.73 ? 38  ASN A C   1 
ATOM   294  O O   . ASN A 1 38 ? -6.601  -0.593  0.974   1.00 14.60 ? 38  ASN A O   1 
ATOM   295  C CB  . ASN A 1 38 ? -4.911  1.656   1.217   1.00 18.64 ? 38  ASN A CB  1 
ATOM   296  C CG  . ASN A 1 38 ? -5.349  2.315   -0.084  1.00 23.07 ? 38  ASN A CG  1 
ATOM   297  O OD1 . ASN A 1 38 ? -4.521  2.671   -0.923  1.00 28.89 ? 38  ASN A OD1 1 
ATOM   298  N ND2 . ASN A 1 38 ? -6.659  2.472   -0.261  1.00 21.03 ? 38  ASN A ND2 1 
ATOM   299  N N   . GLY A 1 39 ? -8.331  0.571   1.809   1.00 15.88 ? 39  GLY A N   1 
ATOM   300  C CA  . GLY A 1 39 ? -9.307  -0.377  1.303   1.00 15.22 ? 39  GLY A CA  1 
ATOM   301  C C   . GLY A 1 39 ? -9.148  -1.734  1.964   1.00 15.43 ? 39  GLY A C   1 
ATOM   302  O O   . GLY A 1 39 ? -9.181  -1.844  3.196   1.00 15.29 ? 39  GLY A O   1 
ATOM   303  N N   . ASN A 1 40 ? -8.973  -2.773  1.151   1.00 12.66 ? 40  ASN A N   1 
ATOM   304  C CA  . ASN A 1 40 ? -8.801  -4.127  1.667   1.00 12.63 ? 40  ASN A CA  1 
ATOM   305  C C   . ASN A 1 40 ? -7.341  -4.435  1.958   1.00 13.21 ? 40  ASN A C   1 
ATOM   306  O O   . ASN A 1 40 ? -7.014  -5.521  2.423   1.00 14.34 ? 40  ASN A O   1 
ATOM   307  C CB  . ASN A 1 40 ? -9.328  -5.169  0.675   1.00 12.75 ? 40  ASN A CB  1 
ATOM   308  C CG  . ASN A 1 40 ? -10.826 -5.100  0.495   1.00 15.40 ? 40  ASN A CG  1 
ATOM   309  O OD1 . ASN A 1 40 ? -11.543 -4.569  1.345   1.00 14.15 ? 40  ASN A OD1 1 
ATOM   310  N ND2 . ASN A 1 40 ? -11.315 -5.656  -0.610  1.00 12.42 ? 40  ASN A ND2 1 
ATOM   311  N N   . TRP A 1 41 ? -6.466  -3.477  1.678   1.00 11.63 ? 41  TRP A N   1 
ATOM   312  C CA  . TRP A 1 41 ? -5.042  -3.667  1.914   1.00 12.00 ? 41  TRP A CA  1 
ATOM   313  C C   . TRP A 1 41 ? -4.629  -3.091  3.261   1.00 12.47 ? 41  TRP A C   1 
ATOM   314  O O   . TRP A 1 41 ? -5.130  -2.054  3.689   1.00 12.34 ? 41  TRP A O   1 
ATOM   315  C CB  . TRP A 1 41 ? -4.231  -2.984  0.806   1.00 12.14 ? 41  TRP A CB  1 
ATOM   316  C CG  . TRP A 1 41 ? -2.736  -3.032  1.009   1.00 12.98 ? 41  TRP A CG  1 
ATOM   317  C CD1 . TRP A 1 41 ? -1.875  -4.001  0.575   1.00 14.42 ? 41  TRP A CD1 1 
ATOM   318  C CD2 . TRP A 1 41 ? -1.938  -2.070  1.711   1.00 13.42 ? 41  TRP A CD2 1 
ATOM   319  N NE1 . TRP A 1 41 ? -0.586  -3.700  0.965   1.00 14.05 ? 41  TRP A NE1 1 
ATOM   320  C CE2 . TRP A 1 41 ? -0.600  -2.522  1.665   1.00 13.98 ? 41  TRP A CE2 1 
ATOM   321  C CE3 . TRP A 1 41 ? -2.226  -0.872  2.377   1.00 14.09 ? 41  TRP A CE3 1 
ATOM   322  C CZ2 . TRP A 1 41 ? 0.451   -1.813  2.260   1.00 12.52 ? 41  TRP A CZ2 1 
ATOM   323  C CZ3 . TRP A 1 41 ? -1.180  -0.167  2.970   1.00 14.54 ? 41  TRP A CZ3 1 
ATOM   324  C CH2 . TRP A 1 41 ? 0.142   -0.643  2.906   1.00 13.10 ? 41  TRP A CH2 1 
ATOM   325  N N   . ASP A 1 42 ? -3.721  -3.784  3.936   1.00 12.96 ? 42  ASP A N   1 
ATOM   326  C CA  . ASP A 1 42 ? -3.204  -3.303  5.206   1.00 15.04 ? 42  ASP A CA  1 
ATOM   327  C C   . ASP A 1 42 ? -1.872  -3.968  5.472   1.00 13.73 ? 42  ASP A C   1 
ATOM   328  O O   . ASP A 1 42 ? -1.574  -5.032  4.930   1.00 13.40 ? 42  ASP A O   1 
ATOM   329  C CB  . ASP A 1 42 ? -4.165  -3.602  6.354   1.00 18.33 ? 42  ASP A CB  1 
ATOM   330  C CG  . ASP A 1 42 ? -4.399  -5.077  6.544   1.00 22.66 ? 42  ASP A CG  1 
ATOM   331  O OD1 . ASP A 1 42 ? -5.242  -5.646  5.820   1.00 28.45 ? 42  ASP A OD1 1 
ATOM   332  O OD2 . ASP A 1 42 ? -3.732  -5.673  7.412   1.00 29.92 ? 42  ASP A OD2 1 
ATOM   333  N N   . LYS A 1 43 ? -1.069  -3.325  6.307   1.00 14.39 ? 43  LYS A N   1 
ATOM   334  C CA  . LYS A 1 43 ? 0.238   -3.849  6.656   1.00 15.04 ? 43  LYS A CA  1 
ATOM   335  C C   . LYS A 1 43 ? 0.611   -3.339  8.040   1.00 14.99 ? 43  LYS A C   1 
ATOM   336  O O   . LYS A 1 43 ? 0.416   -2.161  8.355   1.00 13.64 ? 43  LYS A O   1 
ATOM   337  C CB  . LYS A 1 43 ? 1.277   -3.396  5.625   1.00 19.10 ? 43  LYS A CB  1 
ATOM   338  C CG  . LYS A 1 43 ? 1.907   -4.527  4.821   1.00 31.00 ? 43  LYS A CG  1 
ATOM   339  C CD  . LYS A 1 43 ? 2.823   -5.377  5.688   1.00 33.16 ? 43  LYS A CD  1 
ATOM   340  C CE  . LYS A 1 43 ? 3.565   -6.418  4.866   1.00 39.06 ? 43  LYS A CE  1 
ATOM   341  N NZ  . LYS A 1 43 ? 4.577   -7.148  5.681   1.00 39.03 ? 43  LYS A NZ  1 
ATOM   342  N N   . LEU A 1 44 ? 1.107   -4.246  8.875   1.00 14.26 ? 44  LEU A N   1 
ATOM   343  C CA  . LEU A 1 44 ? 1.536   -3.893  10.225  1.00 15.74 ? 44  LEU A CA  1 
ATOM   344  C C   . LEU A 1 44 ? 3.056   -3.924  10.208  1.00 15.10 ? 44  LEU A C   1 
ATOM   345  O O   . LEU A 1 44 ? 3.664   -4.944  9.880   1.00 15.50 ? 44  LEU A O   1 
ATOM   346  C CB  . LEU A 1 44 ? 1.010   -4.903  11.249  1.00 16.81 ? 44  LEU A CB  1 
ATOM   347  C CG  . LEU A 1 44 ? 1.399   -4.618  12.703  1.00 17.09 ? 44  LEU A CG  1 
ATOM   348  C CD1 . LEU A 1 44 ? 0.731   -3.335  13.166  1.00 15.52 ? 44  LEU A CD1 1 
ATOM   349  C CD2 . LEU A 1 44 ? 0.983   -5.786  13.584  1.00 22.11 ? 44  LEU A CD2 1 
ATOM   350  N N   . VAL A 1 45 ? 3.667   -2.798  10.549  1.00 13.43 ? 45  VAL A N   1 
ATOM   351  C CA  . VAL A 1 45 ? 5.118   -2.702  10.546  1.00 14.23 ? 45  VAL A CA  1 
ATOM   352  C C   . VAL A 1 45 ? 5.614   -2.050  11.827  1.00 13.30 ? 45  VAL A C   1 
ATOM   353  O O   . VAL A 1 45 ? 4.984   -1.126  12.346  1.00 12.93 ? 45  VAL A O   1 
ATOM   354  C CB  . VAL A 1 45 ? 5.610   -1.867  9.340   1.00 13.55 ? 45  VAL A CB  1 
ATOM   355  C CG1 . VAL A 1 45 ? 7.132   -1.883  9.270   1.00 16.63 ? 45  VAL A CG1 1 
ATOM   356  C CG2 . VAL A 1 45 ? 5.014   -2.416  8.054   1.00 18.98 ? 45  VAL A CG2 1 
ATOM   357  N N   . THR A 1 46 ? 6.738   -2.547  12.338  1.00 13.84 ? 46  THR A N   1 
ATOM   358  C CA  . THR A 1 46 ? 7.339   -1.998  13.546  1.00 13.16 ? 46  THR A CA  1 
ATOM   359  C C   . THR A 1 46 ? 8.500   -1.098  13.146  1.00 13.67 ? 46  THR A C   1 
ATOM   360  O O   . THR A 1 46 ? 9.348   -1.484  12.341  1.00 14.75 ? 46  THR A O   1 
ATOM   361  C CB  . THR A 1 46 ? 7.875   -3.107  14.469  1.00 15.67 ? 46  THR A CB  1 
ATOM   362  O OG1 . THR A 1 46 ? 6.781   -3.892  14.955  1.00 17.71 ? 46  THR A OG1 1 
ATOM   363  C CG2 . THR A 1 46 ? 8.627   -2.495  15.654  1.00 16.84 ? 46  THR A CG2 1 
ATOM   364  N N   . PHE A 1 47 ? 8.532   0.099   13.724  1.00 12.06 ? 47  PHE A N   1 
ATOM   365  C CA  . PHE A 1 47 ? 9.567   1.090   13.436  1.00 11.82 ? 47  PHE A CA  1 
ATOM   366  C C   . PHE A 1 47 ? 10.198  1.597   14.720  1.00 11.51 ? 47  PHE A C   1 
ATOM   367  O O   . PHE A 1 47 ? 9.590   1.533   15.785  1.00 12.96 ? 47  PHE A O   1 
ATOM   368  C CB  . PHE A 1 47 ? 8.956   2.319   12.767  1.00 10.82 ? 47  PHE A CB  1 
ATOM   369  C CG  . PHE A 1 47 ? 8.287   2.043   11.463  1.00 11.85 ? 47  PHE A CG  1 
ATOM   370  C CD1 . PHE A 1 47 ? 9.012   2.081   10.280  1.00 14.02 ? 47  PHE A CD1 1 
ATOM   371  C CD2 . PHE A 1 47 ? 6.924   1.775   11.415  1.00 10.85 ? 47  PHE A CD2 1 
ATOM   372  C CE1 . PHE A 1 47 ? 8.388   1.861   9.060   1.00 14.12 ? 47  PHE A CE1 1 
ATOM   373  C CE2 . PHE A 1 47 ? 6.290   1.552   10.199  1.00 13.00 ? 47  PHE A CE2 1 
ATOM   374  C CZ  . PHE A 1 47 ? 7.025   1.595   9.019   1.00 13.87 ? 47  PHE A CZ  1 
ATOM   375  N N   . ARG A 1 48 ? 11.417  2.116   14.611  1.00 12.16 ? 48  ARG A N   1 
ATOM   376  C CA  . ARG A 1 48 ? 12.055  2.724   15.766  1.00 11.54 ? 48  ARG A CA  1 
ATOM   377  C C   . ARG A 1 48 ? 11.325  4.067   15.806  1.00 11.07 ? 48  ARG A C   1 
ATOM   378  O O   . ARG A 1 48 ? 10.905  4.571   14.765  1.00 10.49 ? 48  ARG A O   1 
ATOM   379  C CB  . ARG A 1 48 ? 13.548  2.954   15.519  1.00 14.47 ? 48  ARG A CB  1 
ATOM   380  C CG  . ARG A 1 48 ? 14.350  1.697   15.264  1.00 23.08 ? 48  ARG A CG  1 
ATOM   381  C CD  . ARG A 1 48 ? 15.840  1.988   15.348  1.00 29.88 ? 48  ARG A CD  1 
ATOM   382  N NE  . ARG A 1 48 ? 16.637  0.967   14.677  1.00 43.52 ? 48  ARG A NE  1 
ATOM   383  C CZ  . ARG A 1 48 ? 16.743  0.856   13.357  1.00 48.21 ? 48  ARG A CZ  1 
ATOM   384  N NH1 . ARG A 1 48 ? 16.103  1.706   12.564  1.00 47.96 ? 48  ARG A NH1 1 
ATOM   385  N NH2 . ARG A 1 48 ? 17.490  -0.104  12.827  1.00 54.03 ? 48  ARG A NH2 1 
ATOM   386  N N   . LEU A 1 49 ? 11.158  4.649   16.985  1.00 9.76  ? 49  LEU A N   1 
ATOM   387  C CA  . LEU A 1 49 ? 10.458  5.922   17.081  1.00 10.94 ? 49  LEU A CA  1 
ATOM   388  C C   . LEU A 1 49 ? 11.078  7.009   16.196  1.00 10.82 ? 49  LEU A C   1 
ATOM   389  O O   . LEU A 1 49 ? 10.365  7.867   15.673  1.00 10.69 ? 49  LEU A O   1 
ATOM   390  C CB  . LEU A 1 49 ? 10.398  6.378   18.543  1.00 11.43 ? 49  LEU A CB  1 
ATOM   391  C CG  . LEU A 1 49 ? 9.395   5.598   19.403  1.00 14.81 ? 49  LEU A CG  1 
ATOM   392  C CD1 . LEU A 1 49 ? 9.491   6.037   20.861  1.00 15.91 ? 49  LEU A CD1 1 
ATOM   393  C CD2 . LEU A 1 49 ? 7.984   5.836   18.876  1.00 14.59 ? 49  LEU A CD2 1 
ATOM   394  N N   . SER A 1 50 ? 12.394  6.948   16.008  1.00 9.83  ? 50  SER A N   1 
ATOM   395  C CA  . SER A 1 50 ? 13.104  7.931   15.187  1.00 10.69 ? 50  SER A CA  1 
ATOM   396  C C   . SER A 1 50 ? 12.775  7.857   13.690  1.00 11.85 ? 50  SER A C   1 
ATOM   397  O O   . SER A 1 50 ? 13.261  8.669   12.900  1.00 11.29 ? 50  SER A O   1 
ATOM   398  C CB  . SER A 1 50 ? 14.619  7.792   15.394  1.00 13.40 ? 50  SER A CB  1 
ATOM   399  O OG  . SER A 1 50 ? 15.071  6.501   15.036  1.00 15.09 ? 50  SER A OG  1 
ATOM   400  N N   . GLU A 1 51 ? 11.958  6.882   13.302  1.00 10.60 ? 51  GLU A N   1 
ATOM   401  C CA  . GLU A 1 51 ? 11.552  6.731   11.903  1.00 11.35 ? 51  GLU A CA  1 
ATOM   402  C C   . GLU A 1 51 ? 10.126  7.242   11.734  1.00 11.07 ? 51  GLU A C   1 
ATOM   403  O O   . GLU A 1 51 ? 9.557   7.172   10.645  1.00 9.01  ? 51  GLU A O   1 
ATOM   404  C CB  . GLU A 1 51 ? 11.577  5.257   11.488  1.00 11.14 ? 51  GLU A CB  1 
ATOM   405  C CG  . GLU A 1 51 ? 12.944  4.614   11.427  1.00 13.15 ? 51  GLU A CG  1 
ATOM   406  C CD  . GLU A 1 51 ? 12.850  3.153   11.032  1.00 16.75 ? 51  GLU A CD  1 
ATOM   407  O OE1 . GLU A 1 51 ? 12.544  2.319   11.905  1.00 17.87 ? 51  GLU A OE1 1 
ATOM   408  O OE2 . GLU A 1 51 ? 13.063  2.844   9.841   1.00 19.67 ? 51  GLU A OE2 1 
ATOM   409  N N   . LEU A 1 52 ? 9.552   7.760   12.815  1.00 10.00 ? 52  LEU A N   1 
ATOM   410  C CA  . LEU A 1 52 ? 8.169   8.238   12.791  1.00 9.54  ? 52  LEU A CA  1 
ATOM   411  C C   . LEU A 1 52 ? 7.992   9.639   13.359  1.00 10.18 ? 52  LEU A C   1 
ATOM   412  O O   . LEU A 1 52 ? 8.689   10.033  14.285  1.00 11.51 ? 52  LEU A O   1 
ATOM   413  C CB  . LEU A 1 52 ? 7.288   7.297   13.611  1.00 9.70  ? 52  LEU A CB  1 
ATOM   414  C CG  . LEU A 1 52 ? 7.331   5.801   13.309  1.00 8.07  ? 52  LEU A CG  1 
ATOM   415  C CD1 . LEU A 1 52 ? 6.642   5.031   14.439  1.00 8.28  ? 52  LEU A CD1 1 
ATOM   416  C CD2 . LEU A 1 52 ? 6.649   5.536   11.979  1.00 8.05  ? 52  LEU A CD2 1 
ATOM   417  N N   . GLU A 1 53 ? 7.047   10.386  12.801  1.00 12.30 ? 53  GLU A N   1 
ATOM   418  C CA  . GLU A 1 53 ? 6.746   11.722  13.302  1.00 12.80 ? 53  GLU A CA  1 
ATOM   419  C C   . GLU A 1 53 ? 5.236   11.811  13.455  1.00 13.26 ? 53  GLU A C   1 
ATOM   420  O O   . GLU A 1 53 ? 4.486   11.298  12.624  1.00 13.22 ? 53  GLU A O   1 
ATOM   421  C CB  . GLU A 1 53 ? 7.246   12.810  12.343  1.00 13.74 ? 53  GLU A CB  1 
ATOM   422  C CG  . GLU A 1 53 ? 6.559   12.811  10.989  1.00 14.61 ? 53  GLU A CG  1 
ATOM   423  C CD  . GLU A 1 53 ? 7.065   13.906  10.069  1.00 15.44 ? 53  GLU A CD  1 
ATOM   424  O OE1 . GLU A 1 53 ? 8.012   14.629  10.445  1.00 13.10 ? 53  GLU A OE1 1 
ATOM   425  O OE2 . GLU A 1 53 ? 6.508   14.043  8.960   1.00 15.76 ? 53  GLU A OE2 1 
ATOM   426  N N   . ALA A 1 54 ? 4.793   12.454  14.528  1.00 14.72 ? 54  ALA A N   1 
ATOM   427  C CA  . ALA A 1 54 ? 3.368   12.600  14.787  1.00 16.85 ? 54  ALA A CA  1 
ATOM   428  C C   . ALA A 1 54 ? 2.726   13.579  13.816  1.00 19.06 ? 54  ALA A C   1 
ATOM   429  O O   . ALA A 1 54 ? 3.331   14.588  13.446  1.00 18.88 ? 54  ALA A O   1 
ATOM   430  C CB  . ALA A 1 54 ? 3.147   13.069  16.224  1.00 17.66 ? 54  ALA A CB  1 
ATOM   431  N N   . VAL A 1 55 ? 1.499   13.272  13.408  1.00 20.79 ? 55  VAL A N   1 
ATOM   432  C CA  . VAL A 1 55 ? 0.749   14.119  12.490  1.00 24.97 ? 55  VAL A CA  1 
ATOM   433  C C   . VAL A 1 55 ? -0.728  14.101  12.878  1.00 27.15 ? 55  VAL A C   1 
ATOM   434  O O   . VAL A 1 55 ? -1.160  13.263  13.670  1.00 27.00 ? 55  VAL A O   1 
ATOM   435  C CB  . VAL A 1 55 ? 0.893   13.636  11.028  1.00 25.85 ? 55  VAL A CB  1 
ATOM   436  C CG1 . VAL A 1 55 ? 2.346   13.743  10.589  1.00 25.23 ? 55  VAL A CG1 1 
ATOM   437  C CG2 . VAL A 1 55 ? 0.405   12.208  10.895  1.00 26.92 ? 55  VAL A CG2 1 
ATOM   438  N N   . LYS A 1 56 ? -1.498  15.031  12.326  1.00 31.79 ? 56  LYS A N   1 
ATOM   439  C CA  . LYS A 1 56 ? -2.926  15.095  12.618  1.00 35.95 ? 56  LYS A CA  1 
ATOM   440  C C   . LYS A 1 56 ? -3.637  13.917  11.953  1.00 37.66 ? 56  LYS A C   1 
ATOM   441  O O   . LYS A 1 56 ? -3.260  13.492  10.862  1.00 38.96 ? 56  LYS A O   1 
ATOM   442  C CB  . LYS A 1 56 ? -3.504  16.422  12.125  1.00 37.52 ? 56  LYS A CB  1 
ATOM   443  C CG  . LYS A 1 56 ? -2.914  17.632  12.835  1.00 40.25 ? 56  LYS A CG  1 
ATOM   444  C CD  . LYS A 1 56 ? -3.537  18.929  12.358  1.00 45.59 ? 56  LYS A CD  1 
ATOM   445  C CE  . LYS A 1 56 ? -2.930  20.122  13.081  1.00 46.23 ? 56  LYS A CE  1 
ATOM   446  N NZ  . LYS A 1 56 ? -3.545  21.404  12.639  1.00 51.70 ? 56  LYS A NZ  1 
ATOM   447  N N   . PRO A 1 57 ? -4.667  13.365  12.614  1.00 38.95 ? 57  PRO A N   1 
ATOM   448  C CA  . PRO A 1 57 ? -5.433  12.227  12.089  1.00 39.85 ? 57  PRO A CA  1 
ATOM   449  C C   . PRO A 1 57 ? -5.828  12.361  10.614  1.00 40.79 ? 57  PRO A C   1 
ATOM   450  O O   . PRO A 1 57 ? -5.788  13.495  10.086  1.00 41.49 ? 57  PRO A O   1 
ATOM   451  C CB  . PRO A 1 57 ? -6.651  12.187  13.007  1.00 39.97 ? 57  PRO A CB  1 
ATOM   452  C CG  . PRO A 1 57 ? -6.100  12.657  14.312  1.00 39.41 ? 57  PRO A CG  1 
ATOM   453  C CD  . PRO A 1 57 ? -5.210  13.813  13.909  1.00 39.55 ? 57  PRO A CD  1 
ATOM   454  N N   . ILE B 1 2  ? -7.539  -3.968  -22.566 1.00 26.62 ? 2   ILE B N   1 
ATOM   455  C CA  . ILE B 1 2  ? -6.365  -4.060  -21.653 1.00 25.66 ? 2   ILE B CA  1 
ATOM   456  C C   . ILE B 1 2  ? -5.130  -4.553  -22.402 1.00 24.84 ? 2   ILE B C   1 
ATOM   457  O O   . ILE B 1 2  ? -5.134  -5.627  -22.999 1.00 26.29 ? 2   ILE B O   1 
ATOM   458  C CB  . ILE B 1 2  ? -6.676  -4.997  -20.465 1.00 27.03 ? 2   ILE B CB  1 
ATOM   459  C CG1 . ILE B 1 2  ? -7.799  -4.387  -19.622 1.00 27.70 ? 2   ILE B CG1 1 
ATOM   460  C CG2 . ILE B 1 2  ? -5.429  -5.208  -19.613 1.00 24.95 ? 2   ILE B CG2 1 
ATOM   461  C CD1 . ILE B 1 2  ? -8.233  -5.233  -18.448 1.00 30.10 ? 2   ILE B CD1 1 
ATOM   462  N N   . PHE B 1 3  ? -4.072  -3.748  -22.358 1.00 23.25 ? 3   PHE B N   1 
ATOM   463  C CA  . PHE B 1 3  ? -2.813  -4.040  -23.040 1.00 21.00 ? 3   PHE B CA  1 
ATOM   464  C C   . PHE B 1 3  ? -1.675  -3.474  -22.190 1.00 18.66 ? 3   PHE B C   1 
ATOM   465  O O   . PHE B 1 3  ? -1.917  -2.669  -21.295 1.00 16.02 ? 3   PHE B O   1 
ATOM   466  C CB  . PHE B 1 3  ? -2.802  -3.332  -24.391 1.00 24.02 ? 3   PHE B CB  1 
ATOM   467  C CG  . PHE B 1 3  ? -3.077  -1.855  -24.288 1.00 27.16 ? 3   PHE B CG  1 
ATOM   468  C CD1 . PHE B 1 3  ? -4.369  -1.389  -24.058 1.00 26.91 ? 3   PHE B CD1 1 
ATOM   469  C CD2 . PHE B 1 3  ? -2.038  -0.932  -24.369 1.00 31.00 ? 3   PHE B CD2 1 
ATOM   470  C CE1 . PHE B 1 3  ? -4.624  -0.028  -23.909 1.00 29.91 ? 3   PHE B CE1 1 
ATOM   471  C CE2 . PHE B 1 3  ? -2.282  0.432   -24.220 1.00 32.11 ? 3   PHE B CE2 1 
ATOM   472  C CZ  . PHE B 1 3  ? -3.577  0.884   -23.990 1.00 31.24 ? 3   PHE B CZ  1 
ATOM   473  N N   . PRO B 1 4  ? -0.423  -3.885  -22.459 1.00 17.31 ? 4   PRO B N   1 
ATOM   474  C CA  . PRO B 1 4  ? 0.692   -3.351  -21.667 1.00 17.52 ? 4   PRO B CA  1 
ATOM   475  C C   . PRO B 1 4  ? 0.748   -1.831  -21.813 1.00 17.49 ? 4   PRO B C   1 
ATOM   476  O O   . PRO B 1 4  ? 0.780   -1.309  -22.930 1.00 18.42 ? 4   PRO B O   1 
ATOM   477  C CB  . PRO B 1 4  ? 1.907   -4.042  -22.277 1.00 18.95 ? 4   PRO B CB  1 
ATOM   478  C CG  . PRO B 1 4  ? 1.351   -5.373  -22.688 1.00 19.84 ? 4   PRO B CG  1 
ATOM   479  C CD  . PRO B 1 4  ? 0.031   -4.989  -23.325 1.00 18.36 ? 4   PRO B CD  1 
ATOM   480  N N   . GLY B 1 5  ? 0.755   -1.127  -20.687 1.00 15.84 ? 5   GLY B N   1 
ATOM   481  C CA  . GLY B 1 5  ? 0.788   0.322   -20.722 1.00 16.87 ? 5   GLY B CA  1 
ATOM   482  C C   . GLY B 1 5  ? -0.537  0.918   -20.296 1.00 15.97 ? 5   GLY B C   1 
ATOM   483  O O   . GLY B 1 5  ? -0.622  2.097   -19.954 1.00 17.06 ? 5   GLY B O   1 
ATOM   484  N N   . ALA B 1 6  ? -1.586  0.104   -20.319 1.00 16.04 ? 6   ALA B N   1 
ATOM   485  C CA  . ALA B 1 6  ? -2.897  0.583   -19.908 1.00 14.48 ? 6   ALA B CA  1 
ATOM   486  C C   . ALA B 1 6  ? -2.944  0.707   -18.391 1.00 15.28 ? 6   ALA B C   1 
ATOM   487  O O   . ALA B 1 6  ? -2.218  0.008   -17.677 1.00 14.22 ? 6   ALA B O   1 
ATOM   488  C CB  . ALA B 1 6  ? -3.980  -0.381  -20.383 1.00 17.08 ? 6   ALA B CB  1 
ATOM   489  N N   . THR B 1 7  ? -3.783  1.616   -17.905 1.00 12.35 ? 7   THR B N   1 
ATOM   490  C CA  . THR B 1 7  ? -3.961  1.795   -16.472 1.00 13.91 ? 7   THR B CA  1 
ATOM   491  C C   . THR B 1 7  ? -5.253  1.057   -16.149 1.00 13.18 ? 7   THR B C   1 
ATOM   492  O O   . THR B 1 7  ? -6.252  1.215   -16.848 1.00 13.06 ? 7   THR B O   1 
ATOM   493  C CB  . THR B 1 7  ? -4.105  3.285   -16.099 1.00 15.96 ? 7   THR B CB  1 
ATOM   494  O OG1 . THR B 1 7  ? -2.877  3.968   -16.386 1.00 18.55 ? 7   THR B OG1 1 
ATOM   495  C CG2 . THR B 1 7  ? -4.424  3.439   -14.616 1.00 17.23 ? 7   THR B CG2 1 
ATOM   496  N N   . VAL B 1 8  ? -5.226  0.225   -15.112 1.00 11.77 ? 8   VAL B N   1 
ATOM   497  C CA  . VAL B 1 8  ? -6.414  -0.534  -14.741 1.00 12.54 ? 8   VAL B CA  1 
ATOM   498  C C   . VAL B 1 8  ? -6.745  -0.392  -13.270 1.00 13.34 ? 8   VAL B C   1 
ATOM   499  O O   . VAL B 1 8  ? -5.878  -0.100  -12.447 1.00 13.17 ? 8   VAL B O   1 
ATOM   500  C CB  . VAL B 1 8  ? -6.247  -2.045  -15.037 1.00 12.96 ? 8   VAL B CB  1 
ATOM   501  C CG1 . VAL B 1 8  ? -6.123  -2.278  -16.532 1.00 13.90 ? 8   VAL B CG1 1 
ATOM   502  C CG2 . VAL B 1 8  ? -5.025  -2.583  -14.306 1.00 13.58 ? 8   VAL B CG2 1 
ATOM   503  N N   . ARG B 1 9  ? -8.016  -0.609  -12.952 1.00 11.83 ? 9   ARG B N   1 
ATOM   504  C CA  . ARG B 1 9  ? -8.512  -0.543  -11.583 1.00 12.86 ? 9   ARG B CA  1 
ATOM   505  C C   . ARG B 1 9  ? -9.008  -1.951  -11.256 1.00 11.92 ? 9   ARG B C   1 
ATOM   506  O O   . ARG B 1 9  ? -9.653  -2.588  -12.085 1.00 11.45 ? 9   ARG B O   1 
ATOM   507  C CB  . ARG B 1 9  ? -9.671  0.457   -11.505 1.00 14.11 ? 9   ARG B CB  1 
ATOM   508  C CG  . ARG B 1 9  ? -10.262 0.667   -10.117 1.00 19.06 ? 9   ARG B CG  1 
ATOM   509  C CD  . ARG B 1 9  ? -11.509 1.544   -10.221 1.00 26.99 ? 9   ARG B CD  1 
ATOM   510  N NE  . ARG B 1 9  ? -12.054 1.947   -8.927  1.00 33.14 ? 9   ARG B NE  1 
ATOM   511  C CZ  . ARG B 1 9  ? -11.553 2.920   -8.170  1.00 38.97 ? 9   ARG B CZ  1 
ATOM   512  N NH1 . ARG B 1 9  ? -10.487 3.597   -8.575  1.00 40.02 ? 9   ARG B NH1 1 
ATOM   513  N NH2 . ARG B 1 9  ? -12.126 3.223   -7.012  1.00 42.51 ? 9   ARG B NH2 1 
ATOM   514  N N   . VAL B 1 10 ? -8.689  -2.448  -10.068 1.00 10.15 ? 10  VAL B N   1 
ATOM   515  C CA  . VAL B 1 10 ? -9.120  -3.786  -9.670  1.00 11.09 ? 10  VAL B CA  1 
ATOM   516  C C   . VAL B 1 10 ? -10.586 -3.736  -9.252  1.00 11.16 ? 10  VAL B C   1 
ATOM   517  O O   . VAL B 1 10 ? -10.956 -2.960  -8.372  1.00 11.73 ? 10  VAL B O   1 
ATOM   518  C CB  . VAL B 1 10 ? -8.263  -4.307  -8.503  1.00 10.46 ? 10  VAL B CB  1 
ATOM   519  C CG1 . VAL B 1 10 ? -8.744  -5.681  -8.067  1.00 12.31 ? 10  VAL B CG1 1 
ATOM   520  C CG2 . VAL B 1 10 ? -6.798  -4.362  -8.928  1.00 9.98  ? 10  VAL B CG2 1 
ATOM   521  N N   . THR B 1 11 ? -11.409 -4.569  -9.883  1.00 12.59 ? 11  THR B N   1 
ATOM   522  C CA  . THR B 1 11 ? -12.840 -4.586  -9.606  1.00 14.15 ? 11  THR B CA  1 
ATOM   523  C C   . THR B 1 11 ? -13.343 -5.767  -8.776  1.00 13.31 ? 11  THR B C   1 
ATOM   524  O O   . THR B 1 11 ? -14.535 -5.837  -8.458  1.00 13.00 ? 11  THR B O   1 
ATOM   525  C CB  . THR B 1 11 ? -13.635 -4.539  -10.925 1.00 14.57 ? 11  THR B CB  1 
ATOM   526  O OG1 . THR B 1 11 ? -13.338 -5.704  -11.703 1.00 17.79 ? 11  THR B OG1 1 
ATOM   527  C CG2 . THR B 1 11 ? -13.255 -3.299  -11.725 1.00 19.32 ? 11  THR B CG2 1 
ATOM   528  N N   . ASN B 1 12 ? -12.451 -6.690  -8.428  1.00 12.68 ? 12  ASN B N   1 
ATOM   529  C CA  . ASN B 1 12 ? -12.826 -7.856  -7.626  1.00 12.29 ? 12  ASN B CA  1 
ATOM   530  C C   . ASN B 1 12 ? -12.965 -7.418  -6.164  1.00 13.08 ? 12  ASN B C   1 
ATOM   531  O O   . ASN B 1 12 ? -11.976 -7.093  -5.509  1.00 11.28 ? 12  ASN B O   1 
ATOM   532  C CB  . ASN B 1 12 ? -11.753 -8.942  -7.747  1.00 15.18 ? 12  ASN B CB  1 
ATOM   533  C CG  . ASN B 1 12 ? -12.127 -10.216 -7.014  1.00 17.77 ? 12  ASN B CG  1 
ATOM   534  O OD1 . ASN B 1 12 ? -12.935 -10.197 -6.088  1.00 17.69 ? 12  ASN B OD1 1 
ATOM   535  N ND2 . ASN B 1 12 ? -11.531 -11.330 -7.420  1.00 22.55 ? 12  ASN B ND2 1 
ATOM   536  N N   . VAL B 1 13 ? -14.196 -7.416  -5.660  1.00 11.09 ? 13  VAL B N   1 
ATOM   537  C CA  . VAL B 1 13 ? -14.472 -6.984  -4.290  1.00 13.09 ? 13  VAL B CA  1 
ATOM   538  C C   . VAL B 1 13 ? -13.808 -7.796  -3.179  1.00 12.56 ? 13  VAL B C   1 
ATOM   539  O O   . VAL B 1 13 ? -13.701 -7.317  -2.046  1.00 14.05 ? 13  VAL B O   1 
ATOM   540  C CB  . VAL B 1 13 ? -15.995 -6.949  -4.016  1.00 13.60 ? 13  VAL B CB  1 
ATOM   541  C CG1 . VAL B 1 13 ? -16.668 -5.967  -4.967  1.00 16.05 ? 13  VAL B CG1 1 
ATOM   542  C CG2 . VAL B 1 13 ? -16.588 -8.337  -4.173  1.00 15.74 ? 13  VAL B CG2 1 
ATOM   543  N N   . ASP B 1 14 ? -13.371 -9.015  -3.489  1.00 12.49 ? 14  ASP B N   1 
ATOM   544  C CA  . ASP B 1 14 ? -12.725 -9.868  -2.488  1.00 14.49 ? 14  ASP B CA  1 
ATOM   545  C C   . ASP B 1 14 ? -11.210 -9.772  -2.511  1.00 14.36 ? 14  ASP B C   1 
ATOM   546  O O   . ASP B 1 14 ? -10.529 -10.431 -1.722  1.00 13.86 ? 14  ASP B O   1 
ATOM   547  C CB  . ASP B 1 14 ? -13.093 -11.338 -2.695  1.00 16.94 ? 14  ASP B CB  1 
ATOM   548  C CG  . ASP B 1 14 ? -14.537 -11.634 -2.373  1.00 20.16 ? 14  ASP B CG  1 
ATOM   549  O OD1 . ASP B 1 14 ? -15.131 -10.893 -1.568  1.00 22.17 ? 14  ASP B OD1 1 
ATOM   550  O OD2 . ASP B 1 14 ? -15.071 -12.624 -2.919  1.00 26.05 ? 14  ASP B OD2 1 
ATOM   551  N N   . ASP B 1 15 ? -10.678 -8.955  -3.409  1.00 11.88 ? 15  ASP B N   1 
ATOM   552  C CA  . ASP B 1 15 ? -9.235  -8.840  -3.543  1.00 13.76 ? 15  ASP B CA  1 
ATOM   553  C C   . ASP B 1 15 ? -8.583  -7.818  -2.625  1.00 11.44 ? 15  ASP B C   1 
ATOM   554  O O   . ASP B 1 15 ? -9.157  -6.775  -2.306  1.00 11.21 ? 15  ASP B O   1 
ATOM   555  C CB  . ASP B 1 15 ? -8.879  -8.506  -4.992  1.00 12.75 ? 15  ASP B CB  1 
ATOM   556  C CG  . ASP B 1 15 ? -7.440  -8.840  -5.328  1.00 19.89 ? 15  ASP B CG  1 
ATOM   557  O OD1 . ASP B 1 15 ? -7.179  -9.983  -5.758  1.00 22.39 ? 15  ASP B OD1 1 
ATOM   558  O OD2 . ASP B 1 15 ? -6.568  -7.967  -5.152  1.00 18.46 ? 15  ASP B OD2 1 
ATOM   559  N N   . THR B 1 16 ? -7.360  -8.134  -2.217  1.00 11.15 ? 16  THR B N   1 
ATOM   560  C CA  . THR B 1 16 ? -6.574  -7.261  -1.358  1.00 11.93 ? 16  THR B CA  1 
ATOM   561  C C   . THR B 1 16 ? -6.446  -5.885  -2.006  1.00 11.73 ? 16  THR B C   1 
ATOM   562  O O   . THR B 1 16 ? -6.488  -4.858  -1.328  1.00 11.49 ? 16  THR B O   1 
ATOM   563  C CB  . THR B 1 16 ? -5.156  -7.832  -1.169  1.00 11.82 ? 16  THR B CB  1 
ATOM   564  O OG1 . THR B 1 16 ? -5.238  -9.094  -0.498  1.00 13.20 ? 16  THR B OG1 1 
ATOM   565  C CG2 . THR B 1 16 ? -4.285  -6.869  -0.365  1.00 14.58 ? 16  THR B CG2 1 
ATOM   566  N N   . TYR B 1 17 ? -6.303  -5.872  -3.327  1.00 11.71 ? 17  TYR B N   1 
ATOM   567  C CA  . TYR B 1 17 ? -6.127  -4.623  -4.056  1.00 10.19 ? 17  TYR B CA  1 
ATOM   568  C C   . TYR B 1 17 ? -7.378  -4.042  -4.705  1.00 8.79  ? 17  TYR B C   1 
ATOM   569  O O   . TYR B 1 17 ? -7.285  -3.267  -5.649  1.00 9.80  ? 17  TYR B O   1 
ATOM   570  C CB  . TYR B 1 17 ? -5.036  -4.811  -5.110  1.00 11.84 ? 17  TYR B CB  1 
ATOM   571  C CG  . TYR B 1 17 ? -3.721  -5.247  -4.504  1.00 13.26 ? 17  TYR B CG  1 
ATOM   572  C CD1 . TYR B 1 17 ? -2.928  -4.347  -3.794  1.00 16.69 ? 17  TYR B CD1 1 
ATOM   573  C CD2 . TYR B 1 17 ? -3.289  -6.566  -4.611  1.00 15.25 ? 17  TYR B CD2 1 
ATOM   574  C CE1 . TYR B 1 17 ? -1.733  -4.751  -3.201  1.00 18.48 ? 17  TYR B CE1 1 
ATOM   575  C CE2 . TYR B 1 17 ? -2.098  -6.982  -4.024  1.00 18.85 ? 17  TYR B CE2 1 
ATOM   576  C CZ  . TYR B 1 17 ? -1.328  -6.071  -3.325  1.00 19.64 ? 17  TYR B CZ  1 
ATOM   577  O OH  . TYR B 1 17 ? -0.146  -6.484  -2.756  1.00 25.51 ? 17  TYR B OH  1 
ATOM   578  N N   . TYR B 1 18 ? -8.547  -4.407  -4.192  1.00 10.30 ? 18  TYR B N   1 
ATOM   579  C CA  . TYR B 1 18 ? -9.798  -3.884  -4.727  1.00 11.22 ? 18  TYR B CA  1 
ATOM   580  C C   . TYR B 1 18 ? -9.765  -2.351  -4.752  1.00 12.14 ? 18  TYR B C   1 
ATOM   581  O O   . TYR B 1 18 ? -9.447  -1.709  -3.749  1.00 13.01 ? 18  TYR B O   1 
ATOM   582  C CB  . TYR B 1 18 ? -10.962 -4.383  -3.866  1.00 10.44 ? 18  TYR B CB  1 
ATOM   583  C CG  . TYR B 1 18 ? -12.310 -3.803  -4.217  1.00 12.31 ? 18  TYR B CG  1 
ATOM   584  C CD1 . TYR B 1 18 ? -12.799 -3.850  -5.524  1.00 13.09 ? 18  TYR B CD1 1 
ATOM   585  C CD2 . TYR B 1 18 ? -13.108 -3.222  -3.234  1.00 13.75 ? 18  TYR B CD2 1 
ATOM   586  C CE1 . TYR B 1 18 ? -14.055 -3.330  -5.839  1.00 16.95 ? 18  TYR B CE1 1 
ATOM   587  C CE2 . TYR B 1 18 ? -14.358 -2.704  -3.537  1.00 16.43 ? 18  TYR B CE2 1 
ATOM   588  C CZ  . TYR B 1 18 ? -14.827 -2.760  -4.835  1.00 17.22 ? 18  TYR B CZ  1 
ATOM   589  O OH  . TYR B 1 18 ? -16.071 -2.243  -5.119  1.00 17.81 ? 18  TYR B OH  1 
ATOM   590  N N   . ARG B 1 19 ? -10.088 -1.781  -5.911  1.00 11.27 ? 19  ARG B N   1 
ATOM   591  C CA  . ARG B 1 19 ? -10.111 -0.332  -6.131  1.00 12.74 ? 19  ARG B CA  1 
ATOM   592  C C   . ARG B 1 19 ? -8.743  0.314   -6.375  1.00 12.13 ? 19  ARG B C   1 
ATOM   593  O O   . ARG B 1 19 ? -8.669  1.507   -6.674  1.00 12.22 ? 19  ARG B O   1 
ATOM   594  C CB  . ARG B 1 19 ? -10.817 0.400   -4.981  1.00 14.03 ? 19  ARG B CB  1 
ATOM   595  C CG  . ARG B 1 19 ? -12.303 0.094   -4.848  1.00 19.41 ? 19  ARG B CG  1 
ATOM   596  C CD  . ARG B 1 19 ? -12.991 1.169   -4.017  1.00 22.06 ? 19  ARG B CD  1 
ATOM   597  N NE  . ARG B 1 19 ? -14.396 0.878   -3.744  1.00 27.30 ? 19  ARG B NE  1 
ATOM   598  C CZ  . ARG B 1 19 ? -14.848 0.371   -2.601  1.00 29.23 ? 19  ARG B CZ  1 
ATOM   599  N NH1 . ARG B 1 19 ? -14.004 0.096   -1.615  1.00 28.29 ? 19  ARG B NH1 1 
ATOM   600  N NH2 . ARG B 1 19 ? -16.145 0.147   -2.439  1.00 29.91 ? 19  ARG B NH2 1 
ATOM   601  N N   . PHE B 1 20 ? -7.666  -0.456  -6.236  1.00 11.90 ? 20  PHE B N   1 
ATOM   602  C CA  . PHE B 1 20 ? -6.323  0.069   -6.493  1.00 12.38 ? 20  PHE B CA  1 
ATOM   603  C C   . PHE B 1 20 ? -6.202  0.244   -8.004  1.00 11.79 ? 20  PHE B C   1 
ATOM   604  O O   . PHE B 1 20 ? -6.869  -0.448  -8.769  1.00 11.95 ? 20  PHE B O   1 
ATOM   605  C CB  . PHE B 1 20 ? -5.238  -0.927  -6.059  1.00 11.39 ? 20  PHE B CB  1 
ATOM   606  C CG  . PHE B 1 20 ? -4.777  -0.774  -4.633  1.00 14.08 ? 20  PHE B CG  1 
ATOM   607  C CD1 . PHE B 1 20 ? -3.474  -0.366  -4.353  1.00 14.24 ? 20  PHE B CD1 1 
ATOM   608  C CD2 . PHE B 1 20 ? -5.618  -1.093  -3.573  1.00 14.43 ? 20  PHE B CD2 1 
ATOM   609  C CE1 . PHE B 1 20 ? -3.016  -0.280  -3.038  1.00 14.49 ? 20  PHE B CE1 1 
ATOM   610  C CE2 . PHE B 1 20 ? -5.172  -1.012  -2.255  1.00 14.17 ? 20  PHE B CE2 1 
ATOM   611  C CZ  . PHE B 1 20 ? -3.869  -0.608  -1.986  1.00 13.62 ? 20  PHE B CZ  1 
ATOM   612  N N   . GLU B 1 21 ? -5.351  1.169   -8.434  1.00 11.93 ? 21  GLU B N   1 
ATOM   613  C CA  . GLU B 1 21 ? -5.138  1.373   -9.859  1.00 12.71 ? 21  GLU B CA  1 
ATOM   614  C C   . GLU B 1 21 ? -3.652  1.204   -10.120 1.00 12.60 ? 21  GLU B C   1 
ATOM   615  O O   . GLU B 1 21 ? -2.822  1.731   -9.377  1.00 12.53 ? 21  GLU B O   1 
ATOM   616  C CB  . GLU B 1 21 ? -5.608  2.762   -10.297 1.00 16.00 ? 21  GLU B CB  1 
ATOM   617  C CG  . GLU B 1 21 ? -7.080  3.013   -9.997  1.00 20.58 ? 21  GLU B CG  1 
ATOM   618  C CD  . GLU B 1 21 ? -7.665  4.156   -10.806 1.00 26.07 ? 21  GLU B CD  1 
ATOM   619  O OE1 . GLU B 1 21 ? -6.898  5.049   -11.225 1.00 27.65 ? 21  GLU B OE1 1 
ATOM   620  O OE2 . GLU B 1 21 ? -8.899  4.166   -11.010 1.00 24.16 ? 21  GLU B OE2 1 
ATOM   621  N N   . GLY B 1 22 ? -3.323  0.445   -11.159 1.00 12.99 ? 22  GLY B N   1 
ATOM   622  C CA  . GLY B 1 22 ? -1.932  0.202   -11.490 1.00 13.17 ? 22  GLY B CA  1 
ATOM   623  C C   . GLY B 1 22 ? -1.695  0.168   -12.984 1.00 14.31 ? 22  GLY B C   1 
ATOM   624  O O   . GLY B 1 22 ? -2.619  0.365   -13.772 1.00 12.97 ? 22  GLY B O   1 
ATOM   625  N N   . LEU B 1 23 ? -0.453  -0.097  -13.376 1.00 12.98 ? 23  LEU B N   1 
ATOM   626  C CA  . LEU B 1 23 ? -0.095  -0.134  -14.786 1.00 14.77 ? 23  LEU B CA  1 
ATOM   627  C C   . LEU B 1 23 ? 0.087   -1.569  -15.260 1.00 12.86 ? 23  LEU B C   1 
ATOM   628  O O   . LEU B 1 23 ? 0.773   -2.365  -14.620 1.00 10.82 ? 23  LEU B O   1 
ATOM   629  C CB  . LEU B 1 23 ? 1.199   0.653   -15.007 1.00 17.09 ? 23  LEU B CB  1 
ATOM   630  C CG  . LEU B 1 23 ? 1.535   1.079   -16.438 1.00 25.71 ? 23  LEU B CG  1 
ATOM   631  C CD1 . LEU B 1 23 ? 0.446   2.011   -16.961 1.00 28.50 ? 23  LEU B CD1 1 
ATOM   632  C CD2 . LEU B 1 23 ? 2.885   1.788   -16.452 1.00 30.83 ? 23  LEU B CD2 1 
ATOM   633  N N   . VAL B 1 24 ? -0.527  -1.901  -16.388 1.00 10.67 ? 24  VAL B N   1 
ATOM   634  C CA  . VAL B 1 24 ? -0.408  -3.248  -16.923 1.00 11.27 ? 24  VAL B CA  1 
ATOM   635  C C   . VAL B 1 24 ? 0.970   -3.395  -17.556 1.00 12.69 ? 24  VAL B C   1 
ATOM   636  O O   . VAL B 1 24 ? 1.383   -2.551  -18.348 1.00 13.20 ? 24  VAL B O   1 
ATOM   637  C CB  . VAL B 1 24 ? -1.487  -3.514  -17.988 1.00 11.28 ? 24  VAL B CB  1 
ATOM   638  C CG1 . VAL B 1 24 ? -1.315  -4.910  -18.565 1.00 13.55 ? 24  VAL B CG1 1 
ATOM   639  C CG2 . VAL B 1 24 ? -2.872  -3.355  -17.365 1.00 11.15 ? 24  VAL B CG2 1 
ATOM   640  N N   . GLN B 1 25 ? 1.686   -4.458  -17.204 1.00 12.20 ? 25  GLN B N   1 
ATOM   641  C CA  . GLN B 1 25 ? 3.016   -4.666  -17.767 1.00 14.56 ? 25  GLN B CA  1 
ATOM   642  C C   . GLN B 1 25 ? 3.082   -5.823  -18.751 1.00 14.83 ? 25  GLN B C   1 
ATOM   643  O O   . GLN B 1 25 ? 3.864   -5.793  -19.701 1.00 13.60 ? 25  GLN B O   1 
ATOM   644  C CB  . GLN B 1 25 ? 4.032   -4.889  -16.652 1.00 13.81 ? 25  GLN B CB  1 
ATOM   645  C CG  . GLN B 1 25 ? 4.126   -3.720  -15.689 1.00 16.17 ? 25  GLN B CG  1 
ATOM   646  C CD  . GLN B 1 25 ? 5.332   -3.816  -14.789 1.00 18.01 ? 25  GLN B CD  1 
ATOM   647  O OE1 . GLN B 1 25 ? 5.650   -4.885  -14.272 1.00 19.93 ? 25  GLN B OE1 1 
ATOM   648  N NE2 . GLN B 1 25 ? 6.014   -2.693  -14.594 1.00 17.39 ? 25  GLN B NE2 1 
ATOM   649  N N   . ARG B 1 26 ? 2.267   -6.846  -18.514 1.00 15.30 ? 26  ARG B N   1 
ATOM   650  C CA  . ARG B 1 26 ? 2.228   -8.015  -19.385 1.00 16.13 ? 26  ARG B CA  1 
ATOM   651  C C   . ARG B 1 26 ? 0.813   -8.586  -19.427 1.00 16.28 ? 26  ARG B C   1 
ATOM   652  O O   . ARG B 1 26 ? 0.069   -8.496  -18.451 1.00 14.23 ? 26  ARG B O   1 
ATOM   653  C CB  . ARG B 1 26 ? 3.188   -9.099  -18.873 1.00 19.40 ? 26  ARG B CB  1 
ATOM   654  C CG  . ARG B 1 26 ? 4.669   -8.722  -18.866 1.00 22.48 ? 26  ARG B CG  1 
ATOM   655  C CD  . ARG B 1 26 ? 5.402   -9.235  -20.107 1.00 29.82 ? 26  ARG B CD  1 
ATOM   656  N NE  . ARG B 1 26 ? 6.855   -9.181  -19.941 1.00 29.76 ? 26  ARG B NE  1 
ATOM   657  C CZ  . ARG B 1 26 ? 7.665   -8.363  -20.609 1.00 30.70 ? 26  ARG B CZ  1 
ATOM   658  N NH1 . ARG B 1 26 ? 7.174   -7.517  -21.504 1.00 25.21 ? 26  ARG B NH1 1 
ATOM   659  N NH2 . ARG B 1 26 ? 8.971   -8.388  -20.375 1.00 28.37 ? 26  ARG B NH2 1 
ATOM   660  N N   . VAL B 1 27 ? 0.445   -9.167  -20.566 1.00 15.20 ? 27  VAL B N   1 
ATOM   661  C CA  . VAL B 1 27 ? -0.869  -9.781  -20.724 1.00 16.45 ? 27  VAL B CA  1 
ATOM   662  C C   . VAL B 1 27 ? -0.676  -11.131 -21.402 1.00 17.60 ? 27  VAL B C   1 
ATOM   663  O O   . VAL B 1 27 ? -0.107  -11.206 -22.493 1.00 18.28 ? 27  VAL B O   1 
ATOM   664  C CB  . VAL B 1 27 ? -1.805  -8.923  -21.595 1.00 16.47 ? 27  VAL B CB  1 
ATOM   665  C CG1 . VAL B 1 27 ? -3.137  -9.641  -21.783 1.00 18.63 ? 27  VAL B CG1 1 
ATOM   666  C CG2 . VAL B 1 27 ? -2.026  -7.569  -20.946 1.00 17.98 ? 27  VAL B CG2 1 
ATOM   667  N N   . SER B 1 28 ? -1.141  -12.196 -20.759 1.00 18.24 ? 28  SER B N   1 
ATOM   668  C CA  . SER B 1 28 ? -0.997  -13.533 -21.322 1.00 21.29 ? 28  SER B CA  1 
ATOM   669  C C   . SER B 1 28 ? -1.887  -14.560 -20.630 1.00 20.84 ? 28  SER B C   1 
ATOM   670  O O   . SER B 1 28 ? -2.114  -14.490 -19.425 1.00 21.24 ? 28  SER B O   1 
ATOM   671  C CB  . SER B 1 28 ? 0.464   -13.983 -21.230 1.00 23.83 ? 28  SER B CB  1 
ATOM   672  O OG  . SER B 1 28 ? 0.626   -15.290 -21.750 1.00 31.24 ? 28  SER B OG  1 
ATOM   673  N N   . ASP B 1 29 ? -2.388  -15.513 -21.410 1.00 20.62 ? 29  ASP B N   1 
ATOM   674  C CA  . ASP B 1 29 ? -3.247  -16.577 -20.900 1.00 21.80 ? 29  ASP B CA  1 
ATOM   675  C C   . ASP B 1 29 ? -4.431  -16.088 -20.061 1.00 20.32 ? 29  ASP B C   1 
ATOM   676  O O   . ASP B 1 29 ? -4.753  -16.672 -19.025 1.00 20.84 ? 29  ASP B O   1 
ATOM   677  C CB  . ASP B 1 29 ? -2.415  -17.573 -20.086 1.00 27.53 ? 29  ASP B CB  1 
ATOM   678  C CG  . ASP B 1 29 ? -3.171  -18.852 -19.790 1.00 32.69 ? 29  ASP B CG  1 
ATOM   679  O OD1 . ASP B 1 29 ? -3.747  -19.425 -20.737 1.00 37.89 ? 29  ASP B OD1 1 
ATOM   680  O OD2 . ASP B 1 29 ? -3.184  -19.286 -18.618 1.00 38.68 ? 29  ASP B OD2 1 
ATOM   681  N N   . GLY B 1 30 ? -5.067  -15.011 -20.514 1.00 17.98 ? 30  GLY B N   1 
ATOM   682  C CA  . GLY B 1 30 ? -6.224  -14.465 -19.819 1.00 17.32 ? 30  GLY B CA  1 
ATOM   683  C C   . GLY B 1 30 ? -5.928  -13.719 -18.533 1.00 16.93 ? 30  GLY B C   1 
ATOM   684  O O   . GLY B 1 30 ? -6.838  -13.437 -17.747 1.00 15.36 ? 30  GLY B O   1 
ATOM   685  N N   . LYS B 1 31 ? -4.661  -13.389 -18.319 1.00 16.44 ? 31  LYS B N   1 
ATOM   686  C CA  . LYS B 1 31 ? -4.252  -12.687 -17.108 1.00 15.74 ? 31  LYS B CA  1 
ATOM   687  C C   . LYS B 1 31 ? -3.355  -11.498 -17.425 1.00 14.93 ? 31  LYS B C   1 
ATOM   688  O O   . LYS B 1 31 ? -2.749  -11.429 -18.494 1.00 15.91 ? 31  LYS B O   1 
ATOM   689  C CB  . LYS B 1 31 ? -3.513  -13.657 -16.186 1.00 17.52 ? 31  LYS B CB  1 
ATOM   690  C CG  . LYS B 1 31 ? -4.366  -14.842 -15.743 1.00 19.88 ? 31  LYS B CG  1 
ATOM   691  C CD  . LYS B 1 31 ? -3.548  -15.893 -15.008 1.00 26.88 ? 31  LYS B CD  1 
ATOM   692  C CE  . LYS B 1 31 ? -2.514  -16.532 -15.920 1.00 34.24 ? 31  LYS B CE  1 
ATOM   693  N NZ  . LYS B 1 31 ? -1.806  -17.662 -15.256 1.00 36.85 ? 31  LYS B NZ  1 
ATOM   694  N N   . ALA B 1 32 ? -3.277  -10.554 -16.494 1.00 11.98 ? 32  ALA B N   1 
ATOM   695  C CA  . ALA B 1 32 ? -2.433  -9.389  -16.691 1.00 12.26 ? 32  ALA B CA  1 
ATOM   696  C C   . ALA B 1 32 ? -1.607  -9.149  -15.441 1.00 12.22 ? 32  ALA B C   1 
ATOM   697  O O   . ALA B 1 32 ? -2.108  -9.283  -14.328 1.00 12.80 ? 32  ALA B O   1 
ATOM   698  C CB  . ALA B 1 32 ? -3.283  -8.156  -17.002 1.00 12.63 ? 32  ALA B CB  1 
ATOM   699  N N   . ALA B 1 33 ? -0.336  -8.818  -15.640 1.00 12.19 ? 33  ALA B N   1 
ATOM   700  C CA  . ALA B 1 33 ? 0.564   -8.514  -14.536 1.00 12.90 ? 33  ALA B CA  1 
ATOM   701  C C   . ALA B 1 33 ? 0.440   -7.006  -14.370 1.00 12.01 ? 33  ALA B C   1 
ATOM   702  O O   . ALA B 1 33 ? 0.689   -6.249  -15.312 1.00 12.45 ? 33  ALA B O   1 
ATOM   703  C CB  . ALA B 1 33 ? 1.989   -8.894  -14.895 1.00 13.89 ? 33  ALA B CB  1 
ATOM   704  N N   . VAL B 1 34 ? 0.056   -6.575  -13.174 1.00 10.74 ? 34  VAL B N   1 
ATOM   705  C CA  . VAL B 1 34 ? -0.159  -5.161  -12.893 1.00 9.98  ? 34  VAL B CA  1 
ATOM   706  C C   . VAL B 1 34 ? 0.784   -4.637  -11.821 1.00 11.37 ? 34  VAL B C   1 
ATOM   707  O O   . VAL B 1 34 ? 0.990   -5.285  -10.804 1.00 8.82  ? 34  VAL B O   1 
ATOM   708  C CB  . VAL B 1 34 ? -1.611  -4.925  -12.411 1.00 9.78  ? 34  VAL B CB  1 
ATOM   709  C CG1 . VAL B 1 34 ? -1.850  -3.442  -12.171 1.00 11.31 ? 34  VAL B CG1 1 
ATOM   710  C CG2 . VAL B 1 34 ? -2.600  -5.482  -13.439 1.00 8.96  ? 34  VAL B CG2 1 
ATOM   711  N N   . LEU B 1 35 ? 1.337   -3.452  -12.048 1.00 9.25  ? 35  LEU B N   1 
ATOM   712  C CA  . LEU B 1 35 ? 2.247   -2.848  -11.080 1.00 10.18 ? 35  LEU B CA  1 
ATOM   713  C C   . LEU B 1 35 ? 1.570   -1.726  -10.302 1.00 9.51  ? 35  LEU B C   1 
ATOM   714  O O   . LEU B 1 35 ? 1.078   -0.764  -10.890 1.00 8.49  ? 35  LEU B O   1 
ATOM   715  C CB  . LEU B 1 35 ? 3.478   -2.276  -11.792 1.00 9.83  ? 35  LEU B CB  1 
ATOM   716  C CG  . LEU B 1 35 ? 4.458   -1.523  -10.887 1.00 10.93 ? 35  LEU B CG  1 
ATOM   717  C CD1 . LEU B 1 35 ? 5.118   -2.494  -9.925  1.00 12.49 ? 35  LEU B CD1 1 
ATOM   718  C CD2 . LEU B 1 35 ? 5.504   -0.823  -11.739 1.00 15.62 ? 35  LEU B CD2 1 
ATOM   719  N N   . PHE B 1 36 ? 1.544   -1.862  -8.977  1.00 9.61  ? 36  PHE B N   1 
ATOM   720  C CA  . PHE B 1 36 ? 0.972   -0.837  -8.106  1.00 11.39 ? 36  PHE B CA  1 
ATOM   721  C C   . PHE B 1 36 ? 2.170   -0.129  -7.479  1.00 11.21 ? 36  PHE B C   1 
ATOM   722  O O   . PHE B 1 36 ? 3.140   -0.781  -7.095  1.00 10.39 ? 36  PHE B O   1 
ATOM   723  C CB  . PHE B 1 36 ? 0.120   -1.470  -7.004  1.00 10.49 ? 36  PHE B CB  1 
ATOM   724  C CG  . PHE B 1 36 ? -1.060  -2.235  -7.516  1.00 11.44 ? 36  PHE B CG  1 
ATOM   725  C CD1 . PHE B 1 36 ? -2.101  -1.579  -8.166  1.00 12.12 ? 36  PHE B CD1 1 
ATOM   726  C CD2 . PHE B 1 36 ? -1.122  -3.614  -7.367  1.00 13.05 ? 36  PHE B CD2 1 
ATOM   727  C CE1 . PHE B 1 36 ? -3.189  -2.290  -8.659  1.00 11.67 ? 36  PHE B CE1 1 
ATOM   728  C CE2 . PHE B 1 36 ? -2.205  -4.336  -7.857  1.00 14.15 ? 36  PHE B CE2 1 
ATOM   729  C CZ  . PHE B 1 36 ? -3.239  -3.671  -8.504  1.00 13.26 ? 36  PHE B CZ  1 
ATOM   730  N N   . GLU B 1 37 ? 2.102   1.193   -7.364  1.00 12.19 ? 37  GLU B N   1 
ATOM   731  C CA  . GLU B 1 37 ? 3.217   1.952   -6.809  1.00 14.03 ? 37  GLU B CA  1 
ATOM   732  C C   . GLU B 1 37 ? 2.734   3.153   -6.005  1.00 13.97 ? 37  GLU B C   1 
ATOM   733  O O   . GLU B 1 37 ? 1.720   3.768   -6.332  1.00 15.52 ? 37  GLU B O   1 
ATOM   734  C CB  . GLU B 1 37 ? 4.117   2.424   -7.956  1.00 15.94 ? 37  GLU B CB  1 
ATOM   735  C CG  . GLU B 1 37 ? 5.466   2.983   -7.550  1.00 24.74 ? 37  GLU B CG  1 
ATOM   736  C CD  . GLU B 1 37 ? 6.313   3.346   -8.760  1.00 25.90 ? 37  GLU B CD  1 
ATOM   737  O OE1 . GLU B 1 37 ? 6.408   2.513   -9.685  1.00 31.92 ? 37  GLU B OE1 1 
ATOM   738  O OE2 . GLU B 1 37 ? 6.884   4.456   -8.789  1.00 32.44 ? 37  GLU B OE2 1 
ATOM   739  N N   . ASN B 1 38 ? 3.470   3.479   -4.949  1.00 12.40 ? 38  ASN B N   1 
ATOM   740  C CA  . ASN B 1 38 ? 3.142   4.620   -4.104  1.00 13.32 ? 38  ASN B CA  1 
ATOM   741  C C   . ASN B 1 38 ? 4.412   4.914   -3.312  1.00 12.41 ? 38  ASN B C   1 
ATOM   742  O O   . ASN B 1 38 ? 4.738   4.195   -2.380  1.00 12.31 ? 38  ASN B O   1 
ATOM   743  C CB  . ASN B 1 38 ? 1.980   4.264   -3.169  1.00 15.51 ? 38  ASN B CB  1 
ATOM   744  C CG  . ASN B 1 38 ? 1.519   5.440   -2.322  1.00 21.81 ? 38  ASN B CG  1 
ATOM   745  O OD1 . ASN B 1 38 ? 0.479   5.375   -1.664  1.00 25.25 ? 38  ASN B OD1 1 
ATOM   746  N ND2 . ASN B 1 38 ? 2.292   6.515   -2.327  1.00 18.90 ? 38  ASN B ND2 1 
ATOM   747  N N   . GLY B 1 39 ? 5.145   5.952   -3.708  1.00 13.10 ? 39  GLY B N   1 
ATOM   748  C CA  . GLY B 1 39 ? 6.380   6.276   -3.007  1.00 12.98 ? 39  GLY B CA  1 
ATOM   749  C C   . GLY B 1 39 ? 7.409   5.180   -3.222  1.00 13.00 ? 39  GLY B C   1 
ATOM   750  O O   . GLY B 1 39 ? 7.690   4.815   -4.365  1.00 12.71 ? 39  GLY B O   1 
ATOM   751  N N   . ASN B 1 40 ? 7.978   4.651   -2.142  1.00 11.70 ? 40  ASN B N   1 
ATOM   752  C CA  . ASN B 1 40 ? 8.961   3.573   -2.262  1.00 10.58 ? 40  ASN B CA  1 
ATOM   753  C C   . ASN B 1 40 ? 8.264   2.220   -2.345  1.00 11.25 ? 40  ASN B C   1 
ATOM   754  O O   . ASN B 1 40 ? 8.904   1.206   -2.605  1.00 11.75 ? 40  ASN B O   1 
ATOM   755  C CB  . ASN B 1 40 ? 9.901   3.522   -1.055  1.00 10.94 ? 40  ASN B CB  1 
ATOM   756  C CG  . ASN B 1 40 ? 10.881  4.667   -1.017  1.00 13.98 ? 40  ASN B CG  1 
ATOM   757  O OD1 . ASN B 1 40 ? 11.222  5.258   -2.043  1.00 12.21 ? 40  ASN B OD1 1 
ATOM   758  N ND2 . ASN B 1 40 ? 11.367  4.972   0.181   1.00 12.04 ? 40  ASN B ND2 1 
ATOM   759  N N   . TRP B 1 41 ? 6.954   2.206   -2.118  1.00 10.19 ? 41  TRP B N   1 
ATOM   760  C CA  . TRP B 1 41 ? 6.191   0.960   -2.139  1.00 9.51  ? 41  TRP B CA  1 
ATOM   761  C C   . TRP B 1 41 ? 5.764   0.547   -3.540  1.00 9.64  ? 41  TRP B C   1 
ATOM   762  O O   . TRP B 1 41 ? 5.360   1.382   -4.352  1.00 8.91  ? 41  TRP B O   1 
ATOM   763  C CB  . TRP B 1 41 ? 4.941   1.095   -1.258  1.00 11.11 ? 41  TRP B CB  1 
ATOM   764  C CG  . TRP B 1 41 ? 4.068   -0.139  -1.227  1.00 11.39 ? 41  TRP B CG  1 
ATOM   765  C CD1 . TRP B 1 41 ? 4.246   -1.257  -0.459  1.00 13.18 ? 41  TRP B CD1 1 
ATOM   766  C CD2 . TRP B 1 41 ? 2.909   -0.388  -2.034  1.00 11.88 ? 41  TRP B CD2 1 
ATOM   767  N NE1 . TRP B 1 41 ? 3.266   -2.188  -0.739  1.00 11.72 ? 41  TRP B NE1 1 
ATOM   768  C CE2 . TRP B 1 41 ? 2.434   -1.679  -1.703  1.00 11.67 ? 41  TRP B CE2 1 
ATOM   769  C CE3 . TRP B 1 41 ? 2.224   0.355   -3.007  1.00 12.30 ? 41  TRP B CE3 1 
ATOM   770  C CZ2 . TRP B 1 41 ? 1.306   -2.245  -2.314  1.00 14.04 ? 41  TRP B CZ2 1 
ATOM   771  C CZ3 . TRP B 1 41 ? 1.099   -0.210  -3.616  1.00 11.68 ? 41  TRP B CZ3 1 
ATOM   772  C CH2 . TRP B 1 41 ? 0.655   -1.497  -3.265  1.00 13.55 ? 41  TRP B CH2 1 
ATOM   773  N N   . ASP B 1 42 ? 5.855   -0.749  -3.817  1.00 8.86  ? 42  ASP B N   1 
ATOM   774  C CA  . ASP B 1 42 ? 5.435   -1.273  -5.111  1.00 9.33  ? 42  ASP B CA  1 
ATOM   775  C C   . ASP B 1 42 ? 5.206   -2.770  -5.022  1.00 9.64  ? 42  ASP B C   1 
ATOM   776  O O   . ASP B 1 42 ? 5.905   -3.477  -4.295  1.00 9.72  ? 42  ASP B O   1 
ATOM   777  C CB  . ASP B 1 42 ? 6.487   -0.997  -6.188  1.00 9.51  ? 42  ASP B CB  1 
ATOM   778  C CG  . ASP B 1 42 ? 7.759   -1.774  -5.961  1.00 11.20 ? 42  ASP B CG  1 
ATOM   779  O OD1 . ASP B 1 42 ? 8.496   -1.442  -5.008  1.00 11.51 ? 42  ASP B OD1 1 
ATOM   780  O OD2 . ASP B 1 42 ? 8.017   -2.725  -6.728  1.00 12.45 ? 42  ASP B OD2 1 
ATOM   781  N N   . LYS B 1 43 ? 4.205   -3.246  -5.754  1.00 8.10  ? 43  LYS B N   1 
ATOM   782  C CA  . LYS B 1 43 ? 3.899   -4.666  -5.797  1.00 9.80  ? 43  LYS B CA  1 
ATOM   783  C C   . LYS B 1 43 ? 3.461   -5.018  -7.208  1.00 9.88  ? 43  LYS B C   1 
ATOM   784  O O   . LYS B 1 43 ? 2.694   -4.283  -7.826  1.00 9.65  ? 43  LYS B O   1 
ATOM   785  C CB  . LYS B 1 43 ? 2.787   -5.014  -4.800  1.00 10.89 ? 43  LYS B CB  1 
ATOM   786  C CG  . LYS B 1 43 ? 3.204   -4.892  -3.345  1.00 18.90 ? 43  LYS B CG  1 
ATOM   787  C CD  . LYS B 1 43 ? 4.188   -5.984  -2.954  1.00 23.36 ? 43  LYS B CD  1 
ATOM   788  C CE  . LYS B 1 43 ? 4.723   -5.750  -1.550  1.00 30.85 ? 43  LYS B CE  1 
ATOM   789  N NZ  . LYS B 1 43 ? 5.589   -6.868  -1.081  1.00 35.15 ? 43  LYS B NZ  1 
ATOM   790  N N   . LEU B 1 44 ? 3.968   -6.139  -7.713  1.00 9.08  ? 44  LEU B N   1 
ATOM   791  C CA  . LEU B 1 44 ? 3.626   -6.621  -9.047  1.00 10.65 ? 44  LEU B CA  1 
ATOM   792  C C   . LEU B 1 44 ? 2.694   -7.799  -8.809  1.00 10.44 ? 44  LEU B C   1 
ATOM   793  O O   . LEU B 1 44 ? 3.104   -8.825  -8.259  1.00 8.99  ? 44  LEU B O   1 
ATOM   794  C CB  . LEU B 1 44 ? 4.891   -7.071  -9.783  1.00 10.92 ? 44  LEU B CB  1 
ATOM   795  C CG  . LEU B 1 44 ? 4.711   -7.666  -11.181 1.00 12.30 ? 44  LEU B CG  1 
ATOM   796  C CD1 . LEU B 1 44 ? 4.007   -6.666  -12.082 1.00 12.28 ? 44  LEU B CD1 1 
ATOM   797  C CD2 . LEU B 1 44 ? 6.070   -8.031  -11.758 1.00 15.49 ? 44  LEU B CD2 1 
ATOM   798  N N   . VAL B 1 45 ? 1.439   -7.642  -9.225  1.00 9.28  ? 45  VAL B N   1 
ATOM   799  C CA  . VAL B 1 45 ? 0.416   -8.659  -9.001  1.00 11.19 ? 45  VAL B CA  1 
ATOM   800  C C   . VAL B 1 45 ? -0.289  -9.096  -10.278 1.00 11.34 ? 45  VAL B C   1 
ATOM   801  O O   . VAL B 1 45 ? -0.593  -8.274  -11.137 1.00 10.26 ? 45  VAL B O   1 
ATOM   802  C CB  . VAL B 1 45 ? -0.650  -8.108  -8.029  1.00 11.15 ? 45  VAL B CB  1 
ATOM   803  C CG1 . VAL B 1 45 ? -1.596  -9.215  -7.586  1.00 13.48 ? 45  VAL B CG1 1 
ATOM   804  C CG2 . VAL B 1 45 ? 0.036   -7.457  -6.838  1.00 12.40 ? 45  VAL B CG2 1 
ATOM   805  N N   . THR B 1 46 ? -0.566  -10.391 -10.385 1.00 11.96 ? 46  THR B N   1 
ATOM   806  C CA  . THR B 1 46 ? -1.252  -10.921 -11.556 1.00 12.94 ? 46  THR B CA  1 
ATOM   807  C C   . THR B 1 46 ? -2.740  -11.096 -11.259 1.00 14.49 ? 46  THR B C   1 
ATOM   808  O O   . THR B 1 46 ? -3.117  -11.612 -10.204 1.00 13.19 ? 46  THR B O   1 
ATOM   809  C CB  . THR B 1 46 ? -0.644  -12.263 -11.981 1.00 15.82 ? 46  THR B CB  1 
ATOM   810  O OG1 . THR B 1 46 ? 0.726   -12.061 -12.345 1.00 17.66 ? 46  THR B OG1 1 
ATOM   811  C CG2 . THR B 1 46 ? -1.396  -12.845 -13.170 1.00 16.30 ? 46  THR B CG2 1 
ATOM   812  N N   . PHE B 1 47 ? -3.575  -10.655 -12.194 1.00 12.38 ? 47  PHE B N   1 
ATOM   813  C CA  . PHE B 1 47 ? -5.030  -10.735 -12.064 1.00 12.73 ? 47  PHE B CA  1 
ATOM   814  C C   . PHE B 1 47 ? -5.640  -11.318 -13.326 1.00 13.61 ? 47  PHE B C   1 
ATOM   815  O O   . PHE B 1 47 ? -5.029  -11.280 -14.394 1.00 13.96 ? 47  PHE B O   1 
ATOM   816  C CB  . PHE B 1 47 ? -5.633  -9.337  -11.915 1.00 12.19 ? 47  PHE B CB  1 
ATOM   817  C CG  . PHE B 1 47 ? -5.202  -8.608  -10.691 1.00 11.99 ? 47  PHE B CG  1 
ATOM   818  C CD1 . PHE B 1 47 ? -5.908  -8.745  -9.502  1.00 12.52 ? 47  PHE B CD1 1 
ATOM   819  C CD2 . PHE B 1 47 ? -4.101  -7.763  -10.729 1.00 12.21 ? 47  PHE B CD2 1 
ATOM   820  C CE1 . PHE B 1 47 ? -5.526  -8.046  -8.371  1.00 12.33 ? 47  PHE B CE1 1 
ATOM   821  C CE2 . PHE B 1 47 ? -3.712  -7.061  -9.602  1.00 12.06 ? 47  PHE B CE2 1 
ATOM   822  C CZ  . PHE B 1 47 ? -4.423  -7.202  -8.422  1.00 12.24 ? 47  PHE B CZ  1 
ATOM   823  N N   . ARG B 1 48 ? -6.851  -11.849 -13.208 1.00 12.79 ? 48  ARG B N   1 
ATOM   824  C CA  . ARG B 1 48 ? -7.540  -12.346 -14.390 1.00 13.29 ? 48  ARG B CA  1 
ATOM   825  C C   . ARG B 1 48 ? -8.037  -11.062 -15.046 1.00 12.63 ? 48  ARG B C   1 
ATOM   826  O O   . ARG B 1 48 ? -8.316  -10.084 -14.357 1.00 11.49 ? 48  ARG B O   1 
ATOM   827  C CB  . ARG B 1 48 ? -8.733  -13.220 -14.007 1.00 16.08 ? 48  ARG B CB  1 
ATOM   828  C CG  . ARG B 1 48 ? -8.388  -14.398 -13.126 1.00 23.39 ? 48  ARG B CG  1 
ATOM   829  C CD  . ARG B 1 48 ? -9.580  -15.332 -12.977 1.00 32.29 ? 48  ARG B CD  1 
ATOM   830  N NE  . ARG B 1 48 ? -9.405  -16.243 -11.851 1.00 46.92 ? 48  ARG B NE  1 
ATOM   831  C CZ  . ARG B 1 48 ? -9.484  -15.876 -10.577 1.00 52.35 ? 48  ARG B CZ  1 
ATOM   832  N NH1 . ARG B 1 48 ? -9.742  -14.611 -10.264 1.00 51.50 ? 48  ARG B NH1 1 
ATOM   833  N NH2 . ARG B 1 48 ? -9.298  -16.766 -9.612  1.00 59.46 ? 48  ARG B NH2 1 
ATOM   834  N N   . LEU B 1 49 ? -8.144  -11.051 -16.367 1.00 11.77 ? 49  LEU B N   1 
ATOM   835  C CA  . LEU B 1 49 ? -8.607  -9.857  -17.061 1.00 12.24 ? 49  LEU B CA  1 
ATOM   836  C C   . LEU B 1 49 ? -10.015 -9.464  -16.617 1.00 12.83 ? 49  LEU B C   1 
ATOM   837  O O   . LEU B 1 49 ? -10.380 -8.289  -16.654 1.00 14.28 ? 49  LEU B O   1 
ATOM   838  C CB  . LEU B 1 49 ? -8.568  -10.088 -18.577 1.00 11.73 ? 49  LEU B CB  1 
ATOM   839  C CG  . LEU B 1 49 ? -7.150  -10.210 -19.144 1.00 13.90 ? 49  LEU B CG  1 
ATOM   840  C CD1 . LEU B 1 49 ? -7.195  -10.660 -20.598 1.00 17.24 ? 49  LEU B CD1 1 
ATOM   841  C CD2 . LEU B 1 49 ? -6.440  -8.870  -19.020 1.00 14.66 ? 49  LEU B CD2 1 
ATOM   842  N N   . SER B 1 50 ? -10.792 -10.450 -16.179 1.00 13.72 ? 50  SER B N   1 
ATOM   843  C CA  . SER B 1 50 ? -12.159 -10.203 -15.732 1.00 15.67 ? 50  SER B CA  1 
ATOM   844  C C   . SER B 1 50 ? -12.193 -9.463  -14.393 1.00 16.54 ? 50  SER B C   1 
ATOM   845  O O   . SER B 1 50 ? -13.244 -8.987  -13.967 1.00 16.93 ? 50  SER B O   1 
ATOM   846  C CB  . SER B 1 50 ? -12.915 -11.529 -15.613 1.00 17.02 ? 50  SER B CB  1 
ATOM   847  O OG  . SER B 1 50 ? -12.306 -12.374 -14.657 1.00 18.64 ? 50  SER B OG  1 
ATOM   848  N N   . GLU B 1 51 ? -11.036 -9.370  -13.741 1.00 14.48 ? 51  GLU B N   1 
ATOM   849  C CA  . GLU B 1 51 ? -10.918 -8.685  -12.454 1.00 16.32 ? 51  GLU B CA  1 
ATOM   850  C C   . GLU B 1 51 ? -10.427 -7.255  -12.633 1.00 14.90 ? 51  GLU B C   1 
ATOM   851  O O   . GLU B 1 51 ? -10.202 -6.548  -11.649 1.00 16.10 ? 51  GLU B O   1 
ATOM   852  C CB  . GLU B 1 51 ? -9.901  -9.389  -11.553 1.00 17.17 ? 51  GLU B CB  1 
ATOM   853  C CG  . GLU B 1 51 ? -10.263 -10.767 -11.066 1.00 22.11 ? 51  GLU B CG  1 
ATOM   854  C CD  . GLU B 1 51 ? -9.170  -11.333 -10.177 1.00 25.10 ? 51  GLU B CD  1 
ATOM   855  O OE1 . GLU B 1 51 ? -8.199  -11.910 -10.714 1.00 21.79 ? 51  GLU B OE1 1 
ATOM   856  O OE2 . GLU B 1 51 ? -9.269  -11.175 -8.939  1.00 26.66 ? 51  GLU B OE2 1 
ATOM   857  N N   . LEU B 1 52 ? -10.253 -6.830  -13.881 1.00 14.10 ? 52  LEU B N   1 
ATOM   858  C CA  . LEU B 1 52 ? -9.729  -5.497  -14.153 1.00 13.54 ? 52  LEU B CA  1 
ATOM   859  C C   . LEU B 1 52 ? -10.630 -4.588  -14.976 1.00 14.17 ? 52  LEU B C   1 
ATOM   860  O O   . LEU B 1 52 ? -11.432 -5.052  -15.786 1.00 16.32 ? 52  LEU B O   1 
ATOM   861  C CB  . LEU B 1 52 ? -8.381  -5.626  -14.864 1.00 9.97  ? 52  LEU B CB  1 
ATOM   862  C CG  . LEU B 1 52 ? -7.338  -6.466  -14.120 1.00 9.97  ? 52  LEU B CG  1 
ATOM   863  C CD1 . LEU B 1 52 ? -6.127  -6.712  -15.013 1.00 10.96 ? 52  LEU B CD1 1 
ATOM   864  C CD2 . LEU B 1 52 ? -6.939  -5.741  -12.844 1.00 10.34 ? 52  LEU B CD2 1 
ATOM   865  N N   . GLU B 1 53 ? -10.469 -3.285  -14.762 1.00 14.29 ? 53  GLU B N   1 
ATOM   866  C CA  . GLU B 1 53 ? -11.225 -2.255  -15.470 1.00 14.36 ? 53  GLU B CA  1 
ATOM   867  C C   . GLU B 1 53 ? -10.239 -1.224  -16.011 1.00 14.29 ? 53  GLU B C   1 
ATOM   868  O O   . GLU B 1 53 ? -9.541  -0.563  -15.242 1.00 14.77 ? 53  GLU B O   1 
ATOM   869  C CB  . GLU B 1 53 ? -12.191 -1.557  -14.511 1.00 16.40 ? 53  GLU B CB  1 
ATOM   870  C CG  . GLU B 1 53 ? -12.931 -0.365  -15.102 1.00 17.82 ? 53  GLU B CG  1 
ATOM   871  C CD  . GLU B 1 53 ? -13.484 0.553   -14.029 1.00 18.63 ? 53  GLU B CD  1 
ATOM   872  O OE1 . GLU B 1 53 ? -13.707 0.071   -12.899 1.00 17.68 ? 53  GLU B OE1 1 
ATOM   873  O OE2 . GLU B 1 53 ? -13.706 1.751   -14.313 1.00 19.44 ? 53  GLU B OE2 1 
ATOM   874  N N   . ALA B 1 54 ? -10.171 -1.080  -17.329 1.00 16.20 ? 54  ALA B N   1 
ATOM   875  C CA  . ALA B 1 54 ? -9.260  -0.096  -17.903 1.00 16.48 ? 54  ALA B CA  1 
ATOM   876  C C   . ALA B 1 54 ? -9.786  1.299   -17.577 1.00 18.46 ? 54  ALA B C   1 
ATOM   877  O O   . ALA B 1 54 ? -10.987 1.556   -17.685 1.00 17.64 ? 54  ALA B O   1 
ATOM   878  C CB  . ALA B 1 54 ? -9.164  -0.286  -19.412 1.00 19.14 ? 54  ALA B CB  1 
ATOM   879  N N   . VAL B 1 55 ? -8.891  2.195   -17.168 1.00 18.76 ? 55  VAL B N   1 
ATOM   880  C CA  . VAL B 1 55 ? -9.277  3.563   -16.832 1.00 23.68 ? 55  VAL B CA  1 
ATOM   881  C C   . VAL B 1 55 ? -8.348  4.573   -17.499 1.00 27.55 ? 55  VAL B C   1 
ATOM   882  O O   . VAL B 1 55 ? -7.386  4.198   -18.165 1.00 24.18 ? 55  VAL B O   1 
ATOM   883  C CB  . VAL B 1 55 ? -9.264  3.801   -15.302 1.00 25.31 ? 55  VAL B CB  1 
ATOM   884  C CG1 . VAL B 1 55 ? -10.354 2.972   -14.636 1.00 25.49 ? 55  VAL B CG1 1 
ATOM   885  C CG2 . VAL B 1 55 ? -7.909  3.444   -14.728 1.00 25.82 ? 55  VAL B CG2 1 
ATOM   886  N N   . LYS B 1 56 ? -8.636  5.857   -17.312 1.00 32.26 ? 56  LYS B N   1 
ATOM   887  C CA  . LYS B 1 56 ? -7.830  6.917   -17.909 1.00 37.84 ? 56  LYS B CA  1 
ATOM   888  C C   . LYS B 1 56 ? -6.494  7.078   -17.187 1.00 40.31 ? 56  LYS B C   1 
ATOM   889  O O   . LYS B 1 56 ? -6.398  6.636   -16.021 1.00 42.43 ? 56  LYS B O   1 
ATOM   890  C CB  . LYS B 1 56 ? -8.601  8.243   -17.869 1.00 39.00 ? 56  LYS B CB  1 
ATOM   891  C CG  . LYS B 1 56 ? -10.046 8.153   -18.359 1.00 42.04 ? 56  LYS B CG  1 
ATOM   892  C CD  . LYS B 1 56 ? -10.936 7.425   -17.355 1.00 47.96 ? 56  LYS B CD  1 
ATOM   893  C CE  . LYS B 1 56 ? -12.341 7.207   -17.894 1.00 50.82 ? 56  LYS B CE  1 
ATOM   894  N NZ  . LYS B 1 56 ? -13.200 6.494   -16.906 1.00 56.08 ? 56  LYS B NZ  1 
HETATM 895  O O   . HOH C 2 .  ? 13.673  8.743   10.163  1.00 14.96 ? 104 HOH A O   1 
HETATM 896  O O   . HOH C 2 .  ? 14.311  3.063   19.155  1.00 17.42 ? 105 HOH A O   1 
HETATM 897  O O   . HOH C 2 .  ? 6.698   13.699  16.434  1.00 13.61 ? 108 HOH A O   1 
HETATM 898  O O   . HOH C 2 .  ? -2.825  -6.659  2.954   1.00 19.56 ? 109 HOH A O   1 
HETATM 899  O O   . HOH C 2 .  ? -3.124  4.185   6.717   1.00 15.74 ? 110 HOH A O   1 
HETATM 900  O O   . HOH C 2 .  ? 6.993   15.794  7.189   1.00 18.84 ? 111 HOH A O   1 
HETATM 901  O O   . HOH C 2 .  ? -0.621  6.421   3.827   1.00 19.95 ? 112 HOH A O   1 
HETATM 902  O O   . HOH C 2 .  ? 0.878   -7.036  8.169   1.00 18.44 ? 113 HOH A O   1 
HETATM 903  O O   . HOH C 2 .  ? -0.246  0.265   -0.433  1.00 16.65 ? 116 HOH A O   1 
HETATM 904  O O   . HOH C 2 .  ? 8.852   0.263   5.915   1.00 15.93 ? 117 HOH A O   1 
HETATM 905  O O   . HOH C 2 .  ? -1.706  3.693   3.815   1.00 19.60 ? 118 HOH A O   1 
HETATM 906  O O   . HOH C 2 .  ? -12.271 -1.738  0.458   1.00 21.42 ? 122 HOH A O   1 
HETATM 907  O O   . HOH C 2 .  ? 15.525  0.537   18.720  1.00 27.03 ? 124 HOH A O   1 
HETATM 908  O O   . HOH C 2 .  ? 11.335  -0.760  0.182   1.00 20.15 ? 129 HOH A O   1 
HETATM 909  O O   . HOH C 2 .  ? 1.673   0.025   23.754  1.00 26.26 ? 132 HOH A O   1 
HETATM 910  O O   . HOH C 2 .  ? 17.129  5.428   16.836  1.00 34.14 ? 133 HOH A O   1 
HETATM 911  O O   . HOH C 2 .  ? -4.933  9.464   15.351  1.00 24.08 ? 135 HOH A O   1 
HETATM 912  O O   . HOH C 2 .  ? 8.842   -4.236  1.971   1.00 27.40 ? 136 HOH A O   1 
HETATM 913  O O   . HOH C 2 .  ? -4.577  2.383   10.136  1.00 27.38 ? 139 HOH A O   1 
HETATM 914  O O   . HOH C 2 .  ? 7.876   -5.035  11.261  1.00 24.88 ? 144 HOH A O   1 
HETATM 915  O O   . HOH C 2 .  ? -1.449  2.446   -0.916  1.00 24.68 ? 152 HOH A O   1 
HETATM 916  O O   . HOH C 2 .  ? -1.938  4.026   1.092   1.00 26.01 ? 153 HOH A O   1 
HETATM 917  O O   . HOH C 2 .  ? 6.761   8.891   21.726  1.00 23.43 ? 157 HOH A O   1 
HETATM 918  O O   . HOH C 2 .  ? 18.477  7.490   22.254  1.00 26.22 ? 159 HOH A O   1 
HETATM 919  O O   . HOH C 2 .  ? 4.560   -4.947  14.034  1.00 29.05 ? 161 HOH A O   1 
HETATM 920  O O   . HOH C 2 .  ? 8.407   15.290  2.506   1.00 25.56 ? 163 HOH A O   1 
HETATM 921  O O   . HOH C 2 .  ? -4.240  1.924   18.385  1.00 30.24 ? 168 HOH A O   1 
HETATM 922  O O   . HOH C 2 .  ? -5.242  3.054   -3.911  1.00 28.89 ? 171 HOH A O   1 
HETATM 923  O O   . HOH C 2 .  ? 5.260   -0.430  26.459  1.00 32.68 ? 173 HOH A O   1 
HETATM 924  O O   . HOH C 2 .  ? 15.008  -0.908  21.180  1.00 26.68 ? 175 HOH A O   1 
HETATM 925  O O   . HOH C 2 .  ? -8.908  2.930   3.244   1.00 34.58 ? 176 HOH A O   1 
HETATM 926  O O   . HOH C 2 .  ? 19.758  7.030   3.493   1.00 31.19 ? 181 HOH A O   1 
HETATM 927  O O   . HOH C 2 .  ? 16.232  -1.804  14.781  1.00 43.75 ? 183 HOH A O   1 
HETATM 928  O O   . HOH C 2 .  ? 3.273   -5.819  16.552  1.00 32.36 ? 184 HOH A O   1 
HETATM 929  O O   . HOH C 2 .  ? 1.463   17.205  8.979   1.00 44.38 ? 186 HOH A O   1 
HETATM 930  O O   . HOH C 2 .  ? 16.753  0.530   22.547  1.00 29.33 ? 187 HOH A O   1 
HETATM 931  O O   . HOH C 2 .  ? 3.659   9.769   25.406  1.00 35.74 ? 188 HOH A O   1 
HETATM 932  O O   . HOH C 2 .  ? -3.872  7.169   9.270   1.00 36.35 ? 190 HOH A O   1 
HETATM 933  O O   . HOH C 2 .  ? 5.319   15.659  12.106  1.00 32.02 ? 191 HOH A O   1 
HETATM 934  O O   . HOH C 2 .  ? -5.506  2.624   20.782  1.00 38.09 ? 192 HOH A O   1 
HETATM 935  O O   . HOH C 2 .  ? 3.227   11.802  -0.143  1.00 49.24 ? 193 HOH A O   1 
HETATM 936  O O   . HOH C 2 .  ? 2.372   8.190   0.859   1.00 35.24 ? 201 HOH A O   1 
HETATM 937  O O   . HOH C 2 .  ? -3.048  7.380   4.319   1.00 45.66 ? 205 HOH A O   1 
HETATM 938  O O   . HOH C 2 .  ? 3.223   -2.454  24.601  1.00 47.92 ? 207 HOH A O   1 
HETATM 939  O O   . HOH C 2 .  ? 7.330   14.286  -4.215  1.00 48.99 ? 209 HOH A O   1 
HETATM 940  O O   . HOH C 2 .  ? -5.023  -8.159  5.840   1.00 33.04 ? 210 HOH A O   1 
HETATM 941  O O   . HOH C 2 .  ? -7.892  -3.467  5.219   1.00 34.51 ? 211 HOH A O   1 
HETATM 942  O O   . HOH C 2 .  ? 2.542   2.240   25.274  1.00 45.40 ? 212 HOH A O   1 
HETATM 943  O O   . HOH C 2 .  ? 3.184   -8.378  7.490   1.00 40.91 ? 213 HOH A O   1 
HETATM 944  O O   . HOH C 2 .  ? -8.190  -8.190  2.232   1.00 32.98 ? 214 HOH A O   1 
HETATM 945  O O   . HOH C 2 .  ? 12.752  -1.614  14.724  1.00 44.10 ? 215 HOH A O   1 
HETATM 946  O O   . HOH C 2 .  ? -3.188  -3.821  14.507  1.00 33.71 ? 218 HOH A O   1 
HETATM 947  O O   . HOH C 2 .  ? 2.072   -8.204  16.451  1.00 34.20 ? 220 HOH A O   1 
HETATM 948  O O   . HOH C 2 .  ? -8.485  11.381  8.806   1.00 44.09 ? 221 HOH A O   1 
HETATM 949  O O   . HOH C 2 .  ? -1.093  2.897   26.360  1.00 48.98 ? 222 HOH A O   1 
HETATM 950  O O   . HOH C 2 .  ? 5.099   3.441   26.359  1.00 33.70 ? 224 HOH A O   1 
HETATM 951  O O   . HOH C 2 .  ? -6.856  1.126   10.606  1.00 36.13 ? 226 HOH A O   1 
HETATM 952  O O   . HOH C 2 .  ? -4.868  4.708   9.007   1.00 36.91 ? 228 HOH A O   1 
HETATM 953  O O   . HOH C 2 .  ? -1.155  11.927  16.050  1.00 41.14 ? 233 HOH A O   1 
HETATM 954  O O   . HOH C 2 .  ? 4.924   5.684   28.134  1.00 40.52 ? 234 HOH A O   1 
HETATM 955  O O   . HOH C 2 .  ? 5.844   -2.005  19.596  1.00 29.50 ? 236 HOH A O   1 
HETATM 956  O O   . HOH C 2 .  ? 4.441   7.156   -0.167  1.00 30.50 ? 238 HOH A O   1 
HETATM 957  O O   . HOH C 2 .  ? 17.684  5.837   5.920   1.00 31.49 ? 240 HOH A O   1 
HETATM 958  O O   . HOH C 2 .  ? -4.475  -8.563  3.395   1.00 35.49 ? 243 HOH A O   1 
HETATM 959  O O   . HOH C 2 .  ? -10.094 0.003   7.437   1.00 31.63 ? 244 HOH A O   1 
HETATM 960  O O   . HOH C 2 .  ? 6.473   14.648  4.048   1.00 26.51 ? 246 HOH A O   1 
HETATM 961  O O   . HOH C 2 .  ? 2.569   11.927  4.217   1.00 23.26 ? 249 HOH A O   1 
HETATM 962  O O   . HOH C 2 .  ? -5.295  8.637   10.948  1.00 25.84 ? 252 HOH A O   1 
HETATM 963  O O   . HOH C 2 .  ? -9.373  0.025   4.994   1.00 26.45 ? 254 HOH A O   1 
HETATM 964  O O   . HOH C 2 .  ? 3.406   13.956  19.504  1.00 27.56 ? 255 HOH A O   1 
HETATM 965  O O   . HOH C 2 .  ? -0.919  -0.905  22.895  1.00 26.37 ? 256 HOH A O   1 
HETATM 966  O O   . HOH C 2 .  ? -8.324  0.559   -1.931  1.00 23.80 ? 259 HOH A O   1 
HETATM 967  O O   . HOH D 2 .  ? 7.731   -2.887  -2.184  1.00 12.10 ? 101 HOH B O   1 
HETATM 968  O O   . HOH D 2 .  ? 6.836   4.855   0.329   1.00 10.93 ? 102 HOH B O   1 
HETATM 969  O O   . HOH D 2 .  ? -8.122  -2.504  -1.525  1.00 13.36 ? 103 HOH B O   1 
HETATM 970  O O   . HOH D 2 .  ? 10.009  -1.263  -2.107  1.00 11.87 ? 106 HOH B O   1 
HETATM 971  O O   . HOH D 2 .  ? 11.745  4.803   -4.752  1.00 11.64 ? 107 HOH B O   1 
HETATM 972  O O   . HOH D 2 .  ? -16.298 -8.699  -7.541  1.00 21.02 ? 114 HOH B O   1 
HETATM 973  O O   . HOH D 2 .  ? -14.712 -5.224  -0.641  1.00 21.35 ? 115 HOH B O   1 
HETATM 974  O O   . HOH D 2 .  ? -2.034  4.220   -19.071 1.00 25.44 ? 119 HOH B O   1 
HETATM 975  O O   . HOH D 2 .  ? -10.318 -13.114 -17.428 1.00 20.43 ? 120 HOH B O   1 
HETATM 976  O O   . HOH D 2 .  ? 1.626   1.947   -11.081 1.00 23.26 ? 121 HOH B O   1 
HETATM 977  O O   . HOH D 2 .  ? -13.740 -10.148 -10.249 1.00 36.31 ? 123 HOH B O   1 
HETATM 978  O O   . HOH D 2 .  ? -13.098 0.144   -18.824 1.00 22.02 ? 125 HOH B O   1 
HETATM 979  O O   . HOH D 2 .  ? -5.629  2.822   -19.731 1.00 24.87 ? 126 HOH B O   1 
HETATM 980  O O   . HOH D 2 .  ? 3.874   -1.311  -19.120 1.00 16.51 ? 127 HOH B O   1 
HETATM 981  O O   . HOH D 2 .  ? -1.717  3.569   -3.300  1.00 23.76 ? 128 HOH B O   1 
HETATM 982  O O   . HOH D 2 .  ? 8.310   0.733   -12.496 1.00 24.71 ? 130 HOH B O   1 
HETATM 983  O O   . HOH D 2 .  ? 0.397   -12.252 -8.350  1.00 23.12 ? 131 HOH B O   1 
HETATM 984  O O   . HOH D 2 .  ? -15.695 -0.740  1.151   1.00 40.31 ? 134 HOH B O   1 
HETATM 985  O O   . HOH D 2 .  ? -13.179 2.827   -16.809 1.00 24.71 ? 137 HOH B O   1 
HETATM 986  O O   . HOH D 2 .  ? 2.503   -9.000  -22.623 1.00 19.97 ? 138 HOH B O   1 
HETATM 987  O O   . HOH D 2 .  ? -6.582  -11.308 -2.785  1.00 28.22 ? 140 HOH B O   1 
HETATM 988  O O   . HOH D 2 .  ? -0.274  2.473   -8.625  1.00 19.14 ? 141 HOH B O   1 
HETATM 989  O O   . HOH D 2 .  ? -11.101 -0.508  -1.586  1.00 19.03 ? 142 HOH B O   1 
HETATM 990  O O   . HOH D 2 .  ? -1.087  2.024   -5.691  1.00 25.34 ? 143 HOH B O   1 
HETATM 991  O O   . HOH D 2 .  ? 6.885   5.635   -6.704  1.00 27.20 ? 145 HOH B O   1 
HETATM 992  O O   . HOH D 2 .  ? -3.967  2.790   -6.413  1.00 20.34 ? 146 HOH B O   1 
HETATM 993  O O   . HOH D 2 .  ? 2.666   -10.853 -10.975 1.00 25.45 ? 147 HOH B O   1 
HETATM 994  O O   . HOH D 2 .  ? -18.692 -7.348  -7.786  1.00 28.30 ? 148 HOH B O   1 
HETATM 995  O O   . HOH D 2 .  ? -4.352  -11.407 -7.515  1.00 26.80 ? 150 HOH B O   1 
HETATM 996  O O   . HOH D 2 .  ? -17.825 -2.619  -7.637  1.00 29.08 ? 151 HOH B O   1 
HETATM 997  O O   . HOH D 2 .  ? -7.030  1.222   -21.875 1.00 29.01 ? 154 HOH B O   1 
HETATM 998  O O   . HOH D 2 .  ? 5.890   -5.797  2.235   1.00 38.48 ? 155 HOH B O   1 
HETATM 999  O O   . HOH D 2 .  ? -16.974 -5.008  -9.119  1.00 27.07 ? 156 HOH B O   1 
HETATM 1000 O O   . HOH D 2 .  ? 4.234   7.729   -5.997  1.00 32.18 ? 158 HOH B O   1 
HETATM 1001 O O   . HOH D 2 .  ? 2.377   -4.529  0.746   1.00 28.15 ? 160 HOH B O   1 
HETATM 1002 O O   . HOH D 2 .  ? -22.863 -7.720  -6.655  1.00 39.39 ? 162 HOH B O   1 
HETATM 1003 O O   . HOH D 2 .  ? -6.783  -17.103 -11.714 1.00 44.12 ? 165 HOH B O   1 
HETATM 1004 O O   . HOH D 2 .  ? 8.264   8.498   -4.725  1.00 43.61 ? 166 HOH B O   1 
HETATM 1005 O O   . HOH D 2 .  ? 0.334   6.009   -5.850  1.00 36.39 ? 169 HOH B O   1 
HETATM 1006 O O   . HOH D 2 .  ? -8.207  -15.590 -17.100 1.00 38.37 ? 170 HOH B O   1 
HETATM 1007 O O   . HOH D 2 .  ? 9.710   3.205   -9.925  1.00 31.39 ? 172 HOH B O   1 
HETATM 1008 O O   . HOH D 2 .  ? -1.382  -9.836  -0.672  1.00 41.94 ? 177 HOH B O   1 
HETATM 1009 O O   . HOH D 2 .  ? -7.996  -0.721  -26.999 1.00 38.31 ? 178 HOH B O   1 
HETATM 1010 O O   . HOH D 2 .  ? 0.156   6.619   1.344   1.00 32.94 ? 179 HOH B O   1 
HETATM 1011 O O   . HOH D 2 .  ? 2.941   -4.688  -26.109 1.00 38.93 ? 180 HOH B O   1 
HETATM 1012 O O   . HOH D 2 .  ? 7.463   -0.382  -14.951 1.00 26.01 ? 182 HOH B O   1 
HETATM 1013 O O   . HOH D 2 .  ? 1.807   -2.091  -25.476 1.00 32.06 ? 185 HOH B O   1 
HETATM 1014 O O   . HOH D 2 .  ? -20.350 -6.970  -5.590  1.00 38.79 ? 189 HOH B O   1 
HETATM 1015 O O   . HOH D 2 .  ? -15.459 -1.654  -8.788  1.00 33.01 ? 195 HOH B O   1 
HETATM 1016 O O   . HOH D 2 .  ? 0.515   -11.780 -17.526 1.00 33.70 ? 196 HOH B O   1 
HETATM 1017 O O   . HOH D 2 .  ? -10.675 2.095   -1.027  1.00 39.99 ? 198 HOH B O   1 
HETATM 1018 O O   . HOH D 2 .  ? 0.596   -15.130 -15.477 1.00 38.38 ? 199 HOH B O   1 
HETATM 1019 O O   . HOH D 2 .  ? -3.889  -10.597 -4.594  1.00 59.55 ? 200 HOH B O   1 
HETATM 1020 O O   . HOH D 2 .  ? -0.321  -15.146 -25.101 1.00 44.33 ? 202 HOH B O   1 
HETATM 1021 O O   . HOH D 2 .  ? -19.830 -2.942  -5.735  1.00 35.14 ? 203 HOH B O   1 
HETATM 1022 O O   . HOH D 2 .  ? 1.405   3.770   -20.122 1.00 32.11 ? 204 HOH B O   1 
HETATM 1023 O O   . HOH D 2 .  ? -17.863 -2.665  -3.214  1.00 37.46 ? 206 HOH B O   1 
HETATM 1024 O O   . HOH D 2 .  ? -6.671  -12.794 -8.885  1.00 40.86 ? 208 HOH B O   1 
HETATM 1025 O O   . HOH D 2 .  ? -4.804  -14.738 -11.799 1.00 32.36 ? 216 HOH B O   1 
HETATM 1026 O O   . HOH D 2 .  ? -14.726 -7.804  -11.224 1.00 33.63 ? 217 HOH B O   1 
HETATM 1027 O O   . HOH D 2 .  ? -0.902  -7.533  0.904   1.00 28.69 ? 219 HOH B O   1 
HETATM 1028 O O   . HOH D 2 .  ? 1.330   -12.622 -15.041 1.00 36.31 ? 223 HOH B O   1 
HETATM 1029 O O   . HOH D 2 .  ? -10.267 -1.411  -23.035 1.00 49.22 ? 225 HOH B O   1 
HETATM 1030 O O   . HOH D 2 .  ? 0.913   -6.306  -0.468  1.00 36.67 ? 227 HOH B O   1 
HETATM 1031 O O   . HOH D 2 .  ? -2.545  -16.087 -24.116 1.00 36.95 ? 229 HOH B O   1 
HETATM 1032 O O   . HOH D 2 .  ? 0.406   6.437   -15.851 1.00 40.10 ? 230 HOH B O   1 
HETATM 1033 O O   . HOH D 2 .  ? -10.172 -13.904 -3.262  1.00 44.02 ? 231 HOH B O   1 
HETATM 1034 O O   . HOH D 2 .  ? -2.403  4.842   -10.756 1.00 47.72 ? 232 HOH B O   1 
HETATM 1035 O O   . HOH D 2 .  ? -12.119 -14.770 -15.221 1.00 43.22 ? 235 HOH B O   1 
HETATM 1036 O O   . HOH D 2 .  ? -7.624  -1.399  -22.164 1.00 28.79 ? 237 HOH B O   1 
HETATM 1037 O O   . HOH D 2 .  ? 2.858   -8.223  -0.033  1.00 39.70 ? 242 HOH B O   1 
HETATM 1038 O O   . HOH D 2 .  ? 4.971   -0.034  -15.214 1.00 25.23 ? 245 HOH B O   1 
HETATM 1039 O O   . HOH D 2 .  ? -3.250  -10.815 -2.177  1.00 27.14 ? 250 HOH B O   1 
HETATM 1040 O O   . HOH D 2 .  ? -13.768 -12.060 -12.021 1.00 27.40 ? 251 HOH B O   1 
HETATM 1041 O O   . HOH D 2 .  ? -12.945 -0.778  -8.443  1.00 24.38 ? 253 HOH B O   1 
HETATM 1042 O O   . HOH D 2 .  ? -14.834 1.938   -7.288  1.00 27.75 ? 258 HOH B O   1 
HETATM 1043 O O   . HOH D 2 .  ? -8.662  -10.091 0.478   1.00 27.43 ? 260 HOH B O   1 
# 
loop_
_pdbx_poly_seq_scheme.asym_id 
_pdbx_poly_seq_scheme.entity_id 
_pdbx_poly_seq_scheme.seq_id 
_pdbx_poly_seq_scheme.mon_id 
_pdbx_poly_seq_scheme.ndb_seq_num 
_pdbx_poly_seq_scheme.pdb_seq_num 
_pdbx_poly_seq_scheme.auth_seq_num 
_pdbx_poly_seq_scheme.pdb_mon_id 
_pdbx_poly_seq_scheme.auth_mon_id 
_pdbx_poly_seq_scheme.pdb_strand_id 
_pdbx_poly_seq_scheme.pdb_ins_code 
_pdbx_poly_seq_scheme.hetero 
A 1 1  MET 1  1  1  MET ALA A . n 
A 1 2  ILE 2  2  2  ILE ILE A . n 
A 1 3  PHE 3  3  3  PHE PHE A . n 
A 1 4  PRO 4  4  4  PRO PRO A . n 
A 1 5  GLY 5  5  5  GLY GLY A . n 
A 1 6  ALA 6  6  6  ALA ALA A . n 
A 1 7  THR 7  7  7  THR THR A . n 
A 1 8  VAL 8  8  8  VAL VAL A . n 
A 1 9  ARG 9  9  9  ARG ARG A . n 
A 1 10 VAL 10 10 10 VAL VAL A . n 
A 1 11 THR 11 11 11 THR THR A . n 
A 1 12 ASN 12 12 12 ASN ASN A . n 
A 1 13 VAL 13 13 13 VAL VAL A . n 
A 1 14 ASP 14 14 14 ASP ASP A . n 
A 1 15 ASP 15 15 15 ASP ASP A . n 
A 1 16 THR 16 16 16 THR THR A . n 
A 1 17 TYR 17 17 17 TYR TYR A . n 
A 1 18 TYR 18 18 18 TYR TYR A . n 
A 1 19 ARG 19 19 19 ARG ARG A . n 
A 1 20 PHE 20 20 20 PHE PHE A . n 
A 1 21 GLU 21 21 21 GLU GLU A . n 
A 1 22 GLY 22 22 22 GLY GLY A . n 
A 1 23 LEU 23 23 23 LEU LEU A . n 
A 1 24 VAL 24 24 24 VAL VAL A . n 
A 1 25 GLN 25 25 25 GLN GLN A . n 
A 1 26 ARG 26 26 26 ARG ARG A . n 
A 1 27 VAL 27 27 27 VAL VAL A . n 
A 1 28 SER 28 28 28 SER SER A . n 
A 1 29 ASP 29 29 29 ASP ASP A . n 
A 1 30 GLY 30 30 30 GLY GLY A . n 
A 1 31 LYS 31 31 31 LYS LYS A . n 
A 1 32 ALA 32 32 32 ALA ALA A . n 
A 1 33 ALA 33 33 33 ALA ALA A . n 
A 1 34 VAL 34 34 34 VAL VAL A . n 
A 1 35 LEU 35 35 35 LEU LEU A . n 
A 1 36 PHE 36 36 36 PHE PHE A . n 
A 1 37 GLU 37 37 37 GLU GLU A . n 
A 1 38 ASN 38 38 38 ASN ASN A . n 
A 1 39 GLY 39 39 39 GLY GLY A . n 
A 1 40 ASN 40 40 40 ASN ASN A . n 
A 1 41 TRP 41 41 41 TRP TRP A . n 
A 1 42 ASP 42 42 42 ASP ASP A . n 
A 1 43 LYS 43 43 43 LYS LYS A . n 
A 1 44 LEU 44 44 44 LEU LEU A . n 
A 1 45 VAL 45 45 45 VAL VAL A . n 
A 1 46 THR 46 46 46 THR THR A . n 
A 1 47 PHE 47 47 47 PHE PHE A . n 
A 1 48 ARG 48 48 48 ARG ARG A . n 
A 1 49 LEU 49 49 49 LEU LEU A . n 
A 1 50 SER 50 50 50 SER SER A . n 
A 1 51 GLU 51 51 51 GLU GLU A . n 
A 1 52 LEU 52 52 52 LEU LEU A . n 
A 1 53 GLU 53 53 53 GLU GLU A . n 
A 1 54 ALA 54 54 54 ALA ALA A . n 
A 1 55 VAL 55 55 55 VAL VAL A . n 
A 1 56 LYS 56 56 56 LYS LYS A . n 
A 1 57 PRO 57 57 57 PRO PRO A . n 
A 1 58 ILE 58 58 ?  ?   ?   A . n 
A 1 59 LEU 59 59 ?  ?   ?   A . n 
A 1 60 GLU 60 60 ?  ?   ?   A . n 
A 1 61 HIS 61 61 ?  ?   ?   A . n 
A 1 62 HIS 62 62 ?  ?   ?   A . n 
A 1 63 HIS 63 63 ?  ?   ?   A . n 
A 1 64 HIS 64 64 ?  ?   ?   A . n 
A 1 65 HIS 65 65 ?  ?   ?   A . n 
A 1 66 HIS 66 66 ?  ?   ?   A . n 
B 1 1  MET 1  1  ?  ?   ?   B . n 
B 1 2  ILE 2  2  2  ILE ILE B . n 
B 1 3  PHE 3  3  3  PHE PHE B . n 
B 1 4  PRO 4  4  4  PRO PRO B . n 
B 1 5  GLY 5  5  5  GLY GLY B . n 
B 1 6  ALA 6  6  6  ALA ALA B . n 
B 1 7  THR 7  7  7  THR THR B . n 
B 1 8  VAL 8  8  8  VAL VAL B . n 
B 1 9  ARG 9  9  9  ARG ARG B . n 
B 1 10 VAL 10 10 10 VAL VAL B . n 
B 1 11 THR 11 11 11 THR THR B . n 
B 1 12 ASN 12 12 12 ASN ASN B . n 
B 1 13 VAL 13 13 13 VAL VAL B . n 
B 1 14 ASP 14 14 14 ASP ASP B . n 
B 1 15 ASP 15 15 15 ASP ASP B . n 
B 1 16 THR 16 16 16 THR THR B . n 
B 1 17 TYR 17 17 17 TYR TYR B . n 
B 1 18 TYR 18 18 18 TYR TYR B . n 
B 1 19 ARG 19 19 19 ARG ARG B . n 
B 1 20 PHE 20 20 20 PHE PHE B . n 
B 1 21 GLU 21 21 21 GLU GLU B . n 
B 1 22 GLY 22 22 22 GLY GLY B . n 
B 1 23 LEU 23 23 23 LEU LEU B . n 
B 1 24 VAL 24 24 24 VAL VAL B . n 
B 1 25 GLN 25 25 25 GLN GLN B . n 
B 1 26 ARG 26 26 26 ARG ARG B . n 
B 1 27 VAL 27 27 27 VAL VAL B . n 
B 1 28 SER 28 28 28 SER SER B . n 
B 1 29 ASP 29 29 29 ASP ASP B . n 
B 1 30 GLY 30 30 30 GLY GLY B . n 
B 1 31 LYS 31 31 31 LYS LYS B . n 
B 1 32 ALA 32 32 32 ALA ALA B . n 
B 1 33 ALA 33 33 33 ALA ALA B . n 
B 1 34 VAL 34 34 34 VAL VAL B . n 
B 1 35 LEU 35 35 35 LEU LEU B . n 
B 1 36 PHE 36 36 36 PHE PHE B . n 
B 1 37 GLU 37 37 37 GLU GLU B . n 
B 1 38 ASN 38 38 38 ASN ASN B . n 
B 1 39 GLY 39 39 39 GLY GLY B . n 
B 1 40 ASN 40 40 40 ASN ASN B . n 
B 1 41 TRP 41 41 41 TRP TRP B . n 
B 1 42 ASP 42 42 42 ASP ASP B . n 
B 1 43 LYS 43 43 43 LYS LYS B . n 
B 1 44 LEU 44 44 44 LEU LEU B . n 
B 1 45 VAL 45 45 45 VAL VAL B . n 
B 1 46 THR 46 46 46 THR THR B . n 
B 1 47 PHE 47 47 47 PHE PHE B . n 
B 1 48 ARG 48 48 48 ARG ARG B . n 
B 1 49 LEU 49 49 49 LEU LEU B . n 
B 1 50 SER 50 50 50 SER SER B . n 
B 1 51 GLU 51 51 51 GLU GLU B . n 
B 1 52 LEU 52 52 52 LEU LEU B . n 
B 1 53 GLU 53 53 53 GLU GLU B . n 
B 1 54 ALA 54 54 54 ALA ALA B . n 
B 1 55 VAL 55 55 55 VAL VAL B . n 
B 1 56 LYS 56 56 56 LYS LYS B . n 
B 1 57 PRO 57 57 ?  ?   ?   B . n 
B 1 58 ILE 58 58 ?  ?   ?   B . n 
B 1 59 LEU 59 59 ?  ?   ?   B . n 
B 1 60 GLU 60 60 ?  ?   ?   B . n 
B 1 61 HIS 61 61 ?  ?   ?   B . n 
B 1 62 HIS 62 62 ?  ?   ?   B . n 
B 1 63 HIS 63 63 ?  ?   ?   B . n 
B 1 64 HIS 64 64 ?  ?   ?   B . n 
B 1 65 HIS 65 65 ?  ?   ?   B . n 
B 1 66 HIS 66 66 ?  ?   ?   B . n 
# 
_pdbx_SG_project.id                    1 
_pdbx_SG_project.project_name          'PSI, Protein Structure Initiative' 
_pdbx_SG_project.full_name_of_center   'Northeast Structural Genomics Consortium' 
_pdbx_SG_project.initial_of_center     NESG 
# 
loop_
_pdbx_nonpoly_scheme.asym_id 
_pdbx_nonpoly_scheme.entity_id 
_pdbx_nonpoly_scheme.mon_id 
_pdbx_nonpoly_scheme.ndb_seq_num 
_pdbx_nonpoly_scheme.pdb_seq_num 
_pdbx_nonpoly_scheme.auth_seq_num 
_pdbx_nonpoly_scheme.pdb_mon_id 
_pdbx_nonpoly_scheme.auth_mon_id 
_pdbx_nonpoly_scheme.pdb_strand_id 
_pdbx_nonpoly_scheme.pdb_ins_code 
C 2 HOH 1  104 104 HOH WAT A . 
C 2 HOH 2  105 105 HOH WAT A . 
C 2 HOH 3  108 108 HOH WAT A . 
C 2 HOH 4  109 109 HOH WAT A . 
C 2 HOH 5  110 110 HOH WAT A . 
C 2 HOH 6  111 111 HOH WAT A . 
C 2 HOH 7  112 112 HOH WAT A . 
C 2 HOH 8  113 113 HOH WAT A . 
C 2 HOH 9  116 116 HOH WAT A . 
C 2 HOH 10 117 117 HOH WAT A . 
C 2 HOH 11 118 118 HOH WAT A . 
C 2 HOH 12 122 122 HOH WAT A . 
C 2 HOH 13 124 124 HOH WAT A . 
C 2 HOH 14 129 129 HOH WAT A . 
C 2 HOH 15 132 132 HOH WAT A . 
C 2 HOH 16 133 133 HOH WAT A . 
C 2 HOH 17 135 135 HOH WAT A . 
C 2 HOH 18 136 136 HOH WAT A . 
C 2 HOH 19 139 139 HOH WAT A . 
C 2 HOH 20 144 144 HOH WAT A . 
C 2 HOH 21 152 152 HOH WAT A . 
C 2 HOH 22 153 153 HOH WAT A . 
C 2 HOH 23 157 157 HOH WAT A . 
C 2 HOH 24 159 159 HOH WAT A . 
C 2 HOH 25 161 161 HOH WAT A . 
C 2 HOH 26 163 163 HOH WAT A . 
C 2 HOH 27 168 168 HOH WAT A . 
C 2 HOH 28 171 171 HOH WAT A . 
C 2 HOH 29 173 173 HOH WAT A . 
C 2 HOH 30 175 175 HOH WAT A . 
C 2 HOH 31 176 176 HOH WAT A . 
C 2 HOH 32 181 181 HOH WAT A . 
C 2 HOH 33 183 183 HOH WAT A . 
C 2 HOH 34 184 184 HOH WAT A . 
C 2 HOH 35 186 186 HOH WAT A . 
C 2 HOH 36 187 187 HOH WAT A . 
C 2 HOH 37 188 188 HOH WAT A . 
C 2 HOH 38 190 190 HOH WAT A . 
C 2 HOH 39 191 191 HOH WAT A . 
C 2 HOH 40 192 192 HOH WAT A . 
C 2 HOH 41 193 193 HOH WAT A . 
C 2 HOH 42 201 201 HOH WAT A . 
C 2 HOH 43 205 205 HOH WAT A . 
C 2 HOH 44 207 207 HOH WAT A . 
C 2 HOH 45 209 209 HOH WAT A . 
C 2 HOH 46 210 210 HOH WAT A . 
C 2 HOH 47 211 211 HOH WAT A . 
C 2 HOH 48 212 212 HOH WAT A . 
C 2 HOH 49 213 213 HOH WAT A . 
C 2 HOH 50 214 214 HOH WAT A . 
C 2 HOH 51 215 215 HOH WAT A . 
C 2 HOH 52 218 218 HOH WAT A . 
C 2 HOH 53 220 220 HOH WAT A . 
C 2 HOH 54 221 221 HOH WAT A . 
C 2 HOH 55 222 222 HOH WAT A . 
C 2 HOH 56 224 224 HOH WAT A . 
C 2 HOH 57 226 226 HOH WAT A . 
C 2 HOH 58 228 228 HOH WAT A . 
C 2 HOH 59 233 233 HOH WAT A . 
C 2 HOH 60 234 234 HOH WAT A . 
C 2 HOH 61 236 236 HOH WAT A . 
C 2 HOH 62 238 238 HOH WAT A . 
C 2 HOH 63 240 240 HOH WAT A . 
C 2 HOH 64 243 243 HOH WAT A . 
C 2 HOH 65 244 244 HOH WAT A . 
C 2 HOH 66 246 246 HOH WAT A . 
C 2 HOH 67 249 249 HOH WAT A . 
C 2 HOH 68 252 252 HOH WAT A . 
C 2 HOH 69 254 254 HOH WAT A . 
C 2 HOH 70 255 255 HOH WAT A . 
C 2 HOH 71 256 256 HOH WAT A . 
C 2 HOH 72 259 259 HOH WAT A . 
D 2 HOH 1  101 101 HOH WAT B . 
D 2 HOH 2  102 102 HOH WAT B . 
D 2 HOH 3  103 103 HOH WAT B . 
D 2 HOH 4  106 106 HOH WAT B . 
D 2 HOH 5  107 107 HOH WAT B . 
D 2 HOH 6  114 114 HOH WAT B . 
D 2 HOH 7  115 115 HOH WAT B . 
D 2 HOH 8  119 119 HOH WAT B . 
D 2 HOH 9  120 120 HOH WAT B . 
D 2 HOH 10 121 121 HOH WAT B . 
D 2 HOH 11 123 123 HOH WAT B . 
D 2 HOH 12 125 125 HOH WAT B . 
D 2 HOH 13 126 126 HOH WAT B . 
D 2 HOH 14 127 127 HOH WAT B . 
D 2 HOH 15 128 128 HOH WAT B . 
D 2 HOH 16 130 130 HOH WAT B . 
D 2 HOH 17 131 131 HOH WAT B . 
D 2 HOH 18 134 134 HOH WAT B . 
D 2 HOH 19 137 137 HOH WAT B . 
D 2 HOH 20 138 138 HOH WAT B . 
D 2 HOH 21 140 140 HOH WAT B . 
D 2 HOH 22 141 141 HOH WAT B . 
D 2 HOH 23 142 142 HOH WAT B . 
D 2 HOH 24 143 143 HOH WAT B . 
D 2 HOH 25 145 145 HOH WAT B . 
D 2 HOH 26 146 146 HOH WAT B . 
D 2 HOH 27 147 147 HOH WAT B . 
D 2 HOH 28 148 148 HOH WAT B . 
D 2 HOH 29 150 150 HOH WAT B . 
D 2 HOH 30 151 151 HOH WAT B . 
D 2 HOH 31 154 154 HOH WAT B . 
D 2 HOH 32 155 155 HOH WAT B . 
D 2 HOH 33 156 156 HOH WAT B . 
D 2 HOH 34 158 158 HOH WAT B . 
D 2 HOH 35 160 160 HOH WAT B . 
D 2 HOH 36 162 162 HOH WAT B . 
D 2 HOH 37 165 165 HOH WAT B . 
D 2 HOH 38 166 166 HOH WAT B . 
D 2 HOH 39 169 169 HOH WAT B . 
D 2 HOH 40 170 170 HOH WAT B . 
D 2 HOH 41 172 172 HOH WAT B . 
D 2 HOH 42 177 177 HOH WAT B . 
D 2 HOH 43 178 178 HOH WAT B . 
D 2 HOH 44 179 179 HOH WAT B . 
D 2 HOH 45 180 180 HOH WAT B . 
D 2 HOH 46 182 182 HOH WAT B . 
D 2 HOH 47 185 185 HOH WAT B . 
D 2 HOH 48 189 189 HOH WAT B . 
D 2 HOH 49 195 195 HOH WAT B . 
D 2 HOH 50 196 196 HOH WAT B . 
D 2 HOH 51 198 198 HOH WAT B . 
D 2 HOH 52 199 199 HOH WAT B . 
D 2 HOH 53 200 200 HOH WAT B . 
D 2 HOH 54 202 202 HOH WAT B . 
D 2 HOH 55 203 203 HOH WAT B . 
D 2 HOH 56 204 204 HOH WAT B . 
D 2 HOH 57 206 206 HOH WAT B . 
D 2 HOH 58 208 208 HOH WAT B . 
D 2 HOH 59 216 216 HOH WAT B . 
D 2 HOH 60 217 217 HOH WAT B . 
D 2 HOH 61 219 219 HOH WAT B . 
D 2 HOH 62 223 223 HOH WAT B . 
D 2 HOH 63 225 225 HOH WAT B . 
D 2 HOH 64 227 227 HOH WAT B . 
D 2 HOH 65 229 229 HOH WAT B . 
D 2 HOH 66 230 230 HOH WAT B . 
D 2 HOH 67 231 231 HOH WAT B . 
D 2 HOH 68 232 232 HOH WAT B . 
D 2 HOH 69 235 235 HOH WAT B . 
D 2 HOH 70 237 237 HOH WAT B . 
D 2 HOH 71 242 242 HOH WAT B . 
D 2 HOH 72 245 245 HOH WAT B . 
D 2 HOH 73 250 250 HOH WAT B . 
D 2 HOH 74 251 251 HOH WAT B . 
D 2 HOH 75 253 253 HOH WAT B . 
D 2 HOH 76 258 258 HOH WAT B . 
D 2 HOH 77 260 260 HOH WAT B . 
# 
loop_
_pdbx_struct_assembly.id 
_pdbx_struct_assembly.details 
_pdbx_struct_assembly.method_details 
_pdbx_struct_assembly.oligomeric_details 
_pdbx_struct_assembly.oligomeric_count 
1 author_and_software_defined_assembly PISA monomeric 1 
2 author_and_software_defined_assembly PISA monomeric 1 
# 
loop_
_pdbx_struct_assembly_gen.assembly_id 
_pdbx_struct_assembly_gen.oper_expression 
_pdbx_struct_assembly_gen.asym_id_list 
1 1 A,C 
2 1 B,D 
# 
_pdbx_struct_oper_list.id                   1 
_pdbx_struct_oper_list.type                 'identity operation' 
_pdbx_struct_oper_list.name                 1_555 
_pdbx_struct_oper_list.symmetry_operation   x,y,z 
_pdbx_struct_oper_list.matrix[1][1]         1.0000000000 
_pdbx_struct_oper_list.matrix[1][2]         0.0000000000 
_pdbx_struct_oper_list.matrix[1][3]         0.0000000000 
_pdbx_struct_oper_list.vector[1]            0.0000000000 
_pdbx_struct_oper_list.matrix[2][1]         0.0000000000 
_pdbx_struct_oper_list.matrix[2][2]         1.0000000000 
_pdbx_struct_oper_list.matrix[2][3]         0.0000000000 
_pdbx_struct_oper_list.vector[2]            0.0000000000 
_pdbx_struct_oper_list.matrix[3][1]         0.0000000000 
_pdbx_struct_oper_list.matrix[3][2]         0.0000000000 
_pdbx_struct_oper_list.matrix[3][3]         1.0000000000 
_pdbx_struct_oper_list.vector[3]            0.0000000000 
# 
loop_
_pdbx_audit_revision_history.ordinal 
_pdbx_audit_revision_history.data_content_type 
_pdbx_audit_revision_history.major_revision 
_pdbx_audit_revision_history.minor_revision 
_pdbx_audit_revision_history.revision_date 
1 'Structure model' 1 0 2008-02-12 
2 'Structure model' 1 1 2011-07-13 
3 'Structure model' 1 2 2017-10-25 
4 'Structure model' 1 3 2023-08-30 
# 
_pdbx_audit_revision_details.ordinal             1 
_pdbx_audit_revision_details.revision_ordinal    1 
_pdbx_audit_revision_details.data_content_type   'Structure model' 
_pdbx_audit_revision_details.provider            repository 
_pdbx_audit_revision_details.type                'Initial release' 
_pdbx_audit_revision_details.description         ? 
_pdbx_audit_revision_details.details             ? 
# 
loop_
_pdbx_audit_revision_group.ordinal 
_pdbx_audit_revision_group.revision_ordinal 
_pdbx_audit_revision_group.data_content_type 
_pdbx_audit_revision_group.group 
1 2 'Structure model' 'Source and taxonomy'        
2 2 'Structure model' 'Version format compliance'  
3 3 'Structure model' 'Author supporting evidence' 
4 4 'Structure model' 'Data collection'            
5 4 'Structure model' 'Database references'        
6 4 'Structure model' 'Refinement description'     
# 
loop_
_pdbx_audit_revision_category.ordinal 
_pdbx_audit_revision_category.revision_ordinal 
_pdbx_audit_revision_category.data_content_type 
_pdbx_audit_revision_category.category 
1 3 'Structure model' pdbx_struct_assembly_auth_evidence 
2 4 'Structure model' chem_comp_atom                     
3 4 'Structure model' chem_comp_bond                     
4 4 'Structure model' database_2                         
5 4 'Structure model' pdbx_initial_refinement_model      
6 4 'Structure model' struct_ref_seq_dif                 
# 
loop_
_pdbx_audit_revision_item.ordinal 
_pdbx_audit_revision_item.revision_ordinal 
_pdbx_audit_revision_item.data_content_type 
_pdbx_audit_revision_item.item 
1 4 'Structure model' '_database_2.pdbx_DOI'                
2 4 'Structure model' '_database_2.pdbx_database_accession' 
3 4 'Structure model' '_struct_ref_seq_dif.details'         
# 
loop_
_software.name 
_software.classification 
_software.version 
_software.citation_id 
_software.pdbx_ordinal 
CNS       refinement        1.1 ? 1 
HKL-2000  'data collection' .   ? 2 
DENZO     'data reduction'  .   ? 3 
SCALEPACK 'data scaling'    .   ? 4 
MOLREP    phasing           .   ? 5 
# 
loop_
_pdbx_validate_torsion.id 
_pdbx_validate_torsion.PDB_model_num 
_pdbx_validate_torsion.auth_comp_id 
_pdbx_validate_torsion.auth_asym_id 
_pdbx_validate_torsion.auth_seq_id 
_pdbx_validate_torsion.PDB_ins_code 
_pdbx_validate_torsion.label_alt_id 
_pdbx_validate_torsion.phi 
_pdbx_validate_torsion.psi 
1 1 ASN A 38 ? ? -166.88 97.16  
2 1 ARG B 19 ? ? 79.64   -6.48  
3 1 ASN B 38 ? ? -162.77 103.08 
# 
loop_
_pdbx_unobs_or_zero_occ_atoms.id 
_pdbx_unobs_or_zero_occ_atoms.PDB_model_num 
_pdbx_unobs_or_zero_occ_atoms.polymer_flag 
_pdbx_unobs_or_zero_occ_atoms.occupancy_flag 
_pdbx_unobs_or_zero_occ_atoms.auth_asym_id 
_pdbx_unobs_or_zero_occ_atoms.auth_comp_id 
_pdbx_unobs_or_zero_occ_atoms.auth_seq_id 
_pdbx_unobs_or_zero_occ_atoms.PDB_ins_code 
_pdbx_unobs_or_zero_occ_atoms.auth_atom_id 
_pdbx_unobs_or_zero_occ_atoms.label_alt_id 
_pdbx_unobs_or_zero_occ_atoms.label_asym_id 
_pdbx_unobs_or_zero_occ_atoms.label_comp_id 
_pdbx_unobs_or_zero_occ_atoms.label_seq_id 
_pdbx_unobs_or_zero_occ_atoms.label_atom_id 
1 1 Y 1 A MET 1 ? CG ? A MET 1 CG 
2 1 Y 1 A MET 1 ? SD ? A MET 1 SD 
3 1 Y 1 A MET 1 ? CE ? A MET 1 CE 
# 
loop_
_pdbx_unobs_or_zero_occ_residues.id 
_pdbx_unobs_or_zero_occ_residues.PDB_model_num 
_pdbx_unobs_or_zero_occ_residues.polymer_flag 
_pdbx_unobs_or_zero_occ_residues.occupancy_flag 
_pdbx_unobs_or_zero_occ_residues.auth_asym_id 
_pdbx_unobs_or_zero_occ_residues.auth_comp_id 
_pdbx_unobs_or_zero_occ_residues.auth_seq_id 
_pdbx_unobs_or_zero_occ_residues.PDB_ins_code 
_pdbx_unobs_or_zero_occ_residues.label_asym_id 
_pdbx_unobs_or_zero_occ_residues.label_comp_id 
_pdbx_unobs_or_zero_occ_residues.label_seq_id 
1  1 Y 1 A ILE 58 ? A ILE 58 
2  1 Y 1 A LEU 59 ? A LEU 59 
3  1 Y 1 A GLU 60 ? A GLU 60 
4  1 Y 1 A HIS 61 ? A HIS 61 
5  1 Y 1 A HIS 62 ? A HIS 62 
6  1 Y 1 A HIS 63 ? A HIS 63 
7  1 Y 1 A HIS 64 ? A HIS 64 
8  1 Y 1 A HIS 65 ? A HIS 65 
9  1 Y 1 A HIS 66 ? A HIS 66 
10 1 Y 1 B MET 1  ? B MET 1  
11 1 Y 1 B PRO 57 ? B PRO 57 
12 1 Y 1 B ILE 58 ? B ILE 58 
13 1 Y 1 B LEU 59 ? B LEU 59 
14 1 Y 1 B GLU 60 ? B GLU 60 
15 1 Y 1 B HIS 61 ? B HIS 61 
16 1 Y 1 B HIS 62 ? B HIS 62 
17 1 Y 1 B HIS 63 ? B HIS 63 
18 1 Y 1 B HIS 64 ? B HIS 64 
19 1 Y 1 B HIS 65 ? B HIS 65 
20 1 Y 1 B HIS 66 ? B HIS 66 
# 
loop_
_chem_comp_atom.comp_id 
_chem_comp_atom.atom_id 
_chem_comp_atom.type_symbol 
_chem_comp_atom.pdbx_aromatic_flag 
_chem_comp_atom.pdbx_stereo_config 
_chem_comp_atom.pdbx_ordinal 
ALA N    N N N 1   
ALA CA   C N S 2   
ALA C    C N N 3   
ALA O    O N N 4   
ALA CB   C N N 5   
ALA OXT  O N N 6   
ALA H    H N N 7   
ALA H2   H N N 8   
ALA HA   H N N 9   
ALA HB1  H N N 10  
ALA HB2  H N N 11  
ALA HB3  H N N 12  
ALA HXT  H N N 13  
ARG N    N N N 14  
ARG CA   C N S 15  
ARG C    C N N 16  
ARG O    O N N 17  
ARG CB   C N N 18  
ARG CG   C N N 19  
ARG CD   C N N 20  
ARG NE   N N N 21  
ARG CZ   C N N 22  
ARG NH1  N N N 23  
ARG NH2  N N N 24  
ARG OXT  O N N 25  
ARG H    H N N 26  
ARG H2   H N N 27  
ARG HA   H N N 28  
ARG HB2  H N N 29  
ARG HB3  H N N 30  
ARG HG2  H N N 31  
ARG HG3  H N N 32  
ARG HD2  H N N 33  
ARG HD3  H N N 34  
ARG HE   H N N 35  
ARG HH11 H N N 36  
ARG HH12 H N N 37  
ARG HH21 H N N 38  
ARG HH22 H N N 39  
ARG HXT  H N N 40  
ASN N    N N N 41  
ASN CA   C N S 42  
ASN C    C N N 43  
ASN O    O N N 44  
ASN CB   C N N 45  
ASN CG   C N N 46  
ASN OD1  O N N 47  
ASN ND2  N N N 48  
ASN OXT  O N N 49  
ASN H    H N N 50  
ASN H2   H N N 51  
ASN HA   H N N 52  
ASN HB2  H N N 53  
ASN HB3  H N N 54  
ASN HD21 H N N 55  
ASN HD22 H N N 56  
ASN HXT  H N N 57  
ASP N    N N N 58  
ASP CA   C N S 59  
ASP C    C N N 60  
ASP O    O N N 61  
ASP CB   C N N 62  
ASP CG   C N N 63  
ASP OD1  O N N 64  
ASP OD2  O N N 65  
ASP OXT  O N N 66  
ASP H    H N N 67  
ASP H2   H N N 68  
ASP HA   H N N 69  
ASP HB2  H N N 70  
ASP HB3  H N N 71  
ASP HD2  H N N 72  
ASP HXT  H N N 73  
GLN N    N N N 74  
GLN CA   C N S 75  
GLN C    C N N 76  
GLN O    O N N 77  
GLN CB   C N N 78  
GLN CG   C N N 79  
GLN CD   C N N 80  
GLN OE1  O N N 81  
GLN NE2  N N N 82  
GLN OXT  O N N 83  
GLN H    H N N 84  
GLN H2   H N N 85  
GLN HA   H N N 86  
GLN HB2  H N N 87  
GLN HB3  H N N 88  
GLN HG2  H N N 89  
GLN HG3  H N N 90  
GLN HE21 H N N 91  
GLN HE22 H N N 92  
GLN HXT  H N N 93  
GLU N    N N N 94  
GLU CA   C N S 95  
GLU C    C N N 96  
GLU O    O N N 97  
GLU CB   C N N 98  
GLU CG   C N N 99  
GLU CD   C N N 100 
GLU OE1  O N N 101 
GLU OE2  O N N 102 
GLU OXT  O N N 103 
GLU H    H N N 104 
GLU H2   H N N 105 
GLU HA   H N N 106 
GLU HB2  H N N 107 
GLU HB3  H N N 108 
GLU HG2  H N N 109 
GLU HG3  H N N 110 
GLU HE2  H N N 111 
GLU HXT  H N N 112 
GLY N    N N N 113 
GLY CA   C N N 114 
GLY C    C N N 115 
GLY O    O N N 116 
GLY OXT  O N N 117 
GLY H    H N N 118 
GLY H2   H N N 119 
GLY HA2  H N N 120 
GLY HA3  H N N 121 
GLY HXT  H N N 122 
HIS N    N N N 123 
HIS CA   C N S 124 
HIS C    C N N 125 
HIS O    O N N 126 
HIS CB   C N N 127 
HIS CG   C Y N 128 
HIS ND1  N Y N 129 
HIS CD2  C Y N 130 
HIS CE1  C Y N 131 
HIS NE2  N Y N 132 
HIS OXT  O N N 133 
HIS H    H N N 134 
HIS H2   H N N 135 
HIS HA   H N N 136 
HIS HB2  H N N 137 
HIS HB3  H N N 138 
HIS HD1  H N N 139 
HIS HD2  H N N 140 
HIS HE1  H N N 141 
HIS HE2  H N N 142 
HIS HXT  H N N 143 
HOH O    O N N 144 
HOH H1   H N N 145 
HOH H2   H N N 146 
ILE N    N N N 147 
ILE CA   C N S 148 
ILE C    C N N 149 
ILE O    O N N 150 
ILE CB   C N S 151 
ILE CG1  C N N 152 
ILE CG2  C N N 153 
ILE CD1  C N N 154 
ILE OXT  O N N 155 
ILE H    H N N 156 
ILE H2   H N N 157 
ILE HA   H N N 158 
ILE HB   H N N 159 
ILE HG12 H N N 160 
ILE HG13 H N N 161 
ILE HG21 H N N 162 
ILE HG22 H N N 163 
ILE HG23 H N N 164 
ILE HD11 H N N 165 
ILE HD12 H N N 166 
ILE HD13 H N N 167 
ILE HXT  H N N 168 
LEU N    N N N 169 
LEU CA   C N S 170 
LEU C    C N N 171 
LEU O    O N N 172 
LEU CB   C N N 173 
LEU CG   C N N 174 
LEU CD1  C N N 175 
LEU CD2  C N N 176 
LEU OXT  O N N 177 
LEU H    H N N 178 
LEU H2   H N N 179 
LEU HA   H N N 180 
LEU HB2  H N N 181 
LEU HB3  H N N 182 
LEU HG   H N N 183 
LEU HD11 H N N 184 
LEU HD12 H N N 185 
LEU HD13 H N N 186 
LEU HD21 H N N 187 
LEU HD22 H N N 188 
LEU HD23 H N N 189 
LEU HXT  H N N 190 
LYS N    N N N 191 
LYS CA   C N S 192 
LYS C    C N N 193 
LYS O    O N N 194 
LYS CB   C N N 195 
LYS CG   C N N 196 
LYS CD   C N N 197 
LYS CE   C N N 198 
LYS NZ   N N N 199 
LYS OXT  O N N 200 
LYS H    H N N 201 
LYS H2   H N N 202 
LYS HA   H N N 203 
LYS HB2  H N N 204 
LYS HB3  H N N 205 
LYS HG2  H N N 206 
LYS HG3  H N N 207 
LYS HD2  H N N 208 
LYS HD3  H N N 209 
LYS HE2  H N N 210 
LYS HE3  H N N 211 
LYS HZ1  H N N 212 
LYS HZ2  H N N 213 
LYS HZ3  H N N 214 
LYS HXT  H N N 215 
MET N    N N N 216 
MET CA   C N S 217 
MET C    C N N 218 
MET O    O N N 219 
MET CB   C N N 220 
MET CG   C N N 221 
MET SD   S N N 222 
MET CE   C N N 223 
MET OXT  O N N 224 
MET H    H N N 225 
MET H2   H N N 226 
MET HA   H N N 227 
MET HB2  H N N 228 
MET HB3  H N N 229 
MET HG2  H N N 230 
MET HG3  H N N 231 
MET HE1  H N N 232 
MET HE2  H N N 233 
MET HE3  H N N 234 
MET HXT  H N N 235 
PHE N    N N N 236 
PHE CA   C N S 237 
PHE C    C N N 238 
PHE O    O N N 239 
PHE CB   C N N 240 
PHE CG   C Y N 241 
PHE CD1  C Y N 242 
PHE CD2  C Y N 243 
PHE CE1  C Y N 244 
PHE CE2  C Y N 245 
PHE CZ   C Y N 246 
PHE OXT  O N N 247 
PHE H    H N N 248 
PHE H2   H N N 249 
PHE HA   H N N 250 
PHE HB2  H N N 251 
PHE HB3  H N N 252 
PHE HD1  H N N 253 
PHE HD2  H N N 254 
PHE HE1  H N N 255 
PHE HE2  H N N 256 
PHE HZ   H N N 257 
PHE HXT  H N N 258 
PRO N    N N N 259 
PRO CA   C N S 260 
PRO C    C N N 261 
PRO O    O N N 262 
PRO CB   C N N 263 
PRO CG   C N N 264 
PRO CD   C N N 265 
PRO OXT  O N N 266 
PRO H    H N N 267 
PRO HA   H N N 268 
PRO HB2  H N N 269 
PRO HB3  H N N 270 
PRO HG2  H N N 271 
PRO HG3  H N N 272 
PRO HD2  H N N 273 
PRO HD3  H N N 274 
PRO HXT  H N N 275 
SER N    N N N 276 
SER CA   C N S 277 
SER C    C N N 278 
SER O    O N N 279 
SER CB   C N N 280 
SER OG   O N N 281 
SER OXT  O N N 282 
SER H    H N N 283 
SER H2   H N N 284 
SER HA   H N N 285 
SER HB2  H N N 286 
SER HB3  H N N 287 
SER HG   H N N 288 
SER HXT  H N N 289 
THR N    N N N 290 
THR CA   C N S 291 
THR C    C N N 292 
THR O    O N N 293 
THR CB   C N R 294 
THR OG1  O N N 295 
THR CG2  C N N 296 
THR OXT  O N N 297 
THR H    H N N 298 
THR H2   H N N 299 
THR HA   H N N 300 
THR HB   H N N 301 
THR HG1  H N N 302 
THR HG21 H N N 303 
THR HG22 H N N 304 
THR HG23 H N N 305 
THR HXT  H N N 306 
TRP N    N N N 307 
TRP CA   C N S 308 
TRP C    C N N 309 
TRP O    O N N 310 
TRP CB   C N N 311 
TRP CG   C Y N 312 
TRP CD1  C Y N 313 
TRP CD2  C Y N 314 
TRP NE1  N Y N 315 
TRP CE2  C Y N 316 
TRP CE3  C Y N 317 
TRP CZ2  C Y N 318 
TRP CZ3  C Y N 319 
TRP CH2  C Y N 320 
TRP OXT  O N N 321 
TRP H    H N N 322 
TRP H2   H N N 323 
TRP HA   H N N 324 
TRP HB2  H N N 325 
TRP HB3  H N N 326 
TRP HD1  H N N 327 
TRP HE1  H N N 328 
TRP HE3  H N N 329 
TRP HZ2  H N N 330 
TRP HZ3  H N N 331 
TRP HH2  H N N 332 
TRP HXT  H N N 333 
TYR N    N N N 334 
TYR CA   C N S 335 
TYR C    C N N 336 
TYR O    O N N 337 
TYR CB   C N N 338 
TYR CG   C Y N 339 
TYR CD1  C Y N 340 
TYR CD2  C Y N 341 
TYR CE1  C Y N 342 
TYR CE2  C Y N 343 
TYR CZ   C Y N 344 
TYR OH   O N N 345 
TYR OXT  O N N 346 
TYR H    H N N 347 
TYR H2   H N N 348 
TYR HA   H N N 349 
TYR HB2  H N N 350 
TYR HB3  H N N 351 
TYR HD1  H N N 352 
TYR HD2  H N N 353 
TYR HE1  H N N 354 
TYR HE2  H N N 355 
TYR HH   H N N 356 
TYR HXT  H N N 357 
VAL N    N N N 358 
VAL CA   C N S 359 
VAL C    C N N 360 
VAL O    O N N 361 
VAL CB   C N N 362 
VAL CG1  C N N 363 
VAL CG2  C N N 364 
VAL OXT  O N N 365 
VAL H    H N N 366 
VAL H2   H N N 367 
VAL HA   H N N 368 
VAL HB   H N N 369 
VAL HG11 H N N 370 
VAL HG12 H N N 371 
VAL HG13 H N N 372 
VAL HG21 H N N 373 
VAL HG22 H N N 374 
VAL HG23 H N N 375 
VAL HXT  H N N 376 
# 
loop_
_chem_comp_bond.comp_id 
_chem_comp_bond.atom_id_1 
_chem_comp_bond.atom_id_2 
_chem_comp_bond.value_order 
_chem_comp_bond.pdbx_aromatic_flag 
_chem_comp_bond.pdbx_stereo_config 
_chem_comp_bond.pdbx_ordinal 
ALA N   CA   sing N N 1   
ALA N   H    sing N N 2   
ALA N   H2   sing N N 3   
ALA CA  C    sing N N 4   
ALA CA  CB   sing N N 5   
ALA CA  HA   sing N N 6   
ALA C   O    doub N N 7   
ALA C   OXT  sing N N 8   
ALA CB  HB1  sing N N 9   
ALA CB  HB2  sing N N 10  
ALA CB  HB3  sing N N 11  
ALA OXT HXT  sing N N 12  
ARG N   CA   sing N N 13  
ARG N   H    sing N N 14  
ARG N   H2   sing N N 15  
ARG CA  C    sing N N 16  
ARG CA  CB   sing N N 17  
ARG CA  HA   sing N N 18  
ARG C   O    doub N N 19  
ARG C   OXT  sing N N 20  
ARG CB  CG   sing N N 21  
ARG CB  HB2  sing N N 22  
ARG CB  HB3  sing N N 23  
ARG CG  CD   sing N N 24  
ARG CG  HG2  sing N N 25  
ARG CG  HG3  sing N N 26  
ARG CD  NE   sing N N 27  
ARG CD  HD2  sing N N 28  
ARG CD  HD3  sing N N 29  
ARG NE  CZ   sing N N 30  
ARG NE  HE   sing N N 31  
ARG CZ  NH1  sing N N 32  
ARG CZ  NH2  doub N N 33  
ARG NH1 HH11 sing N N 34  
ARG NH1 HH12 sing N N 35  
ARG NH2 HH21 sing N N 36  
ARG NH2 HH22 sing N N 37  
ARG OXT HXT  sing N N 38  
ASN N   CA   sing N N 39  
ASN N   H    sing N N 40  
ASN N   H2   sing N N 41  
ASN CA  C    sing N N 42  
ASN CA  CB   sing N N 43  
ASN CA  HA   sing N N 44  
ASN C   O    doub N N 45  
ASN C   OXT  sing N N 46  
ASN CB  CG   sing N N 47  
ASN CB  HB2  sing N N 48  
ASN CB  HB3  sing N N 49  
ASN CG  OD1  doub N N 50  
ASN CG  ND2  sing N N 51  
ASN ND2 HD21 sing N N 52  
ASN ND2 HD22 sing N N 53  
ASN OXT HXT  sing N N 54  
ASP N   CA   sing N N 55  
ASP N   H    sing N N 56  
ASP N   H2   sing N N 57  
ASP CA  C    sing N N 58  
ASP CA  CB   sing N N 59  
ASP CA  HA   sing N N 60  
ASP C   O    doub N N 61  
ASP C   OXT  sing N N 62  
ASP CB  CG   sing N N 63  
ASP CB  HB2  sing N N 64  
ASP CB  HB3  sing N N 65  
ASP CG  OD1  doub N N 66  
ASP CG  OD2  sing N N 67  
ASP OD2 HD2  sing N N 68  
ASP OXT HXT  sing N N 69  
GLN N   CA   sing N N 70  
GLN N   H    sing N N 71  
GLN N   H2   sing N N 72  
GLN CA  C    sing N N 73  
GLN CA  CB   sing N N 74  
GLN CA  HA   sing N N 75  
GLN C   O    doub N N 76  
GLN C   OXT  sing N N 77  
GLN CB  CG   sing N N 78  
GLN CB  HB2  sing N N 79  
GLN CB  HB3  sing N N 80  
GLN CG  CD   sing N N 81  
GLN CG  HG2  sing N N 82  
GLN CG  HG3  sing N N 83  
GLN CD  OE1  doub N N 84  
GLN CD  NE2  sing N N 85  
GLN NE2 HE21 sing N N 86  
GLN NE2 HE22 sing N N 87  
GLN OXT HXT  sing N N 88  
GLU N   CA   sing N N 89  
GLU N   H    sing N N 90  
GLU N   H2   sing N N 91  
GLU CA  C    sing N N 92  
GLU CA  CB   sing N N 93  
GLU CA  HA   sing N N 94  
GLU C   O    doub N N 95  
GLU C   OXT  sing N N 96  
GLU CB  CG   sing N N 97  
GLU CB  HB2  sing N N 98  
GLU CB  HB3  sing N N 99  
GLU CG  CD   sing N N 100 
GLU CG  HG2  sing N N 101 
GLU CG  HG3  sing N N 102 
GLU CD  OE1  doub N N 103 
GLU CD  OE2  sing N N 104 
GLU OE2 HE2  sing N N 105 
GLU OXT HXT  sing N N 106 
GLY N   CA   sing N N 107 
GLY N   H    sing N N 108 
GLY N   H2   sing N N 109 
GLY CA  C    sing N N 110 
GLY CA  HA2  sing N N 111 
GLY CA  HA3  sing N N 112 
GLY C   O    doub N N 113 
GLY C   OXT  sing N N 114 
GLY OXT HXT  sing N N 115 
HIS N   CA   sing N N 116 
HIS N   H    sing N N 117 
HIS N   H2   sing N N 118 
HIS CA  C    sing N N 119 
HIS CA  CB   sing N N 120 
HIS CA  HA   sing N N 121 
HIS C   O    doub N N 122 
HIS C   OXT  sing N N 123 
HIS CB  CG   sing N N 124 
HIS CB  HB2  sing N N 125 
HIS CB  HB3  sing N N 126 
HIS CG  ND1  sing Y N 127 
HIS CG  CD2  doub Y N 128 
HIS ND1 CE1  doub Y N 129 
HIS ND1 HD1  sing N N 130 
HIS CD2 NE2  sing Y N 131 
HIS CD2 HD2  sing N N 132 
HIS CE1 NE2  sing Y N 133 
HIS CE1 HE1  sing N N 134 
HIS NE2 HE2  sing N N 135 
HIS OXT HXT  sing N N 136 
HOH O   H1   sing N N 137 
HOH O   H2   sing N N 138 
ILE N   CA   sing N N 139 
ILE N   H    sing N N 140 
ILE N   H2   sing N N 141 
ILE CA  C    sing N N 142 
ILE CA  CB   sing N N 143 
ILE CA  HA   sing N N 144 
ILE C   O    doub N N 145 
ILE C   OXT  sing N N 146 
ILE CB  CG1  sing N N 147 
ILE CB  CG2  sing N N 148 
ILE CB  HB   sing N N 149 
ILE CG1 CD1  sing N N 150 
ILE CG1 HG12 sing N N 151 
ILE CG1 HG13 sing N N 152 
ILE CG2 HG21 sing N N 153 
ILE CG2 HG22 sing N N 154 
ILE CG2 HG23 sing N N 155 
ILE CD1 HD11 sing N N 156 
ILE CD1 HD12 sing N N 157 
ILE CD1 HD13 sing N N 158 
ILE OXT HXT  sing N N 159 
LEU N   CA   sing N N 160 
LEU N   H    sing N N 161 
LEU N   H2   sing N N 162 
LEU CA  C    sing N N 163 
LEU CA  CB   sing N N 164 
LEU CA  HA   sing N N 165 
LEU C   O    doub N N 166 
LEU C   OXT  sing N N 167 
LEU CB  CG   sing N N 168 
LEU CB  HB2  sing N N 169 
LEU CB  HB3  sing N N 170 
LEU CG  CD1  sing N N 171 
LEU CG  CD2  sing N N 172 
LEU CG  HG   sing N N 173 
LEU CD1 HD11 sing N N 174 
LEU CD1 HD12 sing N N 175 
LEU CD1 HD13 sing N N 176 
LEU CD2 HD21 sing N N 177 
LEU CD2 HD22 sing N N 178 
LEU CD2 HD23 sing N N 179 
LEU OXT HXT  sing N N 180 
LYS N   CA   sing N N 181 
LYS N   H    sing N N 182 
LYS N   H2   sing N N 183 
LYS CA  C    sing N N 184 
LYS CA  CB   sing N N 185 
LYS CA  HA   sing N N 186 
LYS C   O    doub N N 187 
LYS C   OXT  sing N N 188 
LYS CB  CG   sing N N 189 
LYS CB  HB2  sing N N 190 
LYS CB  HB3  sing N N 191 
LYS CG  CD   sing N N 192 
LYS CG  HG2  sing N N 193 
LYS CG  HG3  sing N N 194 
LYS CD  CE   sing N N 195 
LYS CD  HD2  sing N N 196 
LYS CD  HD3  sing N N 197 
LYS CE  NZ   sing N N 198 
LYS CE  HE2  sing N N 199 
LYS CE  HE3  sing N N 200 
LYS NZ  HZ1  sing N N 201 
LYS NZ  HZ2  sing N N 202 
LYS NZ  HZ3  sing N N 203 
LYS OXT HXT  sing N N 204 
MET N   CA   sing N N 205 
MET N   H    sing N N 206 
MET N   H2   sing N N 207 
MET CA  C    sing N N 208 
MET CA  CB   sing N N 209 
MET CA  HA   sing N N 210 
MET C   O    doub N N 211 
MET C   OXT  sing N N 212 
MET CB  CG   sing N N 213 
MET CB  HB2  sing N N 214 
MET CB  HB3  sing N N 215 
MET CG  SD   sing N N 216 
MET CG  HG2  sing N N 217 
MET CG  HG3  sing N N 218 
MET SD  CE   sing N N 219 
MET CE  HE1  sing N N 220 
MET CE  HE2  sing N N 221 
MET CE  HE3  sing N N 222 
MET OXT HXT  sing N N 223 
PHE N   CA   sing N N 224 
PHE N   H    sing N N 225 
PHE N   H2   sing N N 226 
PHE CA  C    sing N N 227 
PHE CA  CB   sing N N 228 
PHE CA  HA   sing N N 229 
PHE C   O    doub N N 230 
PHE C   OXT  sing N N 231 
PHE CB  CG   sing N N 232 
PHE CB  HB2  sing N N 233 
PHE CB  HB3  sing N N 234 
PHE CG  CD1  doub Y N 235 
PHE CG  CD2  sing Y N 236 
PHE CD1 CE1  sing Y N 237 
PHE CD1 HD1  sing N N 238 
PHE CD2 CE2  doub Y N 239 
PHE CD2 HD2  sing N N 240 
PHE CE1 CZ   doub Y N 241 
PHE CE1 HE1  sing N N 242 
PHE CE2 CZ   sing Y N 243 
PHE CE2 HE2  sing N N 244 
PHE CZ  HZ   sing N N 245 
PHE OXT HXT  sing N N 246 
PRO N   CA   sing N N 247 
PRO N   CD   sing N N 248 
PRO N   H    sing N N 249 
PRO CA  C    sing N N 250 
PRO CA  CB   sing N N 251 
PRO CA  HA   sing N N 252 
PRO C   O    doub N N 253 
PRO C   OXT  sing N N 254 
PRO CB  CG   sing N N 255 
PRO CB  HB2  sing N N 256 
PRO CB  HB3  sing N N 257 
PRO CG  CD   sing N N 258 
PRO CG  HG2  sing N N 259 
PRO CG  HG3  sing N N 260 
PRO CD  HD2  sing N N 261 
PRO CD  HD3  sing N N 262 
PRO OXT HXT  sing N N 263 
SER N   CA   sing N N 264 
SER N   H    sing N N 265 
SER N   H2   sing N N 266 
SER CA  C    sing N N 267 
SER CA  CB   sing N N 268 
SER CA  HA   sing N N 269 
SER C   O    doub N N 270 
SER C   OXT  sing N N 271 
SER CB  OG   sing N N 272 
SER CB  HB2  sing N N 273 
SER CB  HB3  sing N N 274 
SER OG  HG   sing N N 275 
SER OXT HXT  sing N N 276 
THR N   CA   sing N N 277 
THR N   H    sing N N 278 
THR N   H2   sing N N 279 
THR CA  C    sing N N 280 
THR CA  CB   sing N N 281 
THR CA  HA   sing N N 282 
THR C   O    doub N N 283 
THR C   OXT  sing N N 284 
THR CB  OG1  sing N N 285 
THR CB  CG2  sing N N 286 
THR CB  HB   sing N N 287 
THR OG1 HG1  sing N N 288 
THR CG2 HG21 sing N N 289 
THR CG2 HG22 sing N N 290 
THR CG2 HG23 sing N N 291 
THR OXT HXT  sing N N 292 
TRP N   CA   sing N N 293 
TRP N   H    sing N N 294 
TRP N   H2   sing N N 295 
TRP CA  C    sing N N 296 
TRP CA  CB   sing N N 297 
TRP CA  HA   sing N N 298 
TRP C   O    doub N N 299 
TRP C   OXT  sing N N 300 
TRP CB  CG   sing N N 301 
TRP CB  HB2  sing N N 302 
TRP CB  HB3  sing N N 303 
TRP CG  CD1  doub Y N 304 
TRP CG  CD2  sing Y N 305 
TRP CD1 NE1  sing Y N 306 
TRP CD1 HD1  sing N N 307 
TRP CD2 CE2  doub Y N 308 
TRP CD2 CE3  sing Y N 309 
TRP NE1 CE2  sing Y N 310 
TRP NE1 HE1  sing N N 311 
TRP CE2 CZ2  sing Y N 312 
TRP CE3 CZ3  doub Y N 313 
TRP CE3 HE3  sing N N 314 
TRP CZ2 CH2  doub Y N 315 
TRP CZ2 HZ2  sing N N 316 
TRP CZ3 CH2  sing Y N 317 
TRP CZ3 HZ3  sing N N 318 
TRP CH2 HH2  sing N N 319 
TRP OXT HXT  sing N N 320 
TYR N   CA   sing N N 321 
TYR N   H    sing N N 322 
TYR N   H2   sing N N 323 
TYR CA  C    sing N N 324 
TYR CA  CB   sing N N 325 
TYR CA  HA   sing N N 326 
TYR C   O    doub N N 327 
TYR C   OXT  sing N N 328 
TYR CB  CG   sing N N 329 
TYR CB  HB2  sing N N 330 
TYR CB  HB3  sing N N 331 
TYR CG  CD1  doub Y N 332 
TYR CG  CD2  sing Y N 333 
TYR CD1 CE1  sing Y N 334 
TYR CD1 HD1  sing N N 335 
TYR CD2 CE2  doub Y N 336 
TYR CD2 HD2  sing N N 337 
TYR CE1 CZ   doub Y N 338 
TYR CE1 HE1  sing N N 339 
TYR CE2 CZ   sing Y N 340 
TYR CE2 HE2  sing N N 341 
TYR CZ  OH   sing N N 342 
TYR OH  HH   sing N N 343 
TYR OXT HXT  sing N N 344 
VAL N   CA   sing N N 345 
VAL N   H    sing N N 346 
VAL N   H2   sing N N 347 
VAL CA  C    sing N N 348 
VAL CA  CB   sing N N 349 
VAL CA  HA   sing N N 350 
VAL C   O    doub N N 351 
VAL C   OXT  sing N N 352 
VAL CB  CG1  sing N N 353 
VAL CB  CG2  sing N N 354 
VAL CB  HB   sing N N 355 
VAL CG1 HG11 sing N N 356 
VAL CG1 HG12 sing N N 357 
VAL CG1 HG13 sing N N 358 
VAL CG2 HG21 sing N N 359 
VAL CG2 HG22 sing N N 360 
VAL CG2 HG23 sing N N 361 
VAL OXT HXT  sing N N 362 
# 
_pdbx_entity_nonpoly.entity_id   2 
_pdbx_entity_nonpoly.name        water 
_pdbx_entity_nonpoly.comp_id     HOH 
# 
_pdbx_initial_refinement_model.id               1 
_pdbx_initial_refinement_model.entity_id_list   ? 
_pdbx_initial_refinement_model.type             'experimental model' 
_pdbx_initial_refinement_model.source_name      PDB 
_pdbx_initial_refinement_model.accession_code   2JZ2 
_pdbx_initial_refinement_model.details          'PDB entry 2JZ2, chain A' 
# 
loop_
_pdbx_struct_assembly_auth_evidence.id 
_pdbx_struct_assembly_auth_evidence.assembly_id 
_pdbx_struct_assembly_auth_evidence.experimental_support 
_pdbx_struct_assembly_auth_evidence.details 
1 1 'assay for oligomerization' ? 
2 2 'assay for oligomerization' ? 
# 
